data_9FRB
#
_entry.id   9FRB
#
_cell.length_a   1.00
_cell.length_b   1.00
_cell.length_c   1.00
_cell.angle_alpha   90.00
_cell.angle_beta   90.00
_cell.angle_gamma   90.00
#
_symmetry.space_group_name_H-M   'P 1'
#
loop_
_entity.id
_entity.type
_entity.pdbx_description
1 polymer 'Gamma-aminobutyric acid receptor subunit rho-1'
2 non-polymer CGP-36742
3 non-polymer 2-acetamido-2-deoxy-beta-D-glucopyranose
4 non-polymer HEXANE
5 non-polymer N-OCTANE
6 non-polymer DODECANE
7 non-polymer DECANE
8 non-polymer 'CHLORIDE ION'
9 water water
#
_entity_poly.entity_id   1
_entity_poly.type   'polypeptide(L)'
_entity_poly.pdbx_seq_one_letter_code
;MLAVPNMRFGIFLLWWGWVLATESRMHWPGREVHEMSKKGRPQRQRREVHEDAHKQVSPILRRSPDITKSPLTKSEQLLR
IDDHDFSMRPGFGGPAIPVGVDVQVESLDSISEVDMDFTMTLYLRHYWKDERLSFPSTNNLSMTFDGRLVKKIWVPDMFF
VHSKRSFIHDTTTDNVMLRVQPDGKVLYSLRVTVTAMCNMDFSRFPLDTQTCSLEIESYAYTEDDLMLYWKKGNDSLKTD
ERISLSQFLIQEFHTTTKLAFYSSTGWYNRLYINFTLRRHIFFFLLQTYFPATLMVMLSWVSFWIDRRAVPARVPLGITT
VLTMSTIITGVNASMPRVSYIKAVDIYLWVSFVFVFLSVLEYAAVNYLTTVQERKEQKLREKLPCTSGLPPPRTAMLDGN
YSDGEVNDLDNYMPENGEKPDRMMVQLTLASERSSPQRKSQRSSYVSMRIDTHAIDKYSRIIFPAAYILFNLIYWSIFS
;
_entity_poly.pdbx_strand_id   A,B,C,D,E
#
loop_
_chem_comp.id
_chem_comp.type
_chem_comp.name
_chem_comp.formula
A1IFA non-polymer CGP-36742 'C7 H18 N O2 P'
CL non-polymer 'CHLORIDE ION' 'Cl -1'
D10 non-polymer DECANE 'C10 H22'
D12 non-polymer DODECANE 'C12 H26'
HEX non-polymer HEXANE 'C6 H14'
NAG D-saccharide, beta linking 2-acetamido-2-deoxy-beta-D-glucopyranose 'C8 H15 N O6'
OCT non-polymer N-OCTANE 'C8 H18'
#
# COMPACT_ATOMS: atom_id res chain seq x y z
N LYS A 74 2.19 -11.51 51.78
CA LYS A 74 2.65 -11.41 50.40
C LYS A 74 2.93 -12.79 49.83
N SER A 75 2.34 -13.09 48.67
CA SER A 75 2.52 -14.40 48.05
C SER A 75 3.94 -14.61 47.56
N GLU A 76 4.64 -13.53 47.19
CA GLU A 76 6.01 -13.64 46.72
C GLU A 76 6.99 -13.94 47.83
N GLN A 77 6.56 -13.92 49.09
CA GLN A 77 7.39 -14.34 50.21
C GLN A 77 7.23 -15.83 50.53
N LEU A 78 6.21 -16.48 49.98
CA LEU A 78 6.12 -17.92 50.11
C LEU A 78 7.18 -18.61 49.27
N LEU A 79 7.54 -18.02 48.13
CA LEU A 79 8.70 -18.42 47.36
C LEU A 79 9.89 -17.59 47.84
N ARG A 80 10.97 -18.26 48.23
CA ARG A 80 12.15 -17.57 48.75
C ARG A 80 12.90 -16.95 47.58
N ILE A 81 12.34 -15.84 47.08
CA ILE A 81 12.89 -15.22 45.87
C ILE A 81 14.30 -14.70 46.11
N ASP A 82 14.54 -14.07 47.25
CA ASP A 82 15.84 -13.46 47.52
C ASP A 82 16.87 -14.45 48.05
N ASP A 83 16.49 -15.72 48.24
CA ASP A 83 17.40 -16.73 48.75
C ASP A 83 18.07 -17.56 47.66
N HIS A 84 17.84 -17.23 46.39
CA HIS A 84 18.38 -18.02 45.29
C HIS A 84 18.86 -17.11 44.17
N ASP A 85 19.86 -17.57 43.43
CA ASP A 85 20.35 -16.88 42.24
C ASP A 85 19.57 -17.41 41.05
N PHE A 86 18.65 -16.59 40.51
CA PHE A 86 17.83 -16.98 39.38
C PHE A 86 18.43 -16.52 38.05
N SER A 87 19.72 -16.23 38.02
CA SER A 87 20.44 -16.06 36.76
C SER A 87 21.03 -17.36 36.24
N MET A 88 20.99 -18.43 37.01
CA MET A 88 21.44 -19.75 36.56
C MET A 88 20.24 -20.70 36.45
N ARG A 89 20.40 -21.72 35.62
CA ARG A 89 19.35 -22.67 35.32
C ARG A 89 19.16 -23.66 36.46
N PRO A 90 17.98 -24.26 36.57
CA PRO A 90 17.82 -25.38 37.51
C PRO A 90 18.72 -26.54 37.13
N GLY A 91 19.30 -27.19 38.14
CA GLY A 91 20.21 -28.29 37.88
C GLY A 91 21.58 -27.89 37.37
N PHE A 92 21.98 -26.64 37.56
CA PHE A 92 23.24 -26.14 37.05
C PHE A 92 24.41 -27.00 37.51
N GLY A 93 25.31 -27.31 36.56
CA GLY A 93 26.46 -28.14 36.84
C GLY A 93 26.25 -29.62 36.60
N GLY A 94 25.02 -30.05 36.34
CA GLY A 94 24.72 -31.44 36.14
C GLY A 94 24.06 -31.72 34.80
N PRO A 95 23.23 -32.75 34.75
CA PRO A 95 22.53 -33.09 33.51
C PRO A 95 21.58 -31.99 33.07
N ALA A 96 21.33 -31.96 31.77
CA ALA A 96 20.44 -30.96 31.17
C ALA A 96 19.02 -31.09 31.70
N ILE A 97 18.31 -29.96 31.76
CA ILE A 97 16.94 -29.92 32.25
C ILE A 97 15.98 -30.10 31.07
N PRO A 98 15.08 -31.07 31.10
CA PRO A 98 14.12 -31.23 30.01
C PRO A 98 12.99 -30.19 30.06
N VAL A 99 12.63 -29.68 28.89
CA VAL A 99 11.56 -28.69 28.75
C VAL A 99 10.60 -29.18 27.67
N GLY A 100 9.33 -29.38 28.04
CA GLY A 100 8.30 -29.82 27.11
C GLY A 100 7.46 -28.67 26.58
N VAL A 101 6.99 -28.80 25.34
CA VAL A 101 6.31 -27.74 24.60
C VAL A 101 5.01 -28.26 24.00
N ASP A 102 3.95 -27.46 24.09
CA ASP A 102 2.68 -27.64 23.36
C ASP A 102 2.33 -26.36 22.61
N VAL A 103 1.62 -26.49 21.48
CA VAL A 103 1.25 -25.35 20.63
C VAL A 103 -0.23 -25.46 20.23
N GLN A 104 -0.95 -24.35 20.31
CA GLN A 104 -2.32 -24.23 19.78
C GLN A 104 -2.37 -23.09 18.78
N VAL A 105 -2.73 -23.39 17.54
CA VAL A 105 -2.75 -22.41 16.46
C VAL A 105 -4.14 -21.78 16.38
N GLU A 106 -4.22 -20.46 16.51
CA GLU A 106 -5.50 -19.77 16.50
C GLU A 106 -5.96 -19.36 15.12
N SER A 107 -5.08 -18.81 14.27
CA SER A 107 -5.48 -18.38 12.94
C SER A 107 -4.28 -18.21 12.03
N LEU A 108 -4.55 -18.19 10.74
CA LEU A 108 -3.60 -17.78 9.71
C LEU A 108 -4.04 -16.44 9.15
N ASP A 109 -3.21 -15.42 9.32
CA ASP A 109 -3.67 -14.05 9.13
C ASP A 109 -3.50 -13.53 7.70
N SER A 110 -2.41 -13.87 7.02
CA SER A 110 -2.17 -13.38 5.67
C SER A 110 -1.03 -14.16 5.04
N ILE A 111 -0.88 -14.00 3.73
CA ILE A 111 0.23 -14.58 2.97
C ILE A 111 0.62 -13.62 1.84
N SER A 112 1.92 -13.50 1.59
CA SER A 112 2.44 -12.60 0.57
C SER A 112 3.26 -13.40 -0.42
N GLU A 113 2.79 -13.46 -1.67
CA GLU A 113 3.47 -14.25 -2.68
C GLU A 113 4.73 -13.57 -3.22
N VAL A 114 4.72 -12.24 -3.34
CA VAL A 114 5.90 -11.55 -3.87
C VAL A 114 7.03 -11.56 -2.86
N ASP A 115 6.75 -11.31 -1.58
CA ASP A 115 7.77 -11.31 -0.55
C ASP A 115 8.04 -12.69 0.04
N MET A 116 7.19 -13.69 -0.27
CA MET A 116 7.37 -15.08 0.16
C MET A 116 7.44 -15.21 1.70
N ASP A 117 6.30 -14.92 2.35
CA ASP A 117 6.18 -15.12 3.79
C ASP A 117 4.71 -15.30 4.17
N PHE A 118 4.47 -15.71 5.43
CA PHE A 118 3.13 -15.90 5.98
C PHE A 118 3.10 -15.46 7.45
N THR A 119 1.90 -15.19 7.97
CA THR A 119 1.69 -14.69 9.33
C THR A 119 0.70 -15.56 10.08
N MET A 120 1.02 -15.88 11.36
CA MET A 120 0.25 -16.79 12.20
C MET A 120 0.13 -16.25 13.63
N THR A 121 -0.99 -16.55 14.30
CA THR A 121 -1.22 -16.24 15.72
C THR A 121 -1.44 -17.52 16.50
N LEU A 122 -0.74 -17.65 17.63
CA LEU A 122 -0.80 -18.89 18.40
C LEU A 122 -0.51 -18.79 19.90
N TYR A 123 -0.84 -19.85 20.62
CA TYR A 123 -0.52 -19.97 22.05
C TYR A 123 0.66 -20.91 22.22
N LEU A 124 1.66 -20.48 23.00
CA LEU A 124 2.86 -21.27 23.30
C LEU A 124 2.93 -21.61 24.78
N ARG A 125 3.09 -22.89 25.11
CA ARG A 125 3.07 -23.35 26.50
C ARG A 125 4.32 -24.17 26.82
N HIS A 126 4.91 -23.94 28.00
CA HIS A 126 6.14 -24.60 28.46
C HIS A 126 5.91 -25.34 29.78
N TYR A 127 6.59 -26.47 29.95
CA TYR A 127 6.51 -27.28 31.17
C TYR A 127 7.91 -27.66 31.65
N TRP A 128 8.22 -27.41 32.93
CA TRP A 128 9.46 -27.84 33.56
C TRP A 128 9.29 -27.82 35.07
N LYS A 129 10.28 -28.37 35.77
CA LYS A 129 10.28 -28.45 37.23
C LYS A 129 11.47 -27.71 37.83
N ASP A 130 11.24 -27.01 38.93
CA ASP A 130 12.28 -26.26 39.64
C ASP A 130 12.05 -26.39 41.14
N GLU A 131 12.93 -27.12 41.83
CA GLU A 131 12.77 -27.34 43.27
C GLU A 131 12.91 -26.06 44.10
N ARG A 132 13.55 -25.03 43.55
CA ARG A 132 13.71 -23.79 44.30
C ARG A 132 12.39 -23.03 44.50
N LEU A 133 11.36 -23.37 43.72
CA LEU A 133 10.08 -22.68 43.81
C LEU A 133 9.06 -23.43 44.66
N SER A 134 9.44 -24.56 45.25
CA SER A 134 8.52 -25.32 46.09
C SER A 134 8.15 -24.53 47.35
N PHE A 135 6.89 -24.65 47.78
CA PHE A 135 6.39 -23.94 48.94
C PHE A 135 5.50 -24.85 49.76
N PRO A 136 5.44 -24.65 51.08
CA PRO A 136 4.59 -25.49 51.92
C PRO A 136 3.11 -25.18 51.73
N SER A 137 2.29 -26.21 51.87
CA SER A 137 0.85 -26.05 51.73
C SER A 137 0.14 -27.10 52.57
N THR A 138 -1.00 -26.73 53.12
CA THR A 138 -1.85 -27.65 53.85
C THR A 138 -2.90 -28.27 52.95
N ASN A 139 -2.82 -27.99 51.65
CA ASN A 139 -3.74 -28.51 50.65
C ASN A 139 -2.94 -28.69 49.37
N ASN A 140 -3.63 -28.93 48.27
CA ASN A 140 -2.97 -29.13 46.97
C ASN A 140 -3.33 -28.04 45.97
N LEU A 141 -3.53 -26.82 46.45
CA LEU A 141 -3.86 -25.70 45.57
C LEU A 141 -2.59 -25.03 45.06
N SER A 142 -2.64 -24.59 43.81
CA SER A 142 -1.52 -23.90 43.17
C SER A 142 -1.73 -22.38 43.20
N MET A 143 -0.64 -21.65 42.94
CA MET A 143 -0.65 -20.19 42.92
C MET A 143 -0.40 -19.68 41.51
N THR A 144 -1.12 -18.63 41.12
CA THR A 144 -1.10 -18.08 39.77
C THR A 144 -0.61 -16.65 39.79
N PHE A 145 0.26 -16.31 38.84
CA PHE A 145 0.85 -14.99 38.71
C PHE A 145 0.78 -14.51 37.27
N ASP A 146 0.85 -13.20 37.08
CA ASP A 146 0.92 -12.60 35.75
C ASP A 146 2.37 -12.31 35.38
N GLY A 147 2.56 -11.53 34.31
CA GLY A 147 3.86 -11.32 33.72
C GLY A 147 4.88 -10.59 34.58
N ARG A 148 4.46 -9.94 35.67
CA ARG A 148 5.40 -9.19 36.49
C ARG A 148 6.37 -10.10 37.24
N LEU A 149 6.01 -11.35 37.51
CA LEU A 149 6.91 -12.26 38.20
C LEU A 149 8.00 -12.82 37.29
N VAL A 150 7.84 -12.73 35.98
CA VAL A 150 8.77 -13.36 35.04
C VAL A 150 10.19 -12.80 35.22
N LYS A 151 10.30 -11.50 35.47
CA LYS A 151 11.61 -10.87 35.63
C LYS A 151 12.33 -11.28 36.91
N LYS A 152 11.67 -11.97 37.82
CA LYS A 152 12.28 -12.33 39.09
C LYS A 152 12.77 -13.77 39.16
N ILE A 153 12.42 -14.62 38.20
CA ILE A 153 12.80 -16.03 38.22
C ILE A 153 13.42 -16.39 36.87
N TRP A 154 13.95 -17.60 36.79
CA TRP A 154 14.51 -18.14 35.56
C TRP A 154 13.40 -18.74 34.69
N VAL A 155 13.40 -18.42 33.41
CA VAL A 155 12.50 -19.01 32.41
C VAL A 155 13.28 -19.33 31.15
N PRO A 156 12.80 -20.30 30.35
CA PRO A 156 13.47 -20.63 29.08
C PRO A 156 13.36 -19.52 28.03
N ASP A 157 14.39 -19.39 27.20
CA ASP A 157 14.53 -18.32 26.20
C ASP A 157 14.27 -18.80 24.77
N MET A 158 13.03 -19.15 24.44
CA MET A 158 12.73 -19.62 23.08
C MET A 158 12.61 -18.46 22.10
N PHE A 159 12.99 -18.71 20.84
CA PHE A 159 12.85 -17.75 19.75
C PHE A 159 12.50 -18.47 18.45
N PHE A 160 11.98 -17.73 17.47
CA PHE A 160 11.52 -18.30 16.21
C PHE A 160 12.59 -18.12 15.13
N VAL A 161 13.05 -19.23 14.56
CA VAL A 161 14.13 -19.23 13.56
C VAL A 161 13.54 -18.84 12.21
N HIS A 162 14.30 -18.04 11.45
CA HIS A 162 13.91 -17.58 10.11
C HIS A 162 12.65 -16.72 10.12
N SER A 163 12.44 -15.91 11.15
CA SER A 163 11.32 -14.99 11.19
C SER A 163 11.75 -13.58 10.82
N LYS A 164 10.78 -12.79 10.36
CA LYS A 164 11.02 -11.41 9.98
C LYS A 164 10.57 -10.40 11.02
N ARG A 165 9.51 -10.69 11.78
CA ARG A 165 9.01 -9.81 12.84
C ARG A 165 8.02 -10.57 13.71
N SER A 166 7.88 -10.14 14.97
CA SER A 166 6.97 -10.80 15.92
C SER A 166 6.73 -9.88 17.12
N PHE A 167 5.65 -10.15 17.85
CA PHE A 167 5.33 -9.39 19.07
C PHE A 167 4.40 -10.20 19.97
N ILE A 168 4.36 -9.80 21.25
CA ILE A 168 3.48 -10.40 22.26
C ILE A 168 2.33 -9.45 22.54
N HIS A 169 1.09 -9.97 22.53
CA HIS A 169 -0.09 -9.15 22.72
C HIS A 169 -0.18 -8.57 24.13
N ASP A 170 -0.66 -7.32 24.26
CA ASP A 170 -0.62 -6.64 25.55
C ASP A 170 -1.89 -5.85 25.90
N THR A 171 -3.05 -6.24 25.40
CA THR A 171 -4.33 -5.61 25.75
C THR A 171 -5.25 -6.64 26.40
N THR A 172 -5.85 -6.30 27.54
CA THR A 172 -5.70 -5.03 28.23
C THR A 172 -4.45 -4.96 29.11
N THR A 173 -3.81 -6.10 29.31
CA THR A 173 -2.49 -6.18 29.93
C THR A 173 -1.72 -7.27 29.20
N ASP A 174 -0.46 -7.49 29.61
CA ASP A 174 0.36 -8.51 28.94
C ASP A 174 -0.30 -9.89 29.05
N ASN A 175 -0.41 -10.58 27.91
CA ASN A 175 -1.09 -11.88 27.84
C ASN A 175 -0.12 -13.01 28.22
N VAL A 176 0.27 -13.02 29.49
CA VAL A 176 1.26 -13.95 30.04
C VAL A 176 0.74 -14.51 31.36
N MET A 177 1.23 -15.66 31.74
CA MET A 177 0.89 -16.16 33.06
C MET A 177 1.81 -17.31 33.48
N LEU A 178 2.01 -17.47 34.78
CA LEU A 178 2.79 -18.56 35.36
C LEU A 178 2.03 -19.24 36.51
N ARG A 179 1.89 -20.55 36.44
CA ARG A 179 1.22 -21.33 37.48
C ARG A 179 2.23 -22.26 38.15
N VAL A 180 2.25 -22.26 39.47
CA VAL A 180 3.27 -22.98 40.21
C VAL A 180 2.59 -23.98 41.16
N GLN A 181 2.97 -25.24 41.05
CA GLN A 181 2.47 -26.29 41.93
C GLN A 181 3.25 -26.32 43.24
N PRO A 182 2.68 -26.91 44.30
CA PRO A 182 3.41 -26.99 45.58
C PRO A 182 4.77 -27.68 45.49
N ASP A 183 4.95 -28.63 44.58
CA ASP A 183 6.20 -29.36 44.46
C ASP A 183 7.19 -28.72 43.47
N GLY A 184 6.84 -27.59 42.87
CA GLY A 184 7.77 -26.88 42.00
C GLY A 184 7.57 -27.07 40.52
N LYS A 185 6.49 -27.71 40.08
CA LYS A 185 6.19 -27.80 38.65
C LYS A 185 5.59 -26.48 38.15
N VAL A 186 5.99 -26.07 36.95
CA VAL A 186 5.67 -24.76 36.40
C VAL A 186 5.03 -24.90 35.03
N LEU A 187 3.98 -24.13 34.77
CA LEU A 187 3.40 -23.93 33.44
C LEU A 187 3.54 -22.47 33.04
N TYR A 188 4.03 -22.23 31.82
CA TYR A 188 4.32 -20.89 31.31
C TYR A 188 3.64 -20.72 29.95
N SER A 189 2.71 -19.77 29.85
CA SER A 189 1.83 -19.62 28.69
C SER A 189 1.78 -18.18 28.19
N LEU A 190 1.86 -18.00 26.87
CA LEU A 190 1.77 -16.66 26.29
C LEU A 190 1.22 -16.71 24.87
N ARG A 191 0.67 -15.57 24.43
CA ARG A 191 0.00 -15.43 23.13
C ARG A 191 0.82 -14.51 22.23
N VAL A 192 1.15 -14.98 21.01
CA VAL A 192 2.11 -14.31 20.14
C VAL A 192 1.66 -14.35 18.67
N THR A 193 2.12 -13.36 17.90
CA THR A 193 1.93 -13.29 16.44
C THR A 193 3.29 -13.20 15.75
N VAL A 194 3.50 -14.00 14.70
CA VAL A 194 4.80 -14.13 14.05
C VAL A 194 4.65 -14.13 12.52
N THR A 195 5.61 -13.49 11.83
CA THR A 195 5.74 -13.54 10.38
C THR A 195 7.00 -14.29 10.00
N ALA A 196 6.88 -15.32 9.17
CA ALA A 196 7.99 -16.22 8.85
C ALA A 196 8.17 -16.39 7.34
N MET A 197 9.41 -16.65 6.93
CA MET A 197 9.74 -16.79 5.52
C MET A 197 9.36 -18.17 4.97
N CYS A 198 8.98 -18.23 3.68
CA CYS A 198 8.61 -19.52 3.03
C CYS A 198 9.00 -19.44 1.54
N ASN A 199 10.14 -20.04 1.15
CA ASN A 199 10.55 -20.05 -0.27
C ASN A 199 9.54 -20.80 -1.13
N MET A 200 9.11 -20.18 -2.21
CA MET A 200 8.09 -20.72 -3.10
C MET A 200 8.64 -20.87 -4.52
N ASP A 201 8.05 -21.80 -5.28
CA ASP A 201 8.43 -22.08 -6.66
C ASP A 201 7.18 -22.02 -7.51
N PHE A 202 7.16 -21.10 -8.48
CA PHE A 202 5.99 -20.86 -9.31
C PHE A 202 6.11 -21.42 -10.72
N SER A 203 7.02 -22.38 -10.95
CA SER A 203 7.24 -22.90 -12.30
C SER A 203 5.98 -23.57 -12.87
N ARG A 204 5.21 -24.27 -12.03
CA ARG A 204 4.06 -25.04 -12.46
C ARG A 204 2.74 -24.31 -12.28
N PHE A 205 2.78 -23.01 -11.98
CA PHE A 205 1.56 -22.23 -11.74
C PHE A 205 0.62 -22.36 -12.95
N PRO A 206 -0.70 -22.53 -12.72
CA PRO A 206 -1.43 -22.56 -11.45
C PRO A 206 -1.59 -23.94 -10.82
N LEU A 207 -0.79 -24.92 -11.23
CA LEU A 207 -0.89 -26.28 -10.70
C LEU A 207 0.22 -26.59 -9.69
N ASP A 208 0.77 -25.57 -9.04
CA ASP A 208 1.87 -25.73 -8.11
C ASP A 208 1.37 -26.12 -6.73
N THR A 209 2.26 -26.72 -5.94
CA THR A 209 2.04 -27.08 -4.54
C THR A 209 3.19 -26.54 -3.70
N GLN A 210 2.88 -25.96 -2.54
CA GLN A 210 3.88 -25.35 -1.67
C GLN A 210 3.86 -25.99 -0.29
N THR A 211 5.04 -26.08 0.33
CA THR A 211 5.19 -26.57 1.71
C THR A 211 5.87 -25.52 2.57
N CYS A 212 5.28 -25.22 3.72
CA CYS A 212 5.83 -24.21 4.64
C CYS A 212 6.08 -24.80 6.04
N SER A 213 6.85 -24.10 6.86
CA SER A 213 7.16 -24.55 8.21
C SER A 213 7.46 -23.37 9.14
N LEU A 214 7.21 -23.59 10.43
CA LEU A 214 7.59 -22.68 11.51
C LEU A 214 8.51 -23.41 12.48
N GLU A 215 9.61 -22.77 12.90
CA GLU A 215 10.68 -23.42 13.65
C GLU A 215 10.94 -22.72 14.98
N ILE A 216 11.19 -23.51 16.02
CA ILE A 216 11.37 -23.04 17.40
C ILE A 216 12.68 -23.59 17.95
N GLU A 217 13.47 -22.73 18.62
CA GLU A 217 14.80 -23.08 19.09
C GLU A 217 15.18 -22.21 20.30
N SER A 218 16.07 -22.73 21.14
CA SER A 218 16.66 -21.96 22.24
C SER A 218 17.79 -21.04 21.73
N TYR A 219 17.84 -19.80 22.25
CA TYR A 219 18.84 -18.87 21.78
C TYR A 219 20.23 -19.18 22.33
N ALA A 220 20.34 -19.45 23.63
CA ALA A 220 21.64 -19.46 24.30
C ALA A 220 22.06 -20.78 24.92
N TYR A 221 21.21 -21.80 25.00
CA TYR A 221 21.53 -23.05 25.70
C TYR A 221 21.66 -24.20 24.70
N THR A 222 22.81 -24.87 24.72
CA THR A 222 23.03 -26.04 23.89
C THR A 222 22.33 -27.27 24.50
N GLU A 223 22.34 -28.36 23.75
CA GLU A 223 21.69 -29.59 24.20
C GLU A 223 22.33 -30.20 25.44
N ASP A 224 23.53 -29.76 25.82
CA ASP A 224 24.14 -30.24 27.06
C ASP A 224 23.53 -29.58 28.30
N ASP A 225 22.91 -28.42 28.14
CA ASP A 225 22.30 -27.70 29.25
C ASP A 225 20.78 -27.72 29.25
N LEU A 226 20.14 -27.77 28.07
CA LEU A 226 18.68 -27.73 27.98
C LEU A 226 18.23 -28.70 26.89
N MET A 227 17.31 -29.60 27.24
CA MET A 227 16.79 -30.61 26.33
C MET A 227 15.34 -30.27 25.96
N LEU A 228 15.11 -29.86 24.72
CA LEU A 228 13.82 -29.39 24.24
C LEU A 228 13.13 -30.47 23.42
N TYR A 229 11.86 -30.76 23.73
CA TYR A 229 11.12 -31.83 23.08
C TYR A 229 9.62 -31.52 23.06
N TRP A 230 8.89 -32.22 22.17
CA TRP A 230 7.43 -32.13 22.13
C TRP A 230 6.85 -32.95 23.29
N LYS A 231 5.98 -32.32 24.08
CA LYS A 231 5.54 -32.93 25.34
C LYS A 231 4.76 -34.23 25.11
N LYS A 232 3.87 -34.26 24.12
CA LYS A 232 3.04 -35.44 23.90
C LYS A 232 3.15 -35.93 22.45
N GLY A 233 4.33 -35.80 21.83
CA GLY A 233 4.50 -36.26 20.47
C GLY A 233 3.62 -35.49 19.48
N ASN A 234 2.92 -36.23 18.62
CA ASN A 234 2.04 -35.61 17.63
C ASN A 234 0.74 -35.09 18.21
N ASP A 235 0.43 -35.43 19.46
CA ASP A 235 -0.75 -34.89 20.13
C ASP A 235 -0.50 -33.52 20.73
N SER A 236 0.71 -32.97 20.59
CA SER A 236 1.05 -31.66 21.14
C SER A 236 0.58 -30.50 20.28
N LEU A 237 0.07 -30.75 19.08
CA LEU A 237 -0.32 -29.70 18.15
C LEU A 237 -1.84 -29.74 17.94
N LYS A 238 -2.50 -28.61 18.19
CA LYS A 238 -3.93 -28.44 17.93
C LYS A 238 -4.16 -27.25 17.02
N THR A 239 -5.17 -27.34 16.17
CA THR A 239 -5.51 -26.27 15.23
C THR A 239 -6.99 -25.94 15.32
N ASP A 240 -7.31 -24.68 15.07
CA ASP A 240 -8.69 -24.19 15.14
C ASP A 240 -9.55 -24.78 14.03
N GLU A 241 -10.81 -25.06 14.36
CA GLU A 241 -11.71 -25.73 13.41
C GLU A 241 -12.03 -24.89 12.19
N ARG A 242 -11.87 -23.56 12.26
CA ARG A 242 -12.28 -22.67 11.18
C ARG A 242 -11.09 -21.95 10.55
N ILE A 243 -9.90 -22.55 10.61
CA ILE A 243 -8.72 -21.92 10.02
C ILE A 243 -8.84 -21.97 8.49
N SER A 244 -8.59 -20.82 7.84
CA SER A 244 -8.75 -20.75 6.40
C SER A 244 -7.97 -19.59 5.84
N LEU A 245 -7.68 -19.68 4.54
CA LEU A 245 -7.08 -18.61 3.75
C LEU A 245 -7.97 -18.36 2.54
N SER A 246 -7.96 -17.12 2.05
CA SER A 246 -8.89 -16.74 0.99
C SER A 246 -8.58 -17.46 -0.32
N GLN A 247 -7.32 -17.50 -0.73
CA GLN A 247 -6.95 -18.04 -2.04
C GLN A 247 -6.30 -19.42 -2.00
N PHE A 248 -6.20 -20.08 -0.84
CA PHE A 248 -5.54 -21.38 -0.76
C PHE A 248 -6.37 -22.38 0.04
N LEU A 249 -6.13 -23.67 -0.22
CA LEU A 249 -6.59 -24.76 0.63
C LEU A 249 -5.43 -25.25 1.49
N ILE A 250 -5.71 -25.57 2.76
CA ILE A 250 -4.69 -25.92 3.75
C ILE A 250 -4.91 -27.37 4.19
N GLN A 251 -3.83 -28.15 4.25
CA GLN A 251 -3.94 -29.55 4.62
C GLN A 251 -2.65 -30.05 5.28
N GLU A 252 -2.79 -31.16 6.01
CA GLU A 252 -1.68 -32.00 6.48
C GLU A 252 -0.76 -31.29 7.48
N PHE A 253 -1.28 -30.88 8.63
CA PHE A 253 -0.47 -30.40 9.75
C PHE A 253 0.20 -31.57 10.47
N HIS A 254 1.49 -31.43 10.77
CA HIS A 254 2.21 -32.41 11.58
C HIS A 254 3.51 -31.77 12.10
N THR A 255 4.15 -32.47 13.06
CA THR A 255 5.37 -32.00 13.71
C THR A 255 6.55 -32.93 13.46
N THR A 256 7.76 -32.35 13.49
CA THR A 256 9.03 -33.09 13.43
C THR A 256 10.07 -32.40 14.32
N THR A 257 11.22 -33.07 14.50
CA THR A 257 12.36 -32.53 15.24
C THR A 257 13.67 -32.86 14.52
N LYS A 258 14.69 -32.02 14.72
CA LYS A 258 16.01 -32.23 14.10
C LYS A 258 17.08 -31.43 14.84
N LEU A 259 18.29 -31.97 14.86
CA LEU A 259 19.44 -31.30 15.50
C LEU A 259 20.16 -30.39 14.52
N ALA A 260 20.54 -29.21 15.00
CA ALA A 260 21.24 -28.20 14.20
C ALA A 260 22.59 -27.87 14.82
N PHE A 261 23.56 -27.56 13.97
CA PHE A 261 24.93 -27.29 14.40
C PHE A 261 25.34 -25.86 14.09
N TYR A 262 25.93 -25.18 15.07
CA TYR A 262 26.52 -23.86 14.90
C TYR A 262 28.00 -23.94 15.24
N SER A 263 28.86 -23.51 14.31
CA SER A 263 30.28 -23.55 14.59
C SER A 263 30.69 -22.61 15.72
N SER A 264 29.91 -21.58 16.00
CA SER A 264 30.26 -20.66 17.08
C SER A 264 30.04 -21.28 18.46
N THR A 265 28.99 -22.10 18.63
CA THR A 265 28.69 -22.57 19.98
C THR A 265 28.34 -24.04 20.13
N GLY A 266 27.88 -24.75 19.10
CA GLY A 266 27.63 -26.18 19.29
C GLY A 266 26.29 -26.65 18.74
N TRP A 267 25.75 -27.74 19.29
CA TRP A 267 24.54 -28.41 18.80
C TRP A 267 23.30 -27.96 19.57
N TYR A 268 22.19 -27.76 18.83
CA TYR A 268 20.92 -27.33 19.40
C TYR A 268 19.77 -28.17 18.87
N ASN A 269 18.74 -28.36 19.70
CA ASN A 269 17.49 -29.01 19.28
C ASN A 269 16.55 -28.01 18.61
N ARG A 270 15.95 -28.42 17.50
CA ARG A 270 15.00 -27.59 16.74
C ARG A 270 13.69 -28.34 16.50
N LEU A 271 12.56 -27.65 16.70
CA LEU A 271 11.23 -28.21 16.49
C LEU A 271 10.54 -27.56 15.29
N TYR A 272 9.73 -28.35 14.56
CA TYR A 272 9.10 -27.92 13.32
C TYR A 272 7.58 -28.14 13.31
N ILE A 273 6.86 -27.21 12.70
CA ILE A 273 5.43 -27.35 12.39
C ILE A 273 5.26 -27.23 10.87
N ASN A 274 4.71 -28.27 10.24
CA ASN A 274 4.66 -28.38 8.77
C ASN A 274 3.22 -28.40 8.26
N PHE A 275 2.99 -27.79 7.09
CA PHE A 275 1.68 -27.83 6.41
C PHE A 275 1.86 -27.55 4.91
N THR A 276 0.80 -27.82 4.14
CA THR A 276 0.79 -27.77 2.68
C THR A 276 -0.35 -26.90 2.14
N LEU A 277 -0.11 -26.22 1.00
CA LEU A 277 -1.08 -25.31 0.37
C LEU A 277 -1.37 -25.72 -1.08
N ARG A 278 -2.63 -25.57 -1.50
CA ARG A 278 -3.07 -25.83 -2.88
C ARG A 278 -4.07 -24.77 -3.35
N ARG A 279 -4.15 -24.59 -4.67
CA ARG A 279 -5.06 -23.63 -5.30
C ARG A 279 -6.36 -24.29 -5.79
N HIS A 280 -7.32 -23.46 -6.19
CA HIS A 280 -8.58 -23.90 -6.81
C HIS A 280 -8.40 -23.95 -8.32
N ILE A 281 -8.27 -25.15 -8.88
CA ILE A 281 -7.86 -25.28 -10.28
C ILE A 281 -8.95 -24.80 -11.25
N PHE A 282 -10.22 -25.08 -10.95
CA PHE A 282 -11.29 -24.82 -11.92
C PHE A 282 -11.48 -23.33 -12.19
N PHE A 283 -11.28 -22.48 -11.18
CA PHE A 283 -11.33 -21.04 -11.40
C PHE A 283 -10.31 -20.61 -12.45
N PHE A 284 -9.07 -21.10 -12.33
CA PHE A 284 -8.04 -20.70 -13.29
C PHE A 284 -8.30 -21.30 -14.66
N LEU A 285 -8.81 -22.54 -14.73
CA LEU A 285 -9.14 -23.11 -16.03
C LEU A 285 -10.16 -22.24 -16.76
N LEU A 286 -11.25 -21.91 -16.07
CA LEU A 286 -12.32 -21.11 -16.67
C LEU A 286 -11.82 -19.71 -17.05
N GLN A 287 -11.00 -19.09 -16.19
CA GLN A 287 -10.60 -17.71 -16.44
C GLN A 287 -9.52 -17.58 -17.51
N THR A 288 -8.67 -18.58 -17.69
CA THR A 288 -7.54 -18.42 -18.61
C THR A 288 -7.58 -19.37 -19.79
N TYR A 289 -7.69 -20.68 -19.56
CA TYR A 289 -7.50 -21.63 -20.65
C TYR A 289 -8.68 -21.62 -21.61
N PHE A 290 -9.90 -21.38 -21.10
CA PHE A 290 -11.11 -21.41 -21.91
C PHE A 290 -11.13 -20.36 -23.01
N PRO A 291 -10.97 -19.05 -22.71
CA PRO A 291 -11.03 -18.05 -23.80
C PRO A 291 -9.97 -18.22 -24.88
N ALA A 292 -8.75 -18.63 -24.51
CA ALA A 292 -7.70 -18.78 -25.50
C ALA A 292 -8.02 -19.91 -26.48
N THR A 293 -8.52 -21.04 -25.98
CA THR A 293 -8.96 -22.13 -26.85
C THR A 293 -10.11 -21.69 -27.75
N LEU A 294 -11.05 -20.92 -27.20
CA LEU A 294 -12.17 -20.44 -28.01
C LEU A 294 -11.68 -19.54 -29.15
N MET A 295 -10.72 -18.65 -28.87
CA MET A 295 -10.23 -17.77 -29.93
C MET A 295 -9.44 -18.53 -31.00
N VAL A 296 -8.68 -19.55 -30.59
CA VAL A 296 -7.98 -20.39 -31.58
C VAL A 296 -9.01 -21.10 -32.47
N MET A 297 -10.08 -21.63 -31.88
CA MET A 297 -11.11 -22.27 -32.69
C MET A 297 -11.81 -21.27 -33.61
N LEU A 298 -11.99 -20.04 -33.15
CA LEU A 298 -12.62 -19.01 -33.97
C LEU A 298 -11.76 -18.66 -35.18
N SER A 299 -10.43 -18.68 -35.04
CA SER A 299 -9.58 -18.35 -36.19
C SER A 299 -9.69 -19.37 -37.31
N TRP A 300 -10.20 -20.58 -37.06
CA TRP A 300 -10.31 -21.61 -38.09
C TRP A 300 -11.52 -21.41 -39.00
N VAL A 301 -12.44 -20.49 -38.66
CA VAL A 301 -13.64 -20.28 -39.46
C VAL A 301 -13.30 -19.75 -40.84
N SER A 302 -12.23 -18.94 -40.95
CA SER A 302 -11.87 -18.35 -42.23
C SER A 302 -11.55 -19.39 -43.29
N PHE A 303 -11.19 -20.62 -42.90
CA PHE A 303 -10.85 -21.64 -43.90
C PHE A 303 -12.08 -22.10 -44.69
N TRP A 304 -13.28 -21.81 -44.22
CA TRP A 304 -14.51 -22.21 -44.89
C TRP A 304 -15.20 -21.06 -45.62
N ILE A 305 -14.60 -19.88 -45.66
CA ILE A 305 -15.17 -18.69 -46.30
C ILE A 305 -14.61 -18.57 -47.71
N ASP A 306 -15.46 -18.11 -48.64
CA ASP A 306 -15.08 -17.91 -50.03
C ASP A 306 -13.83 -17.04 -50.16
N ARG A 307 -12.83 -17.57 -50.89
CA ARG A 307 -11.56 -16.86 -51.03
C ARG A 307 -11.66 -15.57 -51.84
N ARG A 308 -12.75 -15.38 -52.58
CA ARG A 308 -12.95 -14.15 -53.33
C ARG A 308 -13.42 -12.99 -52.46
N ALA A 309 -13.86 -13.26 -51.24
CA ALA A 309 -14.32 -12.21 -50.33
C ALA A 309 -13.16 -11.68 -49.48
N VAL A 310 -12.27 -10.94 -50.15
CA VAL A 310 -11.11 -10.36 -49.46
C VAL A 310 -11.52 -9.38 -48.35
N PRO A 311 -12.44 -8.43 -48.56
CA PRO A 311 -12.81 -7.51 -47.48
C PRO A 311 -13.49 -8.18 -46.30
N ALA A 312 -13.83 -9.46 -46.40
CA ALA A 312 -14.29 -10.22 -45.24
C ALA A 312 -13.18 -11.04 -44.60
N ARG A 313 -12.29 -11.64 -45.40
CA ARG A 313 -11.25 -12.51 -44.85
C ARG A 313 -10.19 -11.71 -44.08
N VAL A 314 -9.75 -10.57 -44.59
CA VAL A 314 -8.64 -9.86 -43.96
C VAL A 314 -9.01 -9.28 -42.58
N PRO A 315 -10.07 -8.47 -42.47
CA PRO A 315 -10.39 -7.88 -41.16
C PRO A 315 -10.65 -8.91 -40.08
N LEU A 316 -11.19 -10.07 -40.45
CA LEU A 316 -11.44 -11.11 -39.47
C LEU A 316 -10.16 -11.58 -38.80
N GLY A 317 -9.12 -11.87 -39.60
CA GLY A 317 -7.85 -12.29 -39.04
C GLY A 317 -7.20 -11.23 -38.18
N ILE A 318 -7.16 -9.99 -38.67
CA ILE A 318 -6.48 -8.96 -37.87
C ILE A 318 -7.23 -8.69 -36.56
N THR A 319 -8.57 -8.73 -36.60
CA THR A 319 -9.33 -8.50 -35.38
C THR A 319 -9.18 -9.66 -34.39
N THR A 320 -9.04 -10.89 -34.89
CA THR A 320 -8.77 -12.02 -34.00
C THR A 320 -7.42 -11.85 -33.29
N VAL A 321 -6.41 -11.37 -34.02
CA VAL A 321 -5.11 -11.11 -33.40
C VAL A 321 -5.25 -10.03 -32.31
N LEU A 322 -5.98 -8.96 -32.58
CA LEU A 322 -6.17 -7.91 -31.57
C LEU A 322 -6.88 -8.46 -30.32
N THR A 323 -7.91 -9.29 -30.51
CA THR A 323 -8.63 -9.85 -29.37
C THR A 323 -7.72 -10.73 -28.51
N MET A 324 -6.92 -11.58 -29.14
CA MET A 324 -6.01 -12.44 -28.37
C MET A 324 -5.00 -11.62 -27.60
N SER A 325 -4.49 -10.54 -28.20
CA SER A 325 -3.55 -9.67 -27.50
C SER A 325 -4.18 -9.03 -26.26
N THR A 326 -5.42 -8.55 -26.39
CA THR A 326 -6.07 -7.93 -25.23
C THR A 326 -6.32 -8.97 -24.13
N ILE A 327 -6.65 -10.21 -24.51
CA ILE A 327 -6.83 -11.25 -23.50
C ILE A 327 -5.53 -11.50 -22.73
N ILE A 328 -4.41 -11.62 -23.45
CA ILE A 328 -3.14 -11.90 -22.78
C ILE A 328 -2.74 -10.75 -21.85
N THR A 329 -2.92 -9.51 -22.30
CA THR A 329 -2.60 -8.38 -21.44
C THR A 329 -3.45 -8.39 -20.17
N GLY A 330 -4.75 -8.64 -20.32
CA GLY A 330 -5.61 -8.71 -19.15
C GLY A 330 -5.22 -9.80 -18.18
N VAL A 331 -4.85 -10.97 -18.70
CA VAL A 331 -4.44 -12.08 -17.84
C VAL A 331 -3.15 -11.73 -17.10
N ASN A 332 -2.19 -11.12 -17.79
CA ASN A 332 -0.95 -10.72 -17.13
C ASN A 332 -1.23 -9.73 -16.01
N ALA A 333 -2.21 -8.85 -16.18
CA ALA A 333 -2.46 -7.84 -15.16
C ALA A 333 -2.99 -8.43 -13.84
N SER A 334 -3.50 -9.66 -13.83
CA SER A 334 -4.18 -10.20 -12.66
C SER A 334 -3.40 -11.27 -11.91
N MET A 335 -2.22 -11.65 -12.37
CA MET A 335 -1.44 -12.64 -11.66
C MET A 335 -0.41 -11.96 -10.76
N PRO A 336 0.12 -12.67 -9.75
CA PRO A 336 1.18 -12.08 -8.92
C PRO A 336 2.42 -11.76 -9.76
N ARG A 337 3.06 -10.64 -9.43
CA ARG A 337 4.16 -10.10 -10.24
C ARG A 337 5.43 -10.89 -9.99
N VAL A 338 5.51 -12.06 -10.62
CA VAL A 338 6.68 -12.93 -10.56
C VAL A 338 7.29 -12.97 -11.96
N SER A 339 8.54 -12.54 -12.07
CA SER A 339 9.16 -12.29 -13.38
C SER A 339 10.02 -13.48 -13.82
N TYR A 340 9.38 -14.62 -14.05
CA TYR A 340 10.00 -15.72 -14.79
C TYR A 340 8.89 -16.59 -15.37
N ILE A 341 9.29 -17.50 -16.25
CA ILE A 341 8.35 -18.19 -17.14
C ILE A 341 7.57 -19.25 -16.37
N LYS A 342 6.25 -19.22 -16.52
CA LYS A 342 5.32 -20.18 -15.93
C LYS A 342 4.55 -20.92 -17.01
N ALA A 343 3.92 -22.04 -16.61
CA ALA A 343 3.27 -22.94 -17.56
C ALA A 343 2.15 -22.25 -18.34
N VAL A 344 1.36 -21.42 -17.66
CA VAL A 344 0.23 -20.74 -18.32
C VAL A 344 0.73 -19.78 -19.41
N ASP A 345 1.90 -19.18 -19.23
CA ASP A 345 2.50 -18.33 -20.27
C ASP A 345 2.84 -19.13 -21.52
N ILE A 346 3.34 -20.35 -21.33
CA ILE A 346 3.65 -21.21 -22.48
C ILE A 346 2.38 -21.50 -23.28
N TYR A 347 1.30 -21.86 -22.59
CA TYR A 347 0.04 -22.14 -23.28
C TYR A 347 -0.44 -20.92 -24.05
N LEU A 348 -0.43 -19.74 -23.41
CA LEU A 348 -0.96 -18.54 -24.06
C LEU A 348 -0.16 -18.15 -25.30
N TRP A 349 1.18 -18.20 -25.23
CA TRP A 349 1.97 -17.74 -26.36
C TRP A 349 1.96 -18.75 -27.52
N VAL A 350 1.82 -20.05 -27.24
CA VAL A 350 1.62 -21.01 -28.32
C VAL A 350 0.30 -20.73 -29.05
N SER A 351 -0.75 -20.43 -28.28
CA SER A 351 -2.04 -20.09 -28.92
C SER A 351 -1.92 -18.85 -29.79
N PHE A 352 -1.18 -17.84 -29.32
CA PHE A 352 -0.96 -16.63 -30.11
C PHE A 352 -0.26 -16.94 -31.44
N VAL A 353 0.73 -17.82 -31.40
CA VAL A 353 1.43 -18.22 -32.62
C VAL A 353 0.48 -18.89 -33.61
N PHE A 354 -0.40 -19.76 -33.11
CA PHE A 354 -1.39 -20.39 -34.00
C PHE A 354 -2.24 -19.33 -34.71
N VAL A 355 -2.71 -18.32 -33.98
CA VAL A 355 -3.53 -17.27 -34.58
C VAL A 355 -2.76 -16.49 -35.66
N PHE A 356 -1.49 -16.21 -35.41
CA PHE A 356 -0.63 -15.52 -36.36
C PHE A 356 -0.48 -16.31 -37.66
N LEU A 357 -0.24 -17.63 -37.55
CA LEU A 357 -0.08 -18.44 -38.75
C LEU A 357 -1.34 -18.48 -39.61
N SER A 358 -2.52 -18.42 -38.98
CA SER A 358 -3.77 -18.42 -39.74
C SER A 358 -3.90 -17.20 -40.64
N VAL A 359 -3.26 -16.09 -40.30
CA VAL A 359 -3.30 -14.93 -41.18
C VAL A 359 -2.31 -15.08 -42.33
N LEU A 360 -1.11 -15.61 -42.06
CA LEU A 360 -0.16 -15.85 -43.13
C LEU A 360 -0.73 -16.79 -44.20
N GLU A 361 -1.55 -17.75 -43.80
CA GLU A 361 -2.12 -18.69 -44.75
C GLU A 361 -2.96 -18.00 -45.82
N TYR A 362 -3.83 -17.08 -45.42
CA TYR A 362 -4.66 -16.41 -46.41
C TYR A 362 -3.87 -15.42 -47.25
N ALA A 363 -2.84 -14.81 -46.69
CA ALA A 363 -1.98 -13.96 -47.51
C ALA A 363 -1.40 -14.75 -48.68
N ALA A 364 -0.92 -15.96 -48.42
CA ALA A 364 -0.38 -16.79 -49.49
C ALA A 364 -1.45 -17.15 -50.53
N VAL A 365 -2.64 -17.51 -50.06
CA VAL A 365 -3.73 -17.89 -50.96
C VAL A 365 -4.09 -16.74 -51.90
N ASN A 366 -4.23 -15.53 -51.34
CA ASN A 366 -4.62 -14.39 -52.16
C ASN A 366 -3.57 -14.08 -53.22
N TYR A 367 -2.29 -14.11 -52.85
CA TYR A 367 -1.25 -13.82 -53.82
C TYR A 367 -1.25 -14.83 -54.97
N LEU A 368 -1.38 -16.12 -54.65
CA LEU A 368 -1.34 -17.12 -55.71
C LEU A 368 -2.53 -17.01 -56.65
N THR A 369 -3.72 -16.73 -56.11
CA THR A 369 -4.89 -16.57 -56.97
C THR A 369 -4.72 -15.38 -57.92
N THR A 370 -4.20 -14.26 -57.41
CA THR A 370 -4.00 -13.10 -58.26
C THR A 370 -3.00 -13.40 -59.36
N VAL A 371 -1.92 -14.12 -59.04
CA VAL A 371 -0.94 -14.48 -60.05
C VAL A 371 -1.59 -15.32 -61.15
N GLN A 372 -2.41 -16.28 -60.77
CA GLN A 372 -3.03 -17.15 -61.78
C GLN A 372 -3.97 -16.37 -62.69
N GLU A 373 -4.77 -15.47 -62.11
CA GLU A 373 -5.70 -14.71 -62.95
C GLU A 373 -4.95 -13.80 -63.92
N ARG A 374 -3.89 -13.14 -63.45
CA ARG A 374 -3.13 -12.28 -64.34
C ARG A 374 -2.49 -13.08 -65.47
N LYS A 375 -1.96 -14.26 -65.16
CA LYS A 375 -1.35 -15.09 -66.18
C LYS A 375 -2.38 -15.52 -67.22
N GLU A 376 -3.58 -15.92 -66.77
CA GLU A 376 -4.59 -16.37 -67.72
C GLU A 376 -5.02 -15.26 -68.65
N GLN A 377 -5.23 -14.05 -68.12
CA GLN A 377 -5.63 -12.95 -68.98
C GLN A 377 -4.51 -12.58 -69.95
N ASP A 451 -14.17 -22.92 -57.19
CA ASP A 451 -13.53 -24.07 -56.56
C ASP A 451 -12.70 -23.67 -55.34
N THR A 452 -12.34 -24.64 -54.51
CA THR A 452 -11.55 -24.40 -53.32
C THR A 452 -10.07 -24.61 -53.63
N HIS A 453 -9.24 -23.67 -53.18
CA HIS A 453 -7.80 -23.78 -53.33
C HIS A 453 -7.26 -24.90 -52.45
N ALA A 454 -6.17 -25.54 -52.90
CA ALA A 454 -5.62 -26.69 -52.19
C ALA A 454 -5.16 -26.35 -50.79
N ILE A 455 -4.65 -25.13 -50.59
CA ILE A 455 -4.11 -24.73 -49.29
C ILE A 455 -5.22 -24.71 -48.24
N ASP A 456 -6.39 -24.17 -48.58
CA ASP A 456 -7.52 -24.22 -47.66
C ASP A 456 -7.91 -25.65 -47.31
N LYS A 457 -7.93 -26.53 -48.32
CA LYS A 457 -8.33 -27.92 -48.10
C LYS A 457 -7.39 -28.62 -47.14
N TYR A 458 -6.09 -28.39 -47.28
CA TYR A 458 -5.14 -29.02 -46.35
C TYR A 458 -5.19 -28.37 -44.97
N SER A 459 -5.34 -27.04 -44.90
CA SER A 459 -5.35 -26.34 -43.61
C SER A 459 -6.52 -26.78 -42.75
N ARG A 460 -7.69 -27.00 -43.38
CA ARG A 460 -8.88 -27.43 -42.65
C ARG A 460 -8.64 -28.69 -41.83
N ILE A 461 -7.70 -29.53 -42.26
CA ILE A 461 -7.35 -30.74 -41.53
C ILE A 461 -6.13 -30.53 -40.64
N ILE A 462 -5.11 -29.85 -41.16
CA ILE A 462 -3.81 -29.83 -40.50
C ILE A 462 -3.86 -29.00 -39.21
N PHE A 463 -4.53 -27.84 -39.23
CA PHE A 463 -4.49 -26.98 -38.03
C PHE A 463 -5.06 -27.66 -36.78
N PRO A 464 -6.30 -28.20 -36.79
CA PRO A 464 -6.82 -28.83 -35.56
C PRO A 464 -6.01 -30.02 -35.07
N ALA A 465 -5.45 -30.82 -35.98
CA ALA A 465 -4.69 -31.99 -35.55
C ALA A 465 -3.42 -31.57 -34.80
N ALA A 466 -2.73 -30.54 -35.30
CA ALA A 466 -1.55 -30.02 -34.61
C ALA A 466 -1.92 -29.45 -33.25
N TYR A 467 -3.04 -28.74 -33.16
CA TYR A 467 -3.44 -28.18 -31.86
C TYR A 467 -3.77 -29.29 -30.85
N ILE A 468 -4.44 -30.35 -31.31
CA ILE A 468 -4.75 -31.49 -30.44
C ILE A 468 -3.48 -32.17 -29.96
N LEU A 469 -2.50 -32.35 -30.85
CA LEU A 469 -1.24 -32.97 -30.47
C LEU A 469 -0.50 -32.14 -29.43
N PHE A 470 -0.47 -30.81 -29.62
CA PHE A 470 0.14 -29.93 -28.64
C PHE A 470 -0.54 -30.06 -27.28
N ASN A 471 -1.87 -30.12 -27.26
CA ASN A 471 -2.59 -30.28 -26.00
C ASN A 471 -2.26 -31.60 -25.32
N LEU A 472 -2.15 -32.69 -26.09
CA LEU A 472 -1.81 -33.98 -25.48
C LEU A 472 -0.44 -33.94 -24.83
N ILE A 473 0.54 -33.36 -25.52
CA ILE A 473 1.89 -33.29 -24.96
C ILE A 473 1.91 -32.40 -23.73
N TYR A 474 1.27 -31.23 -23.82
CA TYR A 474 1.27 -30.29 -22.70
C TYR A 474 0.66 -30.90 -21.45
N TRP A 475 -0.51 -31.51 -21.58
CA TRP A 475 -1.18 -32.04 -20.40
C TRP A 475 -0.57 -33.35 -19.93
N SER A 476 0.19 -34.07 -20.77
CA SER A 476 0.97 -35.18 -20.23
C SER A 476 2.18 -34.69 -19.47
N ILE A 477 2.73 -33.54 -19.82
CA ILE A 477 3.89 -33.03 -19.08
C ILE A 477 3.48 -32.39 -17.76
N PHE A 478 2.46 -31.52 -17.78
CA PHE A 478 2.12 -30.72 -16.61
C PHE A 478 0.99 -31.31 -15.78
N SER A 479 0.60 -32.56 -16.04
CA SER A 479 -0.47 -33.26 -15.32
C SER A 479 -1.83 -32.61 -15.51
N LYS B 74 25.53 -15.03 44.10
CA LYS B 74 25.24 -14.22 42.93
C LYS B 74 26.41 -14.25 41.95
N SER B 75 26.10 -14.58 40.69
CA SER B 75 27.16 -14.69 39.68
C SER B 75 27.75 -13.32 39.34
N GLU B 76 26.97 -12.26 39.48
CA GLU B 76 27.47 -10.91 39.20
C GLU B 76 28.43 -10.40 40.26
N GLN B 77 28.59 -11.11 41.37
CA GLN B 77 29.60 -10.78 42.37
C GLN B 77 30.93 -11.49 42.11
N LEU B 78 30.96 -12.48 41.23
CA LEU B 78 32.23 -13.06 40.82
C LEU B 78 33.00 -12.09 39.94
N LEU B 79 32.30 -11.28 39.16
CA LEU B 79 32.89 -10.15 38.47
C LEU B 79 32.75 -8.92 39.37
N ARG B 80 33.87 -8.25 39.65
CA ARG B 80 33.85 -7.10 40.54
C ARG B 80 33.28 -5.91 39.77
N ILE B 81 31.95 -5.93 39.64
CA ILE B 81 31.27 -4.92 38.82
C ILE B 81 31.44 -3.53 39.41
N ASP B 82 31.30 -3.41 40.73
CA ASP B 82 31.34 -2.10 41.38
C ASP B 82 32.75 -1.62 41.66
N ASP B 83 33.77 -2.41 41.33
CA ASP B 83 35.16 -2.03 41.56
C ASP B 83 35.84 -1.41 40.35
N HIS B 84 35.11 -1.19 39.26
CA HIS B 84 35.70 -0.66 38.04
C HIS B 84 34.76 0.36 37.40
N ASP B 85 35.36 1.32 36.69
CA ASP B 85 34.61 2.29 35.91
C ASP B 85 34.43 1.72 34.51
N PHE B 86 33.22 1.29 34.18
CA PHE B 86 32.92 0.71 32.88
C PHE B 86 32.36 1.74 31.90
N SER B 87 32.61 3.03 32.15
CA SER B 87 32.38 4.07 31.16
C SER B 87 33.60 4.33 30.29
N MET B 88 34.75 3.75 30.62
CA MET B 88 35.95 3.85 29.80
C MET B 88 36.29 2.50 29.19
N ARG B 89 37.02 2.53 28.07
CA ARG B 89 37.35 1.34 27.31
C ARG B 89 38.47 0.55 27.99
N PRO B 90 38.58 -0.73 27.70
CA PRO B 90 39.76 -1.49 28.15
C PRO B 90 41.02 -0.93 27.52
N GLY B 91 42.10 -0.87 28.30
CA GLY B 91 43.34 -0.33 27.79
C GLY B 91 43.38 1.17 27.65
N PHE B 92 42.48 1.88 28.33
CA PHE B 92 42.39 3.34 28.21
C PHE B 92 43.73 4.01 28.49
N GLY B 93 44.08 4.97 27.64
CA GLY B 93 45.34 5.70 27.76
C GLY B 93 46.49 5.10 26.97
N GLY B 94 46.32 3.90 26.41
CA GLY B 94 47.38 3.23 25.69
C GLY B 94 46.98 2.90 24.26
N PRO B 95 47.55 1.83 23.73
CA PRO B 95 47.23 1.40 22.36
C PRO B 95 45.77 1.00 22.22
N ALA B 96 45.28 1.12 20.99
CA ALA B 96 43.90 0.78 20.67
C ALA B 96 43.60 -0.70 20.91
N ILE B 97 42.37 -0.99 21.28
CA ILE B 97 41.94 -2.37 21.55
C ILE B 97 41.39 -2.98 20.26
N PRO B 98 41.90 -4.12 19.82
CA PRO B 98 41.35 -4.76 18.62
C PRO B 98 40.03 -5.47 18.88
N VAL B 99 39.10 -5.33 17.93
CA VAL B 99 37.79 -5.97 18.01
C VAL B 99 37.53 -6.72 16.70
N GLY B 100 37.32 -8.03 16.79
CA GLY B 100 37.06 -8.86 15.63
C GLY B 100 35.57 -9.12 15.44
N VAL B 101 35.16 -9.27 14.17
CA VAL B 101 33.76 -9.36 13.79
C VAL B 101 33.53 -10.56 12.86
N ASP B 102 32.44 -11.29 13.08
CA ASP B 102 31.91 -12.30 12.16
C ASP B 102 30.43 -12.03 11.88
N VAL B 103 29.96 -12.42 10.70
CA VAL B 103 28.58 -12.18 10.27
C VAL B 103 27.99 -13.45 9.65
N GLN B 104 26.75 -13.79 10.02
CA GLN B 104 25.98 -14.86 9.38
C GLN B 104 24.67 -14.28 8.85
N VAL B 105 24.46 -14.38 7.56
CA VAL B 105 23.28 -13.80 6.91
C VAL B 105 22.17 -14.86 6.86
N GLU B 106 21.02 -14.53 7.44
CA GLU B 106 19.91 -15.48 7.51
C GLU B 106 18.98 -15.41 6.30
N SER B 107 18.60 -14.20 5.85
CA SER B 107 17.69 -14.09 4.71
C SER B 107 17.76 -12.70 4.10
N LEU B 108 17.26 -12.60 2.87
CA LEU B 108 16.98 -11.34 2.20
C LEU B 108 15.48 -11.18 2.11
N ASP B 109 14.95 -10.13 2.74
CA ASP B 109 13.52 -10.06 2.98
C ASP B 109 12.74 -9.38 1.88
N SER B 110 13.25 -8.32 1.28
CA SER B 110 12.53 -7.59 0.24
C SER B 110 13.49 -6.63 -0.46
N ILE B 111 13.04 -6.09 -1.60
CA ILE B 111 13.76 -5.07 -2.35
C ILE B 111 12.76 -4.12 -3.00
N SER B 112 13.07 -2.84 -3.00
CA SER B 112 12.20 -1.80 -3.54
C SER B 112 12.95 -1.05 -4.64
N GLU B 113 12.47 -1.18 -5.87
CA GLU B 113 13.16 -0.54 -6.99
C GLU B 113 12.88 0.96 -7.09
N VAL B 114 11.68 1.40 -6.72
CA VAL B 114 11.37 2.84 -6.79
C VAL B 114 12.12 3.61 -5.70
N ASP B 115 12.14 3.09 -4.47
CA ASP B 115 12.83 3.76 -3.38
C ASP B 115 14.31 3.40 -3.29
N MET B 116 14.77 2.40 -4.04
CA MET B 116 16.18 2.00 -4.12
C MET B 116 16.75 1.62 -2.75
N ASP B 117 16.24 0.52 -2.20
CA ASP B 117 16.77 -0.04 -0.95
C ASP B 117 16.46 -1.54 -0.87
N PHE B 118 17.09 -2.20 0.11
CA PHE B 118 16.89 -3.63 0.37
C PHE B 118 16.92 -3.91 1.87
N THR B 119 16.35 -5.06 2.28
CA THR B 119 16.21 -5.44 3.68
C THR B 119 16.81 -6.81 3.95
N MET B 120 17.56 -6.95 5.04
CA MET B 120 18.30 -8.16 5.39
C MET B 120 18.20 -8.47 6.89
N THR B 121 18.21 -9.76 7.24
CA THR B 121 18.24 -10.24 8.64
C THR B 121 19.51 -11.06 8.87
N LEU B 122 20.20 -10.76 9.97
CA LEU B 122 21.48 -11.41 10.22
C LEU B 122 21.93 -11.50 11.68
N TYR B 123 22.94 -12.33 11.93
CA TYR B 123 23.57 -12.45 13.24
C TYR B 123 24.91 -11.71 13.24
N LEU B 124 25.14 -10.87 14.25
CA LEU B 124 26.36 -10.10 14.41
C LEU B 124 27.10 -10.53 15.67
N ARG B 125 28.39 -10.88 15.53
CA ARG B 125 29.18 -11.41 16.64
C ARG B 125 30.47 -10.61 16.83
N HIS B 126 30.83 -10.31 18.09
CA HIS B 126 32.01 -9.52 18.44
C HIS B 126 32.94 -10.31 19.36
N TYR B 127 34.25 -10.10 19.21
CA TYR B 127 35.28 -10.73 20.04
C TYR B 127 36.29 -9.71 20.55
N TRP B 128 36.54 -9.69 21.86
CA TRP B 128 37.58 -8.86 22.46
C TRP B 128 37.92 -9.39 23.84
N LYS B 129 38.99 -8.85 24.43
CA LYS B 129 39.46 -9.26 25.75
C LYS B 129 39.43 -8.09 26.73
N ASP B 130 39.04 -8.36 27.97
CA ASP B 130 38.99 -7.36 29.03
C ASP B 130 39.44 -8.01 30.34
N GLU B 131 40.61 -7.62 30.84
CA GLU B 131 41.15 -8.21 32.07
C GLU B 131 40.31 -7.89 33.31
N ARG B 132 39.50 -6.84 33.27
CA ARG B 132 38.68 -6.49 34.42
C ARG B 132 37.57 -7.50 34.68
N LEU B 133 37.23 -8.34 33.71
CA LEU B 133 36.17 -9.32 33.86
C LEU B 133 36.67 -10.71 34.22
N SER B 134 37.97 -10.88 34.43
CA SER B 134 38.52 -12.18 34.80
C SER B 134 38.03 -12.59 36.19
N PHE B 135 37.78 -13.88 36.37
CA PHE B 135 37.28 -14.42 37.63
C PHE B 135 37.97 -15.74 37.94
N PRO B 136 38.14 -16.06 39.22
CA PRO B 136 38.79 -17.34 39.57
C PRO B 136 37.88 -18.53 39.31
N SER B 137 38.51 -19.64 38.95
CA SER B 137 37.77 -20.86 38.68
C SER B 137 38.66 -22.06 38.98
N THR B 138 38.05 -23.14 39.46
CA THR B 138 38.73 -24.39 39.69
C THR B 138 38.63 -25.31 38.49
N ASN B 139 38.04 -24.82 37.40
CA ASN B 139 37.86 -25.55 36.16
C ASN B 139 37.96 -24.54 35.03
N ASN B 140 37.60 -24.97 33.83
CA ASN B 140 37.67 -24.09 32.66
C ASN B 140 36.29 -23.81 32.07
N LEU B 141 35.27 -23.74 32.92
CA LEU B 141 33.92 -23.44 32.47
C LEU B 141 33.68 -21.94 32.40
N SER B 142 32.92 -21.51 31.40
CA SER B 142 32.56 -20.12 31.22
C SER B 142 31.16 -19.83 31.75
N MET B 143 30.87 -18.54 31.92
CA MET B 143 29.58 -18.08 32.42
C MET B 143 28.83 -17.32 31.34
N THR B 144 27.52 -17.54 31.26
CA THR B 144 26.66 -17.00 30.21
C THR B 144 25.59 -16.09 30.80
N PHE B 145 25.37 -14.94 30.17
CA PHE B 145 24.41 -13.96 30.60
C PHE B 145 23.55 -13.49 29.43
N ASP B 146 22.38 -12.96 29.74
CA ASP B 146 21.50 -12.36 28.74
C ASP B 146 21.71 -10.85 28.69
N GLY B 147 20.80 -10.15 28.01
CA GLY B 147 20.95 -8.73 27.72
C GLY B 147 20.94 -7.81 28.93
N ARG B 148 20.53 -8.27 30.10
CA ARG B 148 20.45 -7.39 31.26
C ARG B 148 21.83 -6.98 31.77
N LEU B 149 22.86 -7.78 31.51
CA LEU B 149 24.21 -7.43 31.95
C LEU B 149 24.87 -6.37 31.07
N VAL B 150 24.35 -6.15 29.86
CA VAL B 150 25.01 -5.26 28.91
C VAL B 150 25.11 -3.84 29.46
N LYS B 151 24.08 -3.38 30.18
CA LYS B 151 24.09 -2.03 30.72
C LYS B 151 25.08 -1.84 31.86
N LYS B 152 25.69 -2.91 32.37
CA LYS B 152 26.60 -2.79 33.50
C LYS B 152 28.08 -2.81 33.12
N ILE B 153 28.42 -3.16 31.88
CA ILE B 153 29.80 -3.26 31.45
C ILE B 153 29.98 -2.47 30.16
N TRP B 154 31.23 -2.35 29.73
CA TRP B 154 31.57 -1.68 28.47
C TRP B 154 31.42 -2.66 27.30
N VAL B 155 30.78 -2.22 26.23
CA VAL B 155 30.68 -2.98 24.98
C VAL B 155 30.91 -2.04 23.80
N PRO B 156 31.35 -2.58 22.66
CA PRO B 156 31.54 -1.74 21.45
C PRO B 156 30.22 -1.21 20.87
N ASP B 157 30.28 -0.01 20.29
CA ASP B 157 29.11 0.71 19.77
C ASP B 157 29.04 0.69 18.24
N MET B 158 28.77 -0.46 17.63
CA MET B 158 28.68 -0.53 16.18
C MET B 158 27.34 0.00 15.66
N PHE B 159 27.35 0.58 14.46
CA PHE B 159 26.14 1.04 13.78
C PHE B 159 26.28 0.84 12.27
N PHE B 160 25.15 0.85 11.56
CA PHE B 160 25.12 0.59 10.13
C PHE B 160 25.07 1.89 9.34
N VAL B 161 26.07 2.11 8.48
CA VAL B 161 26.20 3.35 7.71
C VAL B 161 25.26 3.30 6.52
N HIS B 162 24.63 4.43 6.21
CA HIS B 162 23.71 4.58 5.08
C HIS B 162 22.46 3.70 5.23
N SER B 163 21.96 3.51 6.44
CA SER B 163 20.73 2.76 6.64
C SER B 163 19.55 3.70 6.86
N LYS B 164 18.35 3.18 6.59
CA LYS B 164 17.12 3.94 6.76
C LYS B 164 16.35 3.58 8.02
N ARG B 165 16.42 2.33 8.48
CA ARG B 165 15.74 1.87 9.69
C ARG B 165 16.28 0.51 10.09
N SER B 166 16.21 0.18 11.39
CA SER B 166 16.68 -1.11 11.90
C SER B 166 16.13 -1.34 13.30
N PHE B 167 16.16 -2.61 13.74
CA PHE B 167 15.71 -2.97 15.09
C PHE B 167 16.31 -4.31 15.49
N ILE B 168 16.29 -4.56 16.81
CA ILE B 168 16.78 -5.80 17.42
C ILE B 168 15.56 -6.63 17.86
N HIS B 169 15.54 -7.91 17.49
CA HIS B 169 14.41 -8.79 17.78
C HIS B 169 14.28 -9.05 19.29
N ASP B 170 13.02 -9.13 19.78
CA ASP B 170 12.80 -9.20 21.22
C ASP B 170 11.72 -10.20 21.65
N THR B 171 11.48 -11.26 20.88
CA THR B 171 10.52 -12.31 21.26
C THR B 171 11.26 -13.64 21.36
N THR B 172 11.05 -14.39 22.45
CA THR B 172 10.18 -14.03 23.58
C THR B 172 10.85 -13.10 24.58
N THR B 173 12.16 -12.92 24.44
CA THR B 173 12.91 -11.91 25.18
C THR B 173 13.96 -11.36 24.22
N ASP B 174 14.75 -10.39 24.69
CA ASP B 174 15.78 -9.80 23.82
C ASP B 174 16.76 -10.86 23.34
N ASN B 175 17.01 -10.89 22.02
CA ASN B 175 17.86 -11.90 21.40
C ASN B 175 19.34 -11.46 21.49
N VAL B 176 19.86 -11.45 22.72
CA VAL B 176 21.22 -11.00 23.02
C VAL B 176 21.88 -11.99 23.98
N MET B 177 23.18 -12.00 23.98
CA MET B 177 23.86 -12.81 24.98
C MET B 177 25.35 -12.46 25.07
N LEU B 178 25.93 -12.67 26.25
CA LEU B 178 27.35 -12.45 26.51
C LEU B 178 27.98 -13.66 27.22
N ARG B 179 29.06 -14.19 26.66
CA ARG B 179 29.77 -15.31 27.25
C ARG B 179 31.16 -14.87 27.68
N VAL B 180 31.54 -15.19 28.91
CA VAL B 180 32.79 -14.69 29.47
C VAL B 180 33.66 -15.87 29.90
N GLN B 181 34.89 -15.90 29.40
CA GLN B 181 35.87 -16.91 29.77
C GLN B 181 36.57 -16.55 31.08
N PRO B 182 37.15 -17.54 31.76
CA PRO B 182 37.86 -17.23 33.02
C PRO B 182 38.97 -16.19 32.89
N ASP B 183 39.62 -16.09 31.73
CA ASP B 183 40.71 -15.15 31.53
C ASP B 183 40.25 -13.79 30.99
N GLY B 184 38.96 -13.59 30.79
CA GLY B 184 38.45 -12.30 30.36
C GLY B 184 38.12 -12.14 28.90
N LYS B 185 38.15 -13.21 28.11
CA LYS B 185 37.70 -13.16 26.72
C LYS B 185 36.18 -13.15 26.65
N VAL B 186 35.63 -12.34 25.74
CA VAL B 186 34.20 -12.07 25.67
C VAL B 186 33.70 -12.34 24.25
N LEU B 187 32.54 -12.98 24.14
CA LEU B 187 31.77 -13.10 22.90
C LEU B 187 30.42 -12.40 23.07
N TYR B 188 30.06 -11.57 22.10
CA TYR B 188 28.86 -10.74 22.14
C TYR B 188 28.06 -10.94 20.86
N SER B 189 26.83 -11.46 20.97
CA SER B 189 26.04 -11.93 19.83
C SER B 189 24.61 -11.38 19.88
N LEU B 190 24.11 -10.92 18.74
CA LEU B 190 22.74 -10.41 18.67
C LEU B 190 22.16 -10.55 17.26
N ARG B 191 20.84 -10.58 17.18
CA ARG B 191 20.08 -10.81 15.94
C ARG B 191 19.33 -9.54 15.54
N VAL B 192 19.54 -9.08 14.30
CA VAL B 192 19.08 -7.75 13.86
C VAL B 192 18.52 -7.79 12.44
N THR B 193 17.62 -6.85 12.14
CA THR B 193 17.08 -6.62 10.79
C THR B 193 17.33 -5.18 10.38
N VAL B 194 17.81 -4.98 9.14
CA VAL B 194 18.25 -3.65 8.68
C VAL B 194 17.77 -3.39 7.26
N THR B 195 17.38 -2.14 6.98
CA THR B 195 17.06 -1.65 5.64
C THR B 195 18.11 -0.64 5.20
N ALA B 196 18.74 -0.86 4.05
CA ALA B 196 19.87 -0.05 3.59
C ALA B 196 19.66 0.45 2.15
N MET B 197 20.24 1.60 1.85
CA MET B 197 20.10 2.23 0.54
C MET B 197 21.01 1.58 -0.51
N CYS B 198 20.56 1.56 -1.77
CA CYS B 198 21.35 0.97 -2.88
C CYS B 198 21.03 1.74 -4.18
N ASN B 199 21.88 2.70 -4.60
CA ASN B 199 21.66 3.43 -5.85
C ASN B 199 21.68 2.50 -7.05
N MET B 200 20.66 2.59 -7.90
CA MET B 200 20.49 1.72 -9.04
C MET B 200 20.43 2.54 -10.34
N ASP B 201 20.81 1.91 -11.45
CA ASP B 201 20.82 2.52 -12.77
C ASP B 201 20.05 1.62 -13.72
N PHE B 202 18.95 2.14 -14.28
CA PHE B 202 18.06 1.37 -15.13
C PHE B 202 18.20 1.68 -16.62
N SER B 203 19.32 2.26 -17.04
CA SER B 203 19.50 2.64 -18.44
C SER B 203 19.44 1.43 -19.38
N ARG B 204 19.99 0.30 -18.96
CA ARG B 204 20.10 -0.89 -19.80
C ARG B 204 18.99 -1.91 -19.54
N PHE B 205 17.95 -1.55 -18.80
CA PHE B 205 16.87 -2.46 -18.48
C PHE B 205 16.27 -3.04 -19.77
N PRO B 206 15.98 -4.36 -19.81
CA PRO B 206 16.08 -5.36 -18.74
C PRO B 206 17.41 -6.12 -18.67
N LEU B 207 18.47 -5.59 -19.29
CA LEU B 207 19.77 -6.25 -19.31
C LEU B 207 20.75 -5.61 -18.33
N ASP B 208 20.26 -4.95 -17.30
CA ASP B 208 21.08 -4.23 -16.33
C ASP B 208 21.62 -5.19 -15.26
N THR B 209 22.71 -4.77 -14.62
CA THR B 209 23.33 -5.44 -13.49
C THR B 209 23.53 -4.44 -12.36
N GLN B 210 23.23 -4.85 -11.13
CA GLN B 210 23.33 -3.97 -9.97
C GLN B 210 24.28 -4.55 -8.92
N THR B 211 24.99 -3.66 -8.22
CA THR B 211 25.87 -4.04 -7.10
C THR B 211 25.44 -3.31 -5.83
N CYS B 212 25.27 -4.06 -4.74
CA CYS B 212 24.86 -3.47 -3.46
C CYS B 212 25.86 -3.80 -2.35
N SER B 213 25.78 -3.08 -1.23
CA SER B 213 26.67 -3.30 -0.10
C SER B 213 26.01 -2.90 1.22
N LEU B 214 26.47 -3.52 2.31
CA LEU B 214 26.12 -3.17 3.68
C LEU B 214 27.39 -2.82 4.44
N GLU B 215 27.38 -1.72 5.20
CA GLU B 215 28.57 -1.14 5.82
C GLU B 215 28.43 -1.03 7.33
N ILE B 216 29.52 -1.33 8.05
CA ILE B 216 29.56 -1.38 9.51
C ILE B 216 30.71 -0.50 10.01
N GLU B 217 30.44 0.32 11.04
CA GLU B 217 31.40 1.30 11.55
C GLU B 217 31.12 1.61 13.02
N SER B 218 32.16 2.04 13.73
CA SER B 218 32.02 2.53 15.10
C SER B 218 31.50 3.98 15.12
N TYR B 219 30.59 4.28 16.05
CA TYR B 219 30.02 5.63 16.09
C TYR B 219 30.99 6.65 16.70
N ALA B 220 31.63 6.32 17.81
CA ALA B 220 32.32 7.33 18.60
C ALA B 220 33.83 7.13 18.77
N TYR B 221 34.41 6.01 18.36
CA TYR B 221 35.83 5.73 18.59
C TYR B 221 36.60 5.73 17.29
N THR B 222 37.65 6.56 17.22
CA THR B 222 38.53 6.60 16.07
C THR B 222 39.51 5.42 16.10
N GLU B 223 40.27 5.27 15.02
CA GLU B 223 41.22 4.17 14.89
C GLU B 223 42.35 4.25 15.92
N ASP B 224 42.53 5.38 16.59
CA ASP B 224 43.54 5.45 17.64
C ASP B 224 43.07 4.79 18.94
N ASP B 225 41.76 4.63 19.13
CA ASP B 225 41.21 4.02 20.33
C ASP B 225 40.63 2.62 20.10
N LEU B 226 40.10 2.33 18.91
CA LEU B 226 39.47 1.04 18.63
C LEU B 226 39.86 0.60 17.23
N MET B 227 40.38 -0.62 17.09
CA MET B 227 40.81 -1.17 15.81
C MET B 227 39.85 -2.29 15.41
N LEU B 228 39.06 -2.04 14.37
CA LEU B 228 38.00 -2.95 13.92
C LEU B 228 38.45 -3.71 12.66
N TYR B 229 38.30 -5.03 12.68
CA TYR B 229 38.78 -5.89 11.58
C TYR B 229 37.93 -7.15 11.47
N TRP B 230 37.99 -7.80 10.30
CA TRP B 230 37.36 -9.10 10.09
C TRP B 230 38.16 -10.18 10.79
N LYS B 231 37.49 -10.99 11.62
CA LYS B 231 38.22 -11.89 12.50
C LYS B 231 38.99 -12.96 11.72
N LYS B 232 38.41 -13.53 10.68
CA LYS B 232 39.05 -14.60 9.92
C LYS B 232 39.11 -14.29 8.43
N GLY B 233 39.29 -13.01 8.08
CA GLY B 233 39.38 -12.64 6.67
C GLY B 233 38.09 -12.94 5.91
N ASN B 234 38.21 -13.59 4.76
CA ASN B 234 37.05 -13.93 3.94
C ASN B 234 36.26 -15.11 4.49
N ASP B 235 36.78 -15.83 5.47
CA ASP B 235 36.04 -16.90 6.12
C ASP B 235 35.09 -16.39 7.19
N SER B 236 35.04 -15.08 7.44
CA SER B 236 34.19 -14.50 8.45
C SER B 236 32.74 -14.33 8.01
N LEU B 237 32.42 -14.57 6.74
CA LEU B 237 31.09 -14.35 6.19
C LEU B 237 30.48 -15.69 5.79
N LYS B 238 29.30 -15.99 6.32
CA LYS B 238 28.53 -17.18 5.94
C LYS B 238 27.14 -16.77 5.50
N THR B 239 26.59 -17.50 4.53
CA THR B 239 25.26 -17.23 4.00
C THR B 239 24.41 -18.49 4.00
N ASP B 240 23.11 -18.32 4.17
CA ASP B 240 22.17 -19.43 4.22
C ASP B 240 22.05 -20.12 2.86
N GLU B 241 21.90 -21.45 2.89
CA GLU B 241 21.87 -22.23 1.66
C GLU B 241 20.65 -21.93 0.78
N ARG B 242 19.58 -21.39 1.34
CA ARG B 242 18.34 -21.19 0.60
C ARG B 242 17.99 -19.71 0.45
N ILE B 243 18.98 -18.83 0.46
CA ILE B 243 18.73 -17.41 0.29
C ILE B 243 18.29 -17.13 -1.15
N SER B 244 17.21 -16.37 -1.30
CA SER B 244 16.67 -16.12 -2.63
C SER B 244 15.80 -14.88 -2.64
N LEU B 245 15.62 -14.32 -3.83
CA LEU B 245 14.69 -13.23 -4.09
C LEU B 245 13.79 -13.64 -5.24
N SER B 246 12.57 -13.11 -5.25
CA SER B 246 11.58 -13.56 -6.21
C SER B 246 11.96 -13.17 -7.64
N GLN B 247 12.37 -11.92 -7.86
CA GLN B 247 12.61 -11.42 -9.21
C GLN B 247 14.09 -11.27 -9.58
N PHE B 248 15.03 -11.70 -8.73
CA PHE B 248 16.46 -11.53 -9.02
C PHE B 248 17.24 -12.81 -8.75
N LEU B 249 18.38 -12.94 -9.42
CA LEU B 249 19.41 -13.92 -9.10
C LEU B 249 20.53 -13.24 -8.31
N ILE B 250 21.05 -13.93 -7.29
CA ILE B 250 22.04 -13.37 -6.36
C ILE B 250 23.34 -14.14 -6.50
N GLN B 251 24.46 -13.42 -6.57
CA GLN B 251 25.77 -14.07 -6.75
C GLN B 251 26.88 -13.23 -6.14
N GLU B 252 28.01 -13.90 -5.88
CA GLU B 252 29.30 -13.28 -5.58
C GLU B 252 29.33 -12.47 -4.29
N PHE B 253 29.08 -13.12 -3.14
CA PHE B 253 29.29 -12.51 -1.83
C PHE B 253 30.78 -12.46 -1.50
N HIS B 254 31.23 -11.32 -0.98
CA HIS B 254 32.60 -11.18 -0.48
C HIS B 254 32.70 -9.94 0.41
N THR B 255 33.82 -9.82 1.12
CA THR B 255 34.07 -8.73 2.08
C THR B 255 35.27 -7.89 1.67
N THR B 256 35.24 -6.61 2.08
CA THR B 256 36.36 -5.67 1.94
C THR B 256 36.42 -4.73 3.15
N THR B 257 37.49 -3.94 3.24
CA THR B 257 37.67 -2.93 4.26
C THR B 257 38.27 -1.65 3.66
N LYS B 258 37.98 -0.50 4.29
CA LYS B 258 38.49 0.78 3.83
C LYS B 258 38.42 1.82 4.96
N LEU B 259 39.36 2.76 4.95
CA LEU B 259 39.41 3.84 5.93
C LEU B 259 38.60 5.05 5.46
N ALA B 260 37.85 5.65 6.38
CA ALA B 260 37.01 6.81 6.10
C ALA B 260 37.42 7.99 6.98
N PHE B 261 37.28 9.20 6.45
CA PHE B 261 37.70 10.41 7.12
C PHE B 261 36.52 11.33 7.40
N TYR B 262 36.42 11.82 8.62
CA TYR B 262 35.44 12.82 9.02
C TYR B 262 36.18 14.06 9.52
N SER B 263 35.86 15.21 8.95
CA SER B 263 36.53 16.43 9.38
C SER B 263 36.20 16.80 10.81
N SER B 264 35.06 16.35 11.33
CA SER B 264 34.70 16.68 12.70
C SER B 264 35.53 15.92 13.72
N THR B 265 35.89 14.67 13.45
CA THR B 265 36.57 13.88 14.49
C THR B 265 37.78 13.07 14.05
N GLY B 266 37.94 12.68 12.78
CA GLY B 266 39.13 11.95 12.41
C GLY B 266 38.88 10.73 11.55
N TRP B 267 39.78 9.74 11.59
CA TRP B 267 39.76 8.56 10.73
C TRP B 267 39.10 7.36 11.42
N TYR B 268 38.30 6.61 10.66
CA TYR B 268 37.58 5.44 11.17
C TYR B 268 37.72 4.26 10.21
N ASN B 269 37.72 3.05 10.78
CA ASN B 269 37.70 1.82 9.98
C ASN B 269 36.27 1.45 9.57
N ARG B 270 36.09 1.06 8.32
CA ARG B 270 34.78 0.66 7.79
C ARG B 270 34.86 -0.71 7.12
N LEU B 271 33.87 -1.57 7.39
CA LEU B 271 33.79 -2.92 6.81
C LEU B 271 32.62 -3.01 5.84
N TYR B 272 32.79 -3.82 4.77
CA TYR B 272 31.82 -3.93 3.68
C TYR B 272 31.43 -5.39 3.40
N ILE B 273 30.16 -5.60 3.05
CA ILE B 273 29.63 -6.86 2.53
C ILE B 273 29.04 -6.58 1.14
N ASN B 274 29.56 -7.23 0.10
CA ASN B 274 29.22 -6.93 -1.29
C ASN B 274 28.55 -8.13 -1.97
N PHE B 275 27.59 -7.84 -2.88
CA PHE B 275 26.93 -8.87 -3.69
C PHE B 275 26.33 -8.23 -4.95
N THR B 276 25.94 -9.08 -5.91
CA THR B 276 25.48 -8.68 -7.25
C THR B 276 24.12 -9.30 -7.59
N LEU B 277 23.30 -8.58 -8.36
CA LEU B 277 21.96 -9.00 -8.76
C LEU B 277 21.79 -9.02 -10.28
N ARG B 278 21.05 -10.02 -10.80
CA ARG B 278 20.73 -10.13 -12.23
C ARG B 278 19.28 -10.59 -12.41
N ARG B 279 18.71 -10.26 -13.59
CA ARG B 279 17.33 -10.63 -13.95
C ARG B 279 17.28 -11.89 -14.82
N HIS B 280 16.06 -12.39 -15.03
CA HIS B 280 15.79 -13.52 -15.93
C HIS B 280 15.48 -12.98 -17.33
N ILE B 281 16.43 -13.10 -18.26
CA ILE B 281 16.31 -12.40 -19.54
C ILE B 281 15.19 -12.99 -20.41
N PHE B 282 15.04 -14.32 -20.41
CA PHE B 282 14.11 -14.96 -21.36
C PHE B 282 12.67 -14.58 -21.11
N PHE B 283 12.28 -14.39 -19.85
CA PHE B 283 10.93 -13.93 -19.54
C PHE B 283 10.65 -12.59 -20.21
N PHE B 284 11.58 -11.64 -20.10
CA PHE B 284 11.38 -10.33 -20.70
C PHE B 284 11.41 -10.40 -22.22
N LEU B 285 12.28 -11.23 -22.80
CA LEU B 285 12.30 -11.38 -24.25
C LEU B 285 10.94 -11.85 -24.75
N LEU B 286 10.41 -12.91 -24.14
CA LEU B 286 9.12 -13.46 -24.57
C LEU B 286 7.98 -12.48 -24.34
N GLN B 287 8.00 -11.75 -23.22
CA GLN B 287 6.87 -10.88 -22.90
C GLN B 287 6.87 -9.58 -23.70
N THR B 288 8.03 -9.06 -24.10
CA THR B 288 8.07 -7.76 -24.73
C THR B 288 8.55 -7.79 -26.17
N TYR B 289 9.72 -8.37 -26.43
CA TYR B 289 10.33 -8.20 -27.75
C TYR B 289 9.59 -9.03 -28.80
N PHE B 290 9.06 -10.20 -28.41
CA PHE B 290 8.38 -11.10 -29.35
C PHE B 290 7.14 -10.49 -29.99
N PRO B 291 6.14 -10.01 -29.23
CA PRO B 291 4.93 -9.46 -29.88
C PRO B 291 5.19 -8.27 -30.79
N ALA B 292 6.12 -7.39 -30.43
CA ALA B 292 6.39 -6.22 -31.26
C ALA B 292 6.98 -6.62 -32.61
N THR B 293 7.91 -7.57 -32.60
CA THR B 293 8.46 -8.08 -33.86
C THR B 293 7.38 -8.75 -34.69
N LEU B 294 6.49 -9.51 -34.05
CA LEU B 294 5.40 -10.16 -34.78
C LEU B 294 4.48 -9.14 -35.45
N MET B 295 4.16 -8.05 -34.74
CA MET B 295 3.27 -7.05 -35.34
C MET B 295 3.96 -6.29 -36.48
N VAL B 296 5.26 -6.02 -36.36
CA VAL B 296 5.97 -5.40 -37.48
C VAL B 296 5.96 -6.33 -38.69
N MET B 297 6.17 -7.64 -38.49
CA MET B 297 6.12 -8.56 -39.62
C MET B 297 4.70 -8.64 -40.21
N LEU B 298 3.68 -8.53 -39.36
CA LEU B 298 2.31 -8.56 -39.84
C LEU B 298 1.99 -7.35 -40.72
N SER B 299 2.56 -6.19 -40.41
CA SER B 299 2.27 -5.01 -41.23
C SER B 299 2.82 -5.14 -42.66
N TRP B 300 3.75 -6.05 -42.91
CA TRP B 300 4.32 -6.21 -44.24
C TRP B 300 3.42 -7.02 -45.19
N VAL B 301 2.36 -7.64 -44.68
CA VAL B 301 1.48 -8.48 -45.50
C VAL B 301 0.76 -7.63 -46.55
N SER B 302 0.43 -6.39 -46.20
CA SER B 302 -0.31 -5.52 -47.13
C SER B 302 0.43 -5.28 -48.44
N PHE B 303 1.76 -5.45 -48.47
CA PHE B 303 2.50 -5.20 -49.70
C PHE B 303 2.21 -6.26 -50.77
N TRP B 304 1.63 -7.40 -50.40
CA TRP B 304 1.32 -8.47 -51.33
C TRP B 304 -0.17 -8.53 -51.70
N ILE B 305 -0.98 -7.60 -51.22
CA ILE B 305 -2.43 -7.58 -51.47
C ILE B 305 -2.72 -6.67 -52.65
N ASP B 306 -3.70 -7.04 -53.46
CA ASP B 306 -4.13 -6.27 -54.63
C ASP B 306 -4.44 -4.83 -54.27
N ARG B 307 -3.80 -3.89 -54.98
CA ARG B 307 -3.96 -2.47 -54.68
C ARG B 307 -5.37 -1.95 -54.98
N ARG B 308 -6.17 -2.68 -55.74
CA ARG B 308 -7.53 -2.28 -56.04
C ARG B 308 -8.49 -2.57 -54.89
N ALA B 309 -8.09 -3.37 -53.91
CA ALA B 309 -8.93 -3.69 -52.75
C ALA B 309 -8.70 -2.69 -51.63
N VAL B 310 -9.20 -1.46 -51.86
CA VAL B 310 -9.07 -0.40 -50.85
C VAL B 310 -9.75 -0.75 -49.53
N PRO B 311 -11.01 -1.23 -49.52
CA PRO B 311 -11.66 -1.56 -48.24
C PRO B 311 -11.01 -2.71 -47.49
N ALA B 312 -10.04 -3.39 -48.08
CA ALA B 312 -9.22 -4.35 -47.34
C ALA B 312 -7.89 -3.77 -46.89
N ARG B 313 -7.26 -2.94 -47.72
CA ARG B 313 -5.94 -2.41 -47.37
C ARG B 313 -6.00 -1.40 -46.24
N VAL B 314 -6.99 -0.49 -46.24
CA VAL B 314 -7.00 0.57 -45.24
C VAL B 314 -7.26 0.07 -43.82
N PRO B 315 -8.35 -0.68 -43.58
CA PRO B 315 -8.63 -1.11 -42.19
C PRO B 315 -7.53 -1.96 -41.61
N LEU B 316 -6.82 -2.73 -42.43
CA LEU B 316 -5.72 -3.56 -41.94
C LEU B 316 -4.62 -2.70 -41.30
N GLY B 317 -4.20 -1.65 -42.00
CA GLY B 317 -3.17 -0.77 -41.46
C GLY B 317 -3.61 -0.06 -40.20
N ILE B 318 -4.83 0.51 -40.20
CA ILE B 318 -5.24 1.24 -39.01
C ILE B 318 -5.41 0.31 -37.80
N THR B 319 -5.89 -0.92 -38.03
CA THR B 319 -6.05 -1.87 -36.93
C THR B 319 -4.69 -2.34 -36.41
N THR B 320 -3.69 -2.49 -37.29
CA THR B 320 -2.35 -2.83 -36.83
C THR B 320 -1.79 -1.73 -35.93
N VAL B 321 -2.02 -0.47 -36.30
CA VAL B 321 -1.58 0.65 -35.44
C VAL B 321 -2.25 0.57 -34.07
N LEU B 322 -3.57 0.33 -34.05
CA LEU B 322 -4.27 0.22 -32.76
C LEU B 322 -3.71 -0.92 -31.90
N THR B 323 -3.44 -2.08 -32.52
CA THR B 323 -2.90 -3.21 -31.77
C THR B 323 -1.54 -2.90 -31.15
N MET B 324 -0.65 -2.28 -31.93
CA MET B 324 0.67 -1.92 -31.40
C MET B 324 0.55 -0.92 -30.25
N SER B 325 -0.37 0.04 -30.36
CA SER B 325 -0.57 0.98 -29.27
C SER B 325 -1.03 0.29 -27.98
N THR B 326 -1.97 -0.65 -28.10
CA THR B 326 -2.43 -1.35 -26.90
C THR B 326 -1.32 -2.20 -26.29
N ILE B 327 -0.46 -2.79 -27.12
CA ILE B 327 0.67 -3.55 -26.59
C ILE B 327 1.60 -2.65 -25.79
N ILE B 328 1.94 -1.47 -26.34
CA ILE B 328 2.87 -0.58 -25.65
C ILE B 328 2.28 -0.10 -24.32
N THR B 329 0.99 0.26 -24.32
CA THR B 329 0.36 0.69 -23.07
C THR B 329 0.40 -0.43 -22.02
N GLY B 330 0.08 -1.66 -22.43
CA GLY B 330 0.13 -2.77 -21.49
C GLY B 330 1.53 -3.01 -20.94
N VAL B 331 2.54 -2.90 -21.78
CA VAL B 331 3.91 -3.11 -21.32
C VAL B 331 4.31 -2.02 -20.34
N ASN B 332 3.95 -0.76 -20.63
CA ASN B 332 4.26 0.32 -19.69
C ASN B 332 3.61 0.08 -18.34
N ALA B 333 2.41 -0.49 -18.34
CA ALA B 333 1.71 -0.66 -17.07
C ALA B 333 2.38 -1.67 -16.13
N SER B 334 3.27 -2.53 -16.63
CA SER B 334 3.82 -3.63 -15.84
C SER B 334 5.27 -3.46 -15.41
N MET B 335 5.92 -2.39 -15.81
CA MET B 335 7.31 -2.16 -15.40
C MET B 335 7.36 -1.24 -14.18
N PRO B 336 8.47 -1.25 -13.43
CA PRO B 336 8.59 -0.31 -12.31
C PRO B 336 8.56 1.14 -12.79
N ARG B 337 7.91 2.00 -12.00
CA ARG B 337 7.63 3.38 -12.40
C ARG B 337 8.90 4.22 -12.28
N VAL B 338 9.77 4.08 -13.26
CA VAL B 338 11.01 4.85 -13.36
C VAL B 338 10.89 5.76 -14.58
N SER B 339 10.95 7.07 -14.35
CA SER B 339 10.62 8.06 -15.39
C SER B 339 11.87 8.57 -16.10
N TYR B 340 12.56 7.68 -16.81
CA TYR B 340 13.55 8.09 -17.79
C TYR B 340 13.73 6.96 -18.79
N ILE B 341 14.44 7.26 -19.88
CA ILE B 341 14.43 6.43 -21.08
C ILE B 341 15.27 5.16 -20.85
N LYS B 342 14.69 4.01 -21.18
CA LYS B 342 15.34 2.71 -21.09
C LYS B 342 15.40 2.05 -22.47
N ALA B 343 16.24 1.02 -22.57
CA ALA B 343 16.52 0.38 -23.87
C ALA B 343 15.25 -0.21 -24.49
N VAL B 344 14.41 -0.85 -23.69
CA VAL B 344 13.19 -1.48 -24.20
C VAL B 344 12.23 -0.44 -24.80
N ASP B 345 12.21 0.78 -24.26
CA ASP B 345 11.41 1.86 -24.84
C ASP B 345 11.89 2.24 -26.23
N ILE B 346 13.21 2.27 -26.43
CA ILE B 346 13.76 2.56 -27.74
C ILE B 346 13.29 1.53 -28.77
N TYR B 347 13.40 0.25 -28.41
CA TYR B 347 12.96 -0.81 -29.31
C TYR B 347 11.47 -0.67 -29.66
N LEU B 348 10.62 -0.44 -28.65
CA LEU B 348 9.19 -0.37 -28.89
C LEU B 348 8.80 0.81 -29.79
N TRP B 349 9.39 1.98 -29.56
CA TRP B 349 8.97 3.15 -30.33
C TRP B 349 9.52 3.13 -31.75
N VAL B 350 10.70 2.52 -31.98
CA VAL B 350 11.16 2.30 -33.36
C VAL B 350 10.20 1.38 -34.11
N SER B 351 9.74 0.31 -33.44
CA SER B 351 8.77 -0.59 -34.08
C SER B 351 7.48 0.14 -34.43
N PHE B 352 7.01 1.02 -33.53
CA PHE B 352 5.81 1.81 -33.79
C PHE B 352 5.98 2.70 -35.04
N VAL B 353 7.15 3.31 -35.18
CA VAL B 353 7.42 4.15 -36.35
C VAL B 353 7.37 3.31 -37.64
N PHE B 354 7.93 2.10 -37.61
CA PHE B 354 7.85 1.24 -38.79
C PHE B 354 6.40 0.98 -39.19
N VAL B 355 5.52 0.69 -38.21
CA VAL B 355 4.12 0.43 -38.52
C VAL B 355 3.44 1.65 -39.13
N PHE B 356 3.75 2.84 -38.62
CA PHE B 356 3.20 4.09 -39.13
C PHE B 356 3.60 4.31 -40.59
N LEU B 357 4.87 4.09 -40.92
CA LEU B 357 5.31 4.30 -42.31
C LEU B 357 4.62 3.35 -43.29
N SER B 358 4.28 2.13 -42.85
CA SER B 358 3.59 1.19 -43.73
C SER B 358 2.21 1.69 -44.15
N VAL B 359 1.59 2.54 -43.33
CA VAL B 359 0.31 3.10 -43.75
C VAL B 359 0.50 4.26 -44.72
N LEU B 360 1.50 5.10 -44.49
CA LEU B 360 1.78 6.18 -45.43
C LEU B 360 2.07 5.64 -46.84
N GLU B 361 2.71 4.48 -46.92
CA GLU B 361 3.06 3.91 -48.23
C GLU B 361 1.82 3.65 -49.08
N TYR B 362 0.79 3.04 -48.50
CA TYR B 362 -0.41 2.75 -49.29
C TYR B 362 -1.19 4.00 -49.61
N ALA B 363 -1.18 5.00 -48.73
CA ALA B 363 -1.81 6.27 -49.06
C ALA B 363 -1.23 6.84 -50.34
N ALA B 364 0.11 6.83 -50.46
CA ALA B 364 0.73 7.35 -51.68
C ALA B 364 0.34 6.52 -52.91
N VAL B 365 0.32 5.20 -52.78
CA VAL B 365 -0.01 4.33 -53.90
C VAL B 365 -1.43 4.61 -54.40
N ASN B 366 -2.38 4.72 -53.48
CA ASN B 366 -3.76 4.93 -53.89
C ASN B 366 -3.94 6.26 -54.60
N TYR B 367 -3.31 7.32 -54.09
CA TYR B 367 -3.43 8.62 -54.74
C TYR B 367 -2.87 8.60 -56.15
N LEU B 368 -1.70 7.99 -56.35
CA LEU B 368 -1.09 7.98 -57.67
C LEU B 368 -1.93 7.18 -58.67
N THR B 369 -2.48 6.04 -58.23
CA THR B 369 -3.32 5.25 -59.13
C THR B 369 -4.55 6.03 -59.56
N THR B 370 -5.20 6.72 -58.62
CA THR B 370 -6.37 7.51 -58.96
C THR B 370 -6.03 8.60 -59.95
N VAL B 371 -4.89 9.27 -59.76
CA VAL B 371 -4.48 10.31 -60.68
C VAL B 371 -4.31 9.75 -62.08
N GLN B 372 -3.67 8.59 -62.21
CA GLN B 372 -3.43 8.02 -63.53
C GLN B 372 -4.74 7.64 -64.21
N GLU B 373 -5.67 7.05 -63.49
CA GLU B 373 -6.94 6.67 -64.10
C GLU B 373 -7.71 7.88 -64.58
N ARG B 374 -7.76 8.94 -63.76
CA ARG B 374 -8.46 10.15 -64.16
C ARG B 374 -7.83 10.77 -65.40
N LYS B 375 -6.50 10.79 -65.46
CA LYS B 375 -5.82 11.35 -66.63
C LYS B 375 -6.13 10.54 -67.88
N GLU B 376 -6.13 9.21 -67.77
CA GLU B 376 -6.39 8.39 -68.95
C GLU B 376 -7.80 8.59 -69.47
N GLN B 377 -8.79 8.65 -68.58
CA GLN B 377 -10.16 8.86 -69.04
C GLN B 377 -10.33 10.25 -69.65
N ASP B 451 -1.39 -5.17 -62.89
CA ASP B 451 0.04 -5.12 -62.63
C ASP B 451 0.35 -4.55 -61.26
N THR B 452 1.59 -4.76 -60.78
CA THR B 452 2.02 -4.26 -59.49
C THR B 452 2.68 -2.90 -59.64
N HIS B 453 2.31 -1.96 -58.78
CA HIS B 453 2.92 -0.64 -58.75
C HIS B 453 4.36 -0.74 -58.25
N ALA B 454 5.21 0.16 -58.76
CA ALA B 454 6.64 0.12 -58.44
C ALA B 454 6.91 0.29 -56.95
N ILE B 455 6.09 1.09 -56.26
CA ILE B 455 6.31 1.36 -54.84
C ILE B 455 6.16 0.08 -54.02
N ASP B 456 5.15 -0.72 -54.31
CA ASP B 456 5.01 -2.01 -53.63
C ASP B 456 6.21 -2.91 -53.88
N LYS B 457 6.68 -2.95 -55.12
CA LYS B 457 7.81 -3.81 -55.48
C LYS B 457 9.06 -3.42 -54.71
N TYR B 458 9.33 -2.12 -54.56
CA TYR B 458 10.50 -1.72 -53.80
C TYR B 458 10.31 -1.91 -52.30
N SER B 459 9.10 -1.64 -51.79
CA SER B 459 8.85 -1.77 -50.34
C SER B 459 9.02 -3.21 -49.87
N ARG B 460 8.59 -4.16 -50.70
CA ARG B 460 8.71 -5.58 -50.34
C ARG B 460 10.14 -5.97 -50.00
N ILE B 461 11.12 -5.27 -50.57
CA ILE B 461 12.52 -5.52 -50.28
C ILE B 461 13.06 -4.59 -49.21
N ILE B 462 12.71 -3.30 -49.31
CA ILE B 462 13.37 -2.28 -48.50
C ILE B 462 12.99 -2.39 -47.02
N PHE B 463 11.71 -2.64 -46.71
CA PHE B 463 11.31 -2.64 -45.30
C PHE B 463 12.02 -3.70 -44.46
N PRO B 464 12.02 -4.99 -44.84
CA PRO B 464 12.72 -6.00 -44.01
C PRO B 464 14.23 -5.76 -43.86
N ALA B 465 14.89 -5.27 -44.91
CA ALA B 465 16.33 -5.05 -44.82
C ALA B 465 16.66 -3.96 -43.81
N ALA B 466 15.89 -2.87 -43.81
CA ALA B 466 16.08 -1.82 -42.82
C ALA B 466 15.81 -2.33 -41.40
N TYR B 467 14.78 -3.15 -41.22
CA TYR B 467 14.50 -3.66 -39.88
C TYR B 467 15.63 -4.57 -39.40
N ILE B 468 16.18 -5.41 -40.30
CA ILE B 468 17.30 -6.28 -39.94
C ILE B 468 18.52 -5.46 -39.56
N LEU B 469 18.81 -4.41 -40.31
CA LEU B 469 19.95 -3.55 -40.00
C LEU B 469 19.79 -2.89 -38.64
N PHE B 470 18.59 -2.38 -38.34
CA PHE B 470 18.33 -1.80 -37.03
C PHE B 470 18.57 -2.82 -35.92
N ASN B 471 18.10 -4.06 -36.11
CA ASN B 471 18.31 -5.08 -35.10
C ASN B 471 19.80 -5.39 -34.90
N LEU B 472 20.58 -5.44 -35.98
CA LEU B 472 22.01 -5.70 -35.84
C LEU B 472 22.69 -4.59 -35.03
N ILE B 473 22.38 -3.34 -35.34
CA ILE B 473 23.00 -2.24 -34.59
C ILE B 473 22.57 -2.25 -33.13
N TYR B 474 21.26 -2.44 -32.88
CA TYR B 474 20.75 -2.43 -31.52
C TYR B 474 21.40 -3.51 -30.66
N TRP B 475 21.45 -4.74 -31.17
CA TRP B 475 21.99 -5.83 -30.37
C TRP B 475 23.51 -5.81 -30.30
N SER B 476 24.19 -5.13 -31.23
CA SER B 476 25.62 -4.91 -31.03
C SER B 476 25.89 -3.85 -29.97
N ILE B 477 24.98 -2.89 -29.81
CA ILE B 477 25.18 -1.87 -28.79
C ILE B 477 24.83 -2.37 -27.40
N PHE B 478 23.68 -3.03 -27.25
CA PHE B 478 23.17 -3.39 -25.94
C PHE B 478 23.48 -4.82 -25.53
N SER B 479 24.34 -5.51 -26.27
CA SER B 479 24.76 -6.89 -26.00
C SER B 479 23.60 -7.88 -26.14
N LYS C 74 35.48 7.20 38.94
CA LYS C 74 34.33 7.48 38.10
C LYS C 74 34.51 8.79 37.35
N SER C 75 34.33 8.76 36.04
CA SER C 75 34.52 9.96 35.23
C SER C 75 33.44 11.00 35.47
N GLU C 76 32.24 10.57 35.89
CA GLU C 76 31.16 11.49 36.17
C GLU C 76 31.36 12.26 37.47
N GLN C 77 32.37 11.89 38.28
CA GLN C 77 32.74 12.66 39.46
C GLN C 77 33.78 13.73 39.17
N LEU C 78 34.41 13.70 38.00
CA LEU C 78 35.28 14.79 37.60
C LEU C 78 34.47 16.02 37.26
N LEU C 79 33.26 15.83 36.71
CA LEU C 79 32.28 16.88 36.58
C LEU C 79 31.40 16.89 37.82
N ARG C 80 31.30 18.04 38.48
CA ARG C 80 30.53 18.15 39.71
C ARG C 80 29.05 18.17 39.35
N ILE C 81 28.53 16.99 39.02
CA ILE C 81 27.16 16.88 38.53
C ILE C 81 26.16 17.29 39.60
N ASP C 82 26.37 16.86 40.83
CA ASP C 82 25.42 17.11 41.90
C ASP C 82 25.59 18.47 42.54
N ASP C 83 26.58 19.27 42.11
CA ASP C 83 26.83 20.59 42.67
C ASP C 83 26.17 21.71 41.87
N HIS C 84 25.40 21.39 40.84
CA HIS C 84 24.80 22.42 39.99
C HIS C 84 23.38 22.04 39.62
N ASP C 85 22.55 23.05 39.40
CA ASP C 85 21.19 22.86 38.92
C ASP C 85 21.22 22.90 37.39
N PHE C 86 21.07 21.73 36.76
CA PHE C 86 21.09 21.63 35.31
C PHE C 86 19.70 21.69 34.70
N SER C 87 18.73 22.23 35.42
CA SER C 87 17.44 22.59 34.84
C SER C 87 17.42 24.02 34.30
N MET C 88 18.45 24.82 34.58
CA MET C 88 18.57 26.16 34.03
C MET C 88 19.73 26.23 33.04
N ARG C 89 19.63 27.19 32.12
CA ARG C 89 20.60 27.35 31.06
C ARG C 89 21.90 27.97 31.56
N PRO C 90 23.01 27.75 30.86
CA PRO C 90 24.24 28.49 31.17
C PRO C 90 24.03 29.99 30.97
N GLY C 91 24.60 30.78 31.87
CA GLY C 91 24.43 32.22 31.78
C GLY C 91 23.07 32.74 32.19
N PHE C 92 22.30 31.95 32.95
CA PHE C 92 20.96 32.33 33.34
C PHE C 92 20.94 33.69 34.03
N GLY C 93 19.97 34.52 33.65
CA GLY C 93 19.83 35.85 34.20
C GLY C 93 20.56 36.94 33.43
N GLY C 94 21.40 36.58 32.46
CA GLY C 94 22.18 37.54 31.71
C GLY C 94 21.92 37.45 30.21
N PRO C 95 22.93 37.80 29.42
CA PRO C 95 22.80 37.74 27.97
C PRO C 95 22.57 36.31 27.48
N ALA C 96 21.95 36.22 26.31
CA ALA C 96 21.63 34.93 25.69
C ALA C 96 22.89 34.16 25.35
N ILE C 97 22.80 32.83 25.40
CA ILE C 97 23.93 31.96 25.09
C ILE C 97 23.92 31.61 23.61
N PRO C 98 24.99 31.85 22.86
CA PRO C 98 25.01 31.48 21.44
C PRO C 98 25.22 29.98 21.24
N VAL C 99 24.50 29.43 20.28
CA VAL C 99 24.59 28.01 19.92
C VAL C 99 24.79 27.90 18.41
N GLY C 100 25.89 27.28 17.99
CA GLY C 100 26.20 27.10 16.59
C GLY C 100 25.83 25.71 16.10
N VAL C 101 25.45 25.62 14.83
CA VAL C 101 24.90 24.40 14.22
C VAL C 101 25.61 24.09 12.91
N ASP C 102 25.92 22.80 12.68
CA ASP C 102 26.37 22.26 11.40
C ASP C 102 25.50 21.07 11.02
N VAL C 103 25.33 20.82 9.71
CA VAL C 103 24.48 19.74 9.21
C VAL C 103 25.22 18.99 8.09
N GLN C 104 25.15 17.65 8.13
CA GLN C 104 25.64 16.79 7.05
C GLN C 104 24.49 15.91 6.58
N VAL C 105 24.13 16.01 5.31
CA VAL C 105 23.01 15.28 4.74
C VAL C 105 23.52 13.96 4.16
N GLU C 106 22.96 12.85 4.64
CA GLU C 106 23.41 11.53 4.20
C GLU C 106 22.66 11.01 2.97
N SER C 107 21.33 11.14 2.93
CA SER C 107 20.57 10.64 1.79
C SER C 107 19.19 11.28 1.73
N LEU C 108 18.57 11.17 0.56
CA LEU C 108 17.16 11.48 0.35
C LEU C 108 16.44 10.16 0.10
N ASP C 109 15.50 9.83 0.98
CA ASP C 109 14.97 8.46 1.02
C ASP C 109 13.77 8.25 0.13
N SER C 110 12.85 9.20 0.03
CA SER C 110 11.64 9.03 -0.77
C SER C 110 10.94 10.37 -0.93
N ILE C 111 9.99 10.42 -1.86
CA ILE C 111 9.13 11.59 -2.08
C ILE C 111 7.74 11.12 -2.48
N SER C 112 6.72 11.80 -1.98
CA SER C 112 5.33 11.45 -2.23
C SER C 112 4.63 12.64 -2.87
N GLU C 113 4.21 12.49 -4.12
CA GLU C 113 3.58 13.61 -4.83
C GLU C 113 2.14 13.82 -4.42
N VAL C 114 1.39 12.76 -4.09
CA VAL C 114 -0.01 12.93 -3.70
C VAL C 114 -0.10 13.55 -2.31
N ASP C 115 0.71 13.10 -1.36
CA ASP C 115 0.69 13.64 -0.01
C ASP C 115 1.58 14.87 0.17
N MET C 116 2.41 15.20 -0.82
CA MET C 116 3.27 16.39 -0.83
C MET C 116 4.20 16.44 0.39
N ASP C 117 5.15 15.50 0.43
CA ASP C 117 6.19 15.49 1.46
C ASP C 117 7.43 14.74 0.95
N PHE C 118 8.53 14.85 1.71
CA PHE C 118 9.80 14.17 1.40
C PHE C 118 10.47 13.72 2.70
N THR C 119 11.39 12.76 2.58
CA THR C 119 12.07 12.14 3.72
C THR C 119 13.59 12.21 3.55
N MET C 120 14.30 12.58 4.63
CA MET C 120 15.75 12.79 4.63
C MET C 120 16.40 12.20 5.88
N THR C 121 17.66 11.74 5.75
CA THR C 121 18.48 11.27 6.86
C THR C 121 19.74 12.12 6.97
N LEU C 122 20.05 12.56 8.20
CA LEU C 122 21.17 13.47 8.39
C LEU C 122 21.82 13.47 9.76
N TYR C 123 23.00 14.08 9.85
CA TYR C 123 23.72 14.28 11.11
C TYR C 123 23.55 15.72 11.57
N LEU C 124 23.19 15.93 12.84
CA LEU C 124 23.00 17.24 13.44
C LEU C 124 24.02 17.46 14.56
N ARG C 125 24.76 18.57 14.50
CA ARG C 125 25.84 18.83 15.46
C ARG C 125 25.66 20.22 16.09
N HIS C 126 25.88 20.31 17.42
CA HIS C 126 25.72 21.53 18.21
C HIS C 126 27.03 21.91 18.90
N TYR C 127 27.27 23.22 19.04
CA TYR C 127 28.46 23.75 19.73
C TYR C 127 28.07 24.86 20.71
N TRP C 128 28.51 24.74 21.96
CA TRP C 128 28.33 25.79 22.96
C TRP C 128 29.32 25.57 24.10
N LYS C 129 29.41 26.56 24.99
CA LYS C 129 30.32 26.53 26.13
C LYS C 129 29.55 26.60 27.45
N ASP C 130 30.01 25.82 28.44
CA ASP C 130 29.40 25.80 29.77
C ASP C 130 30.51 25.67 30.81
N GLU C 131 30.74 26.73 31.58
CA GLU C 131 31.81 26.72 32.58
C GLU C 131 31.56 25.73 33.72
N ARG C 132 30.32 25.31 33.94
CA ARG C 132 30.04 24.35 35.01
C ARG C 132 30.59 22.96 34.72
N LEU C 133 30.95 22.66 33.48
CA LEU C 133 31.45 21.36 33.10
C LEU C 133 32.98 21.30 33.02
N SER C 134 33.67 22.40 33.34
CA SER C 134 35.12 22.40 33.30
C SER C 134 35.70 21.47 34.36
N PHE C 135 36.80 20.80 34.03
CA PHE C 135 37.45 19.86 34.92
C PHE C 135 38.96 20.02 34.84
N PRO C 136 39.68 19.74 35.93
CA PRO C 136 41.14 19.86 35.89
C PRO C 136 41.78 18.74 35.09
N SER C 137 42.90 19.07 34.45
CA SER C 137 43.63 18.10 33.66
C SER C 137 45.10 18.49 33.63
N THR C 138 45.96 17.47 33.62
CA THR C 138 47.39 17.66 33.47
C THR C 138 47.83 17.61 32.01
N ASN C 139 46.86 17.51 31.11
CA ASN C 139 47.09 17.44 29.68
C ASN C 139 45.92 18.14 29.00
N ASN C 140 45.82 18.00 27.69
CA ASN C 140 44.74 18.62 26.94
C ASN C 140 43.82 17.61 26.30
N LEU C 141 43.62 16.47 26.95
CA LEU C 141 42.72 15.43 26.44
C LEU C 141 41.28 15.68 26.88
N SER C 142 40.35 15.37 26.00
CA SER C 142 38.92 15.52 26.28
C SER C 142 38.30 14.17 26.67
N MET C 143 37.10 14.24 27.23
CA MET C 143 36.36 13.07 27.67
C MET C 143 35.10 12.89 26.84
N THR C 144 34.80 11.64 26.49
CA THR C 144 33.70 11.30 25.59
C THR C 144 32.67 10.44 26.31
N PHE C 145 31.39 10.75 26.10
CA PHE C 145 30.29 10.03 26.71
C PHE C 145 29.22 9.70 25.67
N ASP C 146 28.40 8.70 25.96
CA ASP C 146 27.27 8.34 25.12
C ASP C 146 26.00 9.00 25.66
N GLY C 147 24.84 8.54 25.15
CA GLY C 147 23.57 9.18 25.41
C GLY C 147 23.08 9.14 26.84
N ARG C 148 23.67 8.30 27.70
CA ARG C 148 23.20 8.20 29.08
C ARG C 148 23.50 9.46 29.90
N LEU C 149 24.51 10.23 29.52
CA LEU C 149 24.82 11.45 30.25
C LEU C 149 23.88 12.61 29.92
N VAL C 150 23.15 12.51 28.81
CA VAL C 150 22.33 13.64 28.34
C VAL C 150 21.27 14.01 29.37
N LYS C 151 20.69 13.02 30.05
CA LYS C 151 19.65 13.27 31.03
C LYS C 151 20.17 13.95 32.30
N LYS C 152 21.48 14.06 32.47
CA LYS C 152 22.04 14.63 33.69
C LYS C 152 22.50 16.07 33.56
N ILE C 153 22.58 16.61 32.35
CA ILE C 153 23.05 17.96 32.11
C ILE C 153 22.05 18.70 31.22
N TRP C 154 22.29 20.00 31.06
CA TRP C 154 21.47 20.84 30.19
C TRP C 154 21.95 20.71 28.74
N VAL C 155 21.02 20.54 27.81
CA VAL C 155 21.29 20.55 26.37
C VAL C 155 20.22 21.36 25.66
N PRO C 156 20.53 21.89 24.47
CA PRO C 156 19.51 22.63 23.70
C PRO C 156 18.40 21.75 23.15
N ASP C 157 17.20 22.31 23.05
CA ASP C 157 15.97 21.58 22.65
C ASP C 157 15.52 21.92 21.23
N MET C 158 16.28 21.49 20.22
CA MET C 158 15.89 21.76 18.83
C MET C 158 14.78 20.82 18.36
N PHE C 159 13.93 21.33 17.45
CA PHE C 159 12.88 20.54 16.82
C PHE C 159 12.69 21.01 15.37
N PHE C 160 12.06 20.15 14.55
CA PHE C 160 11.88 20.42 13.12
C PHE C 160 10.47 20.98 12.86
N VAL C 161 10.40 22.18 12.31
CA VAL C 161 9.14 22.86 12.05
C VAL C 161 8.50 22.31 10.79
N HIS C 162 7.17 22.15 10.82
CA HIS C 162 6.38 21.65 9.69
C HIS C 162 6.74 20.19 9.33
N SER C 163 7.07 19.36 10.31
CA SER C 163 7.34 17.96 10.04
C SER C 163 6.13 17.10 10.41
N LYS C 164 6.07 15.92 9.80
CA LYS C 164 4.99 14.97 10.04
C LYS C 164 5.38 13.82 10.96
N ARG C 165 6.64 13.39 10.94
CA ARG C 165 7.14 12.32 11.81
C ARG C 165 8.67 12.29 11.76
N SER C 166 9.29 11.79 12.83
CA SER C 166 10.75 11.71 12.91
C SER C 166 11.15 10.77 14.04
N PHE C 167 12.40 10.29 13.99
CA PHE C 167 12.94 9.42 15.04
C PHE C 167 14.47 9.46 15.03
N ILE C 168 15.06 9.03 16.15
CA ILE C 168 16.51 8.93 16.33
C ILE C 168 16.91 7.46 16.26
N HIS C 169 17.95 7.16 15.46
CA HIS C 169 18.38 5.78 15.26
C HIS C 169 18.99 5.18 16.53
N ASP C 170 18.73 3.88 16.77
CA ASP C 170 19.13 3.29 18.04
C ASP C 170 19.73 1.88 17.92
N THR C 171 20.36 1.54 16.80
CA THR C 171 21.04 0.26 16.62
C THR C 171 22.52 0.49 16.35
N THR C 172 23.41 -0.21 17.07
CA THR C 172 23.09 -1.20 18.10
C THR C 172 22.80 -0.56 19.45
N THR C 173 23.10 0.73 19.59
CA THR C 173 22.68 1.53 20.73
C THR C 173 22.31 2.90 20.20
N ASP C 174 21.89 3.81 21.10
CA ASP C 174 21.49 5.14 20.67
C ASP C 174 22.65 5.86 19.99
N ASN C 175 22.40 6.42 18.80
CA ASN C 175 23.44 7.07 17.99
C ASN C 175 23.62 8.53 18.44
N VAL C 176 24.15 8.69 19.66
CA VAL C 176 24.33 9.99 20.30
C VAL C 176 25.72 10.05 20.93
N MET C 177 26.22 11.24 21.11
CA MET C 177 27.47 11.36 21.85
C MET C 177 27.74 12.80 22.29
N LEU C 178 28.46 12.97 23.38
CA LEU C 178 28.87 14.26 23.90
C LEU C 178 30.38 14.29 24.22
N ARG C 179 31.09 15.27 23.68
CA ARG C 179 32.51 15.43 23.93
C ARG C 179 32.75 16.73 24.69
N VAL C 180 33.54 16.66 25.75
CA VAL C 180 33.71 17.80 26.64
C VAL C 180 35.20 18.14 26.74
N GLN C 181 35.54 19.39 26.45
CA GLN C 181 36.90 19.88 26.57
C GLN C 181 37.21 20.29 28.02
N PRO C 182 38.49 20.36 28.38
CA PRO C 182 38.84 20.77 29.75
C PRO C 182 38.30 22.12 30.16
N ASP C 183 38.11 23.05 29.23
CA ASP C 183 37.63 24.39 29.54
C ASP C 183 36.11 24.52 29.46
N GLY C 184 35.39 23.45 29.16
CA GLY C 184 33.94 23.48 29.15
C GLY C 184 33.27 23.61 27.80
N LYS C 185 34.00 23.51 26.70
CA LYS C 185 33.39 23.49 25.38
C LYS C 185 32.80 22.12 25.09
N VAL C 186 31.63 22.09 24.46
CA VAL C 186 30.84 20.88 24.27
C VAL C 186 30.49 20.71 22.79
N LEU C 187 30.59 19.49 22.30
CA LEU C 187 30.07 19.07 20.99
C LEU C 187 29.00 18.00 21.20
N TYR C 188 27.85 18.16 20.55
CA TYR C 188 26.68 17.30 20.71
C TYR C 188 26.21 16.84 19.33
N SER C 189 26.24 15.54 19.07
CA SER C 189 26.04 14.97 17.74
C SER C 189 25.05 13.81 17.77
N LEU C 190 24.11 13.79 16.81
CA LEU C 190 23.14 12.70 16.72
C LEU C 190 22.66 12.51 15.29
N ARG C 191 22.17 11.29 15.01
CA ARG C 191 21.74 10.86 13.68
C ARG C 191 20.23 10.67 13.66
N VAL C 192 19.54 11.31 12.71
CA VAL C 192 18.08 11.41 12.71
C VAL C 192 17.50 11.26 11.29
N THR C 193 16.25 10.78 11.22
CA THR C 193 15.47 10.71 9.98
C THR C 193 14.16 11.48 10.14
N VAL C 194 13.81 12.31 9.16
CA VAL C 194 12.67 13.23 9.26
C VAL C 194 11.85 13.24 7.97
N THR C 195 10.53 13.34 8.11
CA THR C 195 9.60 13.54 7.00
C THR C 195 8.96 14.93 7.11
N ALA C 196 9.07 15.73 6.06
CA ALA C 196 8.64 17.13 6.09
C ALA C 196 7.71 17.47 4.92
N MET C 197 6.82 18.43 5.14
CA MET C 197 5.84 18.82 4.13
C MET C 197 6.45 19.75 3.07
N CYS C 198 5.95 19.65 1.83
CA CYS C 198 6.44 20.51 0.71
C CYS C 198 5.27 20.78 -0.27
N ASN C 199 4.62 21.94 -0.17
CA ASN C 199 3.54 22.29 -1.10
C ASN C 199 4.03 22.35 -2.55
N MET C 200 3.33 21.66 -3.43
CA MET C 200 3.71 21.56 -4.83
C MET C 200 2.61 22.08 -5.73
N ASP C 201 2.99 22.53 -6.93
CA ASP C 201 2.07 23.07 -7.93
C ASP C 201 2.31 22.35 -9.24
N PHE C 202 1.29 21.65 -9.73
CA PHE C 202 1.40 20.81 -10.93
C PHE C 202 0.76 21.42 -12.16
N SER C 203 0.54 22.75 -12.18
CA SER C 203 -0.13 23.39 -13.31
C SER C 203 0.65 23.22 -14.62
N ARG C 204 1.97 23.27 -14.56
CA ARG C 204 2.82 23.24 -15.74
C ARG C 204 3.40 21.85 -16.03
N PHE C 205 2.90 20.81 -15.37
CA PHE C 205 3.39 19.46 -15.57
C PHE C 205 3.33 19.08 -17.04
N PRO C 206 4.38 18.42 -17.60
CA PRO C 206 5.60 17.94 -16.96
C PRO C 206 6.78 18.91 -16.97
N LEU C 207 6.53 20.20 -17.19
CA LEU C 207 7.59 21.19 -17.24
C LEU C 207 7.66 22.04 -15.97
N ASP C 208 7.19 21.51 -14.86
CA ASP C 208 7.13 22.23 -13.59
C ASP C 208 8.48 22.16 -12.86
N THR C 209 8.69 23.12 -11.97
CA THR C 209 9.84 23.19 -11.08
C THR C 209 9.34 23.37 -9.65
N GLN C 210 9.95 22.65 -8.70
CA GLN C 210 9.54 22.70 -7.30
C GLN C 210 10.70 23.12 -6.39
N THR C 211 10.38 23.85 -5.33
CA THR C 211 11.35 24.25 -4.31
C THR C 211 10.91 23.75 -2.94
N CYS C 212 11.81 23.08 -2.22
CA CYS C 212 11.51 22.55 -0.89
C CYS C 212 12.49 23.07 0.16
N SER C 213 12.14 22.92 1.44
CA SER C 213 12.98 23.37 2.55
C SER C 213 12.75 22.54 3.80
N LEU C 214 13.78 22.49 4.65
CA LEU C 214 13.73 21.91 5.98
C LEU C 214 14.11 22.99 7.00
N GLU C 215 13.35 23.09 8.09
CA GLU C 215 13.45 24.20 9.04
C GLU C 215 13.73 23.71 10.46
N ILE C 216 14.60 24.43 11.18
CA ILE C 216 15.08 24.07 12.51
C ILE C 216 14.87 25.25 13.46
N GLU C 217 14.34 24.98 14.66
CA GLU C 217 13.96 26.02 15.62
C GLU C 217 14.00 25.47 17.05
N SER C 218 14.21 26.36 18.01
CA SER C 218 14.11 26.02 19.43
C SER C 218 12.65 25.99 19.89
N TYR C 219 12.30 24.98 20.72
CA TYR C 219 10.91 24.85 21.15
C TYR C 219 10.55 25.89 22.21
N ALA C 220 11.38 26.09 23.22
CA ALA C 220 10.97 26.82 24.41
C ALA C 220 11.75 28.10 24.72
N TYR C 221 12.85 28.40 24.03
CA TYR C 221 13.69 29.55 24.35
C TYR C 221 13.59 30.61 23.26
N THR C 222 13.23 31.83 23.66
CA THR C 222 13.19 32.96 22.73
C THR C 222 14.61 33.50 22.49
N GLU C 223 14.71 34.44 21.55
CA GLU C 223 16.01 35.01 21.18
C GLU C 223 16.65 35.80 22.31
N ASP C 224 15.91 36.13 23.37
CA ASP C 224 16.51 36.79 24.52
C ASP C 224 17.30 35.82 25.41
N ASP C 225 17.00 34.53 25.33
CA ASP C 225 17.68 33.53 26.13
C ASP C 225 18.64 32.64 25.34
N LEU C 226 18.37 32.37 24.06
CA LEU C 226 19.19 31.49 23.25
C LEU C 226 19.32 32.08 21.85
N MET C 227 20.55 32.23 21.37
CA MET C 227 20.84 32.80 20.06
C MET C 227 21.35 31.69 19.13
N LEU C 228 20.55 31.30 18.15
CA LEU C 228 20.84 30.18 17.26
C LEU C 228 21.31 30.70 15.90
N TYR C 229 22.44 30.16 15.42
CA TYR C 229 23.06 30.63 14.17
C TYR C 229 23.83 29.50 13.50
N TRP C 230 24.10 29.68 12.19
CA TRP C 230 24.95 28.75 11.44
C TRP C 230 26.41 28.99 11.82
N LYS C 231 27.11 27.92 12.20
CA LYS C 231 28.43 28.08 12.80
C LYS C 231 29.45 28.67 11.81
N LYS C 232 29.43 28.24 10.55
CA LYS C 232 30.40 28.71 9.57
C LYS C 232 29.72 29.25 8.32
N GLY C 233 28.55 29.89 8.46
CA GLY C 233 27.86 30.45 7.31
C GLY C 233 27.44 29.38 6.32
N ASN C 234 27.74 29.60 5.04
CA ASN C 234 27.37 28.65 3.99
C ASN C 234 28.27 27.42 3.96
N ASP C 235 29.39 27.43 4.69
CA ASP C 235 30.25 26.27 4.79
C ASP C 235 29.75 25.26 5.83
N SER C 236 28.64 25.54 6.50
CA SER C 236 28.10 24.67 7.53
C SER C 236 27.29 23.51 6.97
N LEU C 237 27.02 23.48 5.67
CA LEU C 237 26.18 22.47 5.04
C LEU C 237 27.02 21.61 4.10
N LYS C 238 27.01 20.30 4.31
CA LYS C 238 27.66 19.34 3.42
C LYS C 238 26.66 18.30 2.96
N THR C 239 26.83 17.83 1.72
CA THR C 239 25.94 16.83 1.13
C THR C 239 26.75 15.68 0.55
N ASP C 240 26.16 14.49 0.58
CA ASP C 240 26.82 13.28 0.09
C ASP C 240 26.99 13.32 -1.43
N GLU C 241 28.12 12.78 -1.90
CA GLU C 241 28.45 12.85 -3.32
C GLU C 241 27.49 12.05 -4.20
N ARG C 242 26.77 11.08 -3.65
CA ARG C 242 25.93 10.18 -4.44
C ARG C 242 24.44 10.35 -4.11
N ILE C 243 24.04 11.52 -3.64
CA ILE C 243 22.64 11.77 -3.32
C ILE C 243 21.82 11.83 -4.61
N SER C 244 20.71 11.09 -4.64
CA SER C 244 19.91 11.04 -5.86
C SER C 244 18.48 10.59 -5.55
N LEU C 245 17.59 10.91 -6.47
CA LEU C 245 16.20 10.46 -6.46
C LEU C 245 15.91 9.82 -7.80
N SER C 246 14.99 8.85 -7.79
CA SER C 246 14.74 8.05 -8.99
C SER C 246 14.13 8.91 -10.12
N GLN C 247 13.11 9.71 -9.81
CA GLN C 247 12.39 10.44 -10.85
C GLN C 247 12.69 11.94 -10.91
N PHE C 248 13.65 12.45 -10.13
CA PHE C 248 13.95 13.88 -10.13
C PHE C 248 15.45 14.15 -10.24
N LEU C 249 15.79 15.33 -10.73
CA LEU C 249 17.14 15.89 -10.62
C LEU C 249 17.18 16.93 -9.49
N ILE C 250 18.27 16.93 -8.72
CA ILE C 250 18.40 17.75 -7.53
C ILE C 250 19.53 18.76 -7.74
N GLN C 251 19.28 20.03 -7.38
CA GLN C 251 20.29 21.06 -7.58
C GLN C 251 20.13 22.19 -6.56
N GLU C 252 21.21 22.95 -6.38
CA GLU C 252 21.22 24.24 -5.70
C GLU C 252 20.89 24.16 -4.21
N PHE C 253 21.70 23.45 -3.43
CA PHE C 253 21.61 23.47 -1.97
C PHE C 253 22.21 24.77 -1.43
N HIS C 254 21.52 25.39 -0.46
CA HIS C 254 22.04 26.56 0.25
C HIS C 254 21.23 26.78 1.52
N THR C 255 21.75 27.66 2.39
CA THR C 255 21.15 27.95 3.69
C THR C 255 20.72 29.42 3.80
N THR C 256 19.69 29.67 4.63
CA THR C 256 19.24 31.01 4.99
C THR C 256 18.77 31.03 6.46
N THR C 257 18.50 32.23 6.98
CA THR C 257 17.96 32.43 8.33
C THR C 257 16.88 33.50 8.31
N LYS C 258 15.94 33.42 9.25
CA LYS C 258 14.86 34.41 9.37
C LYS C 258 14.23 34.35 10.77
N LEU C 259 13.75 35.50 11.24
CA LEU C 259 13.08 35.60 12.54
C LEU C 259 11.59 35.36 12.40
N ALA C 260 11.04 34.59 13.35
CA ALA C 260 9.62 34.25 13.39
C ALA C 260 8.98 34.75 14.68
N PHE C 261 7.71 35.13 14.60
CA PHE C 261 6.97 35.69 15.74
C PHE C 261 5.80 34.81 16.13
N TYR C 262 5.68 34.55 17.42
CA TYR C 262 4.54 33.83 18.01
C TYR C 262 3.87 34.76 19.02
N SER C 263 2.57 34.97 18.84
CA SER C 263 1.86 35.82 19.79
C SER C 263 1.81 35.26 21.19
N SER C 264 1.94 33.94 21.34
CA SER C 264 1.90 33.34 22.67
C SER C 264 3.18 33.61 23.47
N THR C 265 4.34 33.65 22.82
CA THR C 265 5.58 33.76 23.60
C THR C 265 6.63 34.74 23.07
N GLY C 266 6.66 35.09 21.80
CA GLY C 266 7.64 36.07 21.36
C GLY C 266 8.39 35.71 20.09
N TRP C 267 9.61 36.23 19.92
CA TRP C 267 10.40 36.08 18.70
C TRP C 267 11.41 34.94 18.81
N TYR C 268 11.56 34.17 17.72
CA TYR C 268 12.48 33.03 17.66
C TYR C 268 13.30 33.06 16.38
N ASN C 269 14.53 32.55 16.46
CA ASN C 269 15.40 32.36 15.29
C ASN C 269 15.08 31.05 14.58
N ARG C 270 15.00 31.10 13.24
CA ARG C 270 14.71 29.92 12.42
C ARG C 270 15.77 29.76 11.33
N LEU C 271 16.24 28.52 11.12
CA LEU C 271 17.23 28.20 10.10
C LEU C 271 16.61 27.35 8.99
N TYR C 272 17.09 27.54 7.75
CA TYR C 272 16.52 26.91 6.56
C TYR C 272 17.58 26.19 5.72
N ILE C 273 17.20 25.05 5.13
CA ILE C 273 17.97 24.33 4.13
C ILE C 273 17.11 24.24 2.86
N ASN C 274 17.59 24.79 1.74
CA ASN C 274 16.80 24.93 0.52
C ASN C 274 17.41 24.14 -0.65
N PHE C 275 16.54 23.59 -1.51
CA PHE C 275 16.98 22.89 -2.73
C PHE C 275 15.83 22.86 -3.75
N THR C 276 16.17 22.49 -5.00
CA THR C 276 15.27 22.55 -6.16
C THR C 276 15.23 21.20 -6.89
N LEU C 277 14.06 20.87 -7.47
CA LEU C 277 13.82 19.62 -8.19
C LEU C 277 13.34 19.85 -9.62
N ARG C 278 13.80 19.02 -10.56
CA ARG C 278 13.39 19.05 -11.97
C ARG C 278 13.20 17.65 -12.52
N ARG C 279 12.37 17.53 -13.57
CA ARG C 279 12.08 16.25 -14.23
C ARG C 279 12.93 16.06 -15.49
N HIS C 280 12.87 14.84 -16.05
CA HIS C 280 13.51 14.49 -17.32
C HIS C 280 12.51 14.74 -18.46
N ILE C 281 12.71 15.81 -19.22
CA ILE C 281 11.68 16.25 -20.18
C ILE C 281 11.55 15.28 -21.35
N PHE C 282 12.66 14.74 -21.85
CA PHE C 282 12.61 13.95 -23.09
C PHE C 282 11.81 12.67 -22.94
N PHE C 283 11.87 12.03 -21.77
CA PHE C 283 11.05 10.86 -21.51
C PHE C 283 9.56 11.18 -21.69
N PHE C 284 9.11 12.30 -21.12
CA PHE C 284 7.70 12.65 -21.23
C PHE C 284 7.34 13.07 -22.65
N LEU C 285 8.23 13.76 -23.35
CA LEU C 285 7.95 14.12 -24.75
C LEU C 285 7.72 12.86 -25.58
N LEU C 286 8.65 11.89 -25.48
CA LEU C 286 8.54 10.66 -26.25
C LEU C 286 7.31 9.85 -25.86
N GLN C 287 6.99 9.78 -24.57
CA GLN C 287 5.90 8.93 -24.13
C GLN C 287 4.52 9.53 -24.40
N THR C 288 4.38 10.86 -24.40
CA THR C 288 3.05 11.44 -24.52
C THR C 288 2.86 12.26 -25.79
N TYR C 289 3.73 13.23 -26.07
CA TYR C 289 3.43 14.18 -27.13
C TYR C 289 3.59 13.53 -28.50
N PHE C 290 4.53 12.59 -28.64
CA PHE C 290 4.82 11.95 -29.93
C PHE C 290 3.64 11.16 -30.48
N PRO C 291 3.06 10.18 -29.76
CA PRO C 291 1.94 9.41 -30.33
C PRO C 291 0.73 10.24 -30.72
N ALA C 292 0.39 11.26 -29.93
CA ALA C 292 -0.78 12.08 -30.24
C ALA C 292 -0.59 12.85 -31.54
N THR C 293 0.59 13.43 -31.73
CA THR C 293 0.89 14.11 -32.99
C THR C 293 0.85 13.14 -34.17
N LEU C 294 1.38 11.92 -33.97
CA LEU C 294 1.34 10.93 -35.05
C LEU C 294 -0.09 10.55 -35.41
N MET C 295 -0.97 10.39 -34.43
CA MET C 295 -2.36 10.05 -34.76
C MET C 295 -3.09 11.20 -35.44
N VAL C 296 -2.82 12.44 -35.03
CA VAL C 296 -3.41 13.58 -35.73
C VAL C 296 -2.94 13.61 -37.19
N MET C 297 -1.66 13.36 -37.44
CA MET C 297 -1.18 13.33 -38.82
C MET C 297 -1.79 12.16 -39.60
N LEU C 298 -2.03 11.03 -38.93
CA LEU C 298 -2.65 9.89 -39.59
C LEU C 298 -4.09 10.19 -40.01
N SER C 299 -4.82 10.99 -39.23
CA SER C 299 -6.19 11.29 -39.61
C SER C 299 -6.29 12.13 -40.89
N TRP C 300 -5.20 12.77 -41.31
CA TRP C 300 -5.24 13.60 -42.52
C TRP C 300 -5.13 12.78 -43.81
N VAL C 301 -4.81 11.48 -43.71
CA VAL C 301 -4.64 10.64 -44.90
C VAL C 301 -5.95 10.52 -45.66
N SER C 302 -7.08 10.50 -44.95
CA SER C 302 -8.37 10.32 -45.61
C SER C 302 -8.69 11.42 -46.62
N PHE C 303 -8.06 12.59 -46.52
CA PHE C 303 -8.34 13.67 -47.46
C PHE C 303 -7.83 13.37 -48.86
N TRP C 304 -6.93 12.40 -49.01
CA TRP C 304 -6.36 12.04 -50.30
C TRP C 304 -6.95 10.75 -50.87
N ILE C 305 -7.94 10.15 -50.23
CA ILE C 305 -8.57 8.90 -50.66
C ILE C 305 -9.82 9.22 -51.46
N ASP C 306 -10.08 8.41 -52.49
CA ASP C 306 -11.25 8.56 -53.36
C ASP C 306 -12.54 8.62 -52.55
N ARG C 307 -13.34 9.66 -52.78
CA ARG C 307 -14.57 9.86 -52.02
C ARG C 307 -15.64 8.81 -52.33
N ARG C 308 -15.50 8.06 -53.41
CA ARG C 308 -16.44 7.01 -53.72
C ARG C 308 -16.22 5.74 -52.91
N ALA C 309 -15.09 5.61 -52.24
CA ALA C 309 -14.77 4.43 -51.42
C ALA C 309 -15.27 4.65 -49.98
N VAL C 310 -16.59 4.61 -49.83
CA VAL C 310 -17.20 4.79 -48.50
C VAL C 310 -16.77 3.71 -47.52
N PRO C 311 -16.81 2.40 -47.86
CA PRO C 311 -16.40 1.38 -46.89
C PRO C 311 -14.93 1.44 -46.51
N ALA C 312 -14.12 2.28 -47.16
CA ALA C 312 -12.78 2.54 -46.71
C ALA C 312 -12.66 3.82 -45.88
N ARG C 313 -13.40 4.87 -46.26
CA ARG C 313 -13.28 6.15 -45.55
C ARG C 313 -13.88 6.09 -44.16
N VAL C 314 -15.04 5.46 -43.98
CA VAL C 314 -15.71 5.51 -42.67
C VAL C 314 -14.95 4.74 -41.58
N PRO C 315 -14.63 3.45 -41.78
CA PRO C 315 -13.95 2.71 -40.72
C PRO C 315 -12.63 3.32 -40.31
N LEU C 316 -11.92 3.95 -41.24
CA LEU C 316 -10.65 4.57 -40.91
C LEU C 316 -10.81 5.67 -39.87
N GLY C 317 -11.79 6.56 -40.07
CA GLY C 317 -12.03 7.62 -39.11
C GLY C 317 -12.47 7.10 -37.75
N ILE C 318 -13.41 6.15 -37.73
CA ILE C 318 -13.88 5.68 -36.43
C ILE C 318 -12.77 4.93 -35.68
N THR C 319 -11.93 4.18 -36.40
CA THR C 319 -10.84 3.47 -35.74
C THR C 319 -9.77 4.43 -35.23
N THR C 320 -9.52 5.53 -35.95
CA THR C 320 -8.59 6.54 -35.46
C THR C 320 -9.09 7.15 -34.14
N VAL C 321 -10.41 7.41 -34.06
CA VAL C 321 -10.98 7.93 -32.81
C VAL C 321 -10.78 6.93 -31.67
N LEU C 322 -11.04 5.64 -31.94
CA LEU C 322 -10.84 4.62 -30.90
C LEU C 322 -9.38 4.57 -30.42
N THR C 323 -8.43 4.63 -31.37
CA THR C 323 -7.02 4.59 -31.00
C THR C 323 -6.62 5.77 -30.12
N MET C 324 -7.07 6.98 -30.48
CA MET C 324 -6.75 8.16 -29.68
C MET C 324 -7.34 8.05 -28.28
N SER C 325 -8.56 7.51 -28.16
CA SER C 325 -9.16 7.33 -26.85
C SER C 325 -8.35 6.36 -25.99
N THR C 326 -7.90 5.25 -26.56
CA THR C 326 -7.11 4.30 -25.78
C THR C 326 -5.77 4.91 -25.35
N ILE C 327 -5.17 5.74 -26.20
CA ILE C 327 -3.93 6.41 -25.82
C ILE C 327 -4.16 7.33 -24.63
N ILE C 328 -5.22 8.13 -24.66
CA ILE C 328 -5.47 9.07 -23.57
C ILE C 328 -5.74 8.32 -22.26
N THR C 329 -6.54 7.24 -22.32
CA THR C 329 -6.79 6.47 -21.10
C THR C 329 -5.49 5.89 -20.53
N GLY C 330 -4.64 5.33 -21.39
CA GLY C 330 -3.38 4.81 -20.92
C GLY C 330 -2.49 5.86 -20.29
N VAL C 331 -2.45 7.05 -20.88
CA VAL C 331 -1.63 8.13 -20.33
C VAL C 331 -2.16 8.57 -18.97
N ASN C 332 -3.49 8.69 -18.83
CA ASN C 332 -4.07 9.05 -17.55
C ASN C 332 -3.72 8.02 -16.48
N ALA C 333 -3.65 6.75 -16.86
CA ALA C 333 -3.40 5.72 -15.85
C ALA C 333 -2.00 5.79 -15.24
N SER C 334 -1.05 6.49 -15.89
CA SER C 334 0.35 6.44 -15.47
C SER C 334 0.86 7.72 -14.80
N MET C 335 0.05 8.75 -14.68
CA MET C 335 0.48 9.97 -14.02
C MET C 335 0.03 9.97 -12.57
N PRO C 336 0.65 10.79 -11.71
CA PRO C 336 0.19 10.89 -10.32
C PRO C 336 -1.24 11.41 -10.25
N ARG C 337 -2.01 10.87 -9.31
CA ARG C 337 -3.45 11.13 -9.23
C ARG C 337 -3.69 12.51 -8.62
N VAL C 338 -3.53 13.54 -9.46
CA VAL C 338 -3.78 14.92 -9.08
C VAL C 338 -4.98 15.41 -9.91
N SER C 339 -6.05 15.80 -9.22
CA SER C 339 -7.34 16.07 -9.87
C SER C 339 -7.54 17.55 -10.16
N TYR C 340 -6.70 18.10 -11.03
CA TYR C 340 -6.96 19.40 -11.64
C TYR C 340 -6.19 19.48 -12.95
N ILE C 341 -6.50 20.50 -13.73
CA ILE C 341 -6.10 20.56 -15.13
C ILE C 341 -4.61 20.90 -15.26
N LYS C 342 -3.89 20.11 -16.05
CA LYS C 342 -2.48 20.29 -16.35
C LYS C 342 -2.27 20.50 -17.84
N ALA C 343 -1.07 21.01 -18.19
CA ALA C 343 -0.78 21.40 -19.56
C ALA C 343 -0.90 20.23 -20.54
N VAL C 344 -0.42 19.05 -20.15
CA VAL C 344 -0.45 17.88 -21.04
C VAL C 344 -1.90 17.47 -21.36
N ASP C 345 -2.82 17.68 -20.42
CA ASP C 345 -4.25 17.41 -20.68
C ASP C 345 -4.79 18.34 -21.76
N ILE C 346 -4.39 19.60 -21.73
CA ILE C 346 -4.83 20.55 -22.77
C ILE C 346 -4.37 20.08 -24.14
N TYR C 347 -3.11 19.70 -24.26
CA TYR C 347 -2.58 19.22 -25.54
C TYR C 347 -3.36 17.98 -26.03
N LEU C 348 -3.59 17.01 -25.14
CA LEU C 348 -4.24 15.78 -25.55
C LEU C 348 -5.68 16.00 -26.01
N TRP C 349 -6.45 16.84 -25.29
CA TRP C 349 -7.85 17.01 -25.65
C TRP C 349 -8.02 17.88 -26.88
N VAL C 350 -7.12 18.83 -27.14
CA VAL C 350 -7.15 19.56 -28.43
C VAL C 350 -6.90 18.59 -29.58
N SER C 351 -5.93 17.68 -29.42
CA SER C 351 -5.68 16.69 -30.47
C SER C 351 -6.91 15.82 -30.73
N PHE C 352 -7.60 15.42 -29.65
CA PHE C 352 -8.82 14.62 -29.79
C PHE C 352 -9.89 15.37 -30.59
N VAL C 353 -10.04 16.66 -30.33
CA VAL C 353 -11.01 17.47 -31.07
C VAL C 353 -10.66 17.51 -32.57
N PHE C 354 -9.37 17.66 -32.89
CA PHE C 354 -8.97 17.63 -34.30
C PHE C 354 -9.41 16.33 -34.97
N VAL C 355 -9.18 15.19 -34.31
CA VAL C 355 -9.56 13.89 -34.88
C VAL C 355 -11.07 13.79 -35.11
N PHE C 356 -11.85 14.30 -34.17
CA PHE C 356 -13.31 14.30 -34.28
C PHE C 356 -13.77 15.11 -35.49
N LEU C 357 -13.20 16.31 -35.69
CA LEU C 357 -13.62 17.14 -36.82
C LEU C 357 -13.31 16.48 -38.17
N SER C 358 -12.23 15.69 -38.26
CA SER C 358 -11.91 15.01 -39.50
C SER C 358 -12.98 13.99 -39.91
N VAL C 359 -13.73 13.47 -38.95
CA VAL C 359 -14.82 12.57 -39.31
C VAL C 359 -16.05 13.35 -39.78
N LEU C 360 -16.35 14.47 -39.11
CA LEU C 360 -17.48 15.29 -39.55
C LEU C 360 -17.29 15.76 -41.00
N GLU C 361 -16.05 16.03 -41.40
CA GLU C 361 -15.79 16.52 -42.75
C GLU C 361 -16.26 15.53 -43.82
N TYR C 362 -15.93 14.25 -43.65
CA TYR C 362 -16.34 13.27 -44.65
C TYR C 362 -17.84 13.01 -44.63
N ALA C 363 -18.46 13.09 -43.44
CA ALA C 363 -19.92 12.97 -43.40
C ALA C 363 -20.57 14.02 -44.29
N ALA C 364 -20.11 15.26 -44.21
CA ALA C 364 -20.67 16.31 -45.05
C ALA C 364 -20.43 16.04 -46.54
N VAL C 365 -19.23 15.58 -46.89
CA VAL C 365 -18.90 15.32 -48.29
C VAL C 365 -19.81 14.23 -48.87
N ASN C 366 -20.00 13.14 -48.11
CA ASN C 366 -20.82 12.04 -48.62
C ASN C 366 -22.26 12.48 -48.82
N TYR C 367 -22.82 13.24 -47.88
CA TYR C 367 -24.20 13.69 -48.02
C TYR C 367 -24.37 14.56 -49.26
N LEU C 368 -23.45 15.51 -49.48
CA LEU C 368 -23.60 16.41 -50.63
C LEU C 368 -23.48 15.66 -51.96
N THR C 369 -22.56 14.70 -52.04
CA THR C 369 -22.43 13.93 -53.27
C THR C 369 -23.70 13.14 -53.57
N THR C 370 -24.28 12.51 -52.54
CA THR C 370 -25.50 11.76 -52.76
C THR C 370 -26.63 12.66 -53.23
N VAL C 371 -26.74 13.85 -52.65
CA VAL C 371 -27.77 14.79 -53.06
C VAL C 371 -27.61 15.15 -54.53
N GLN C 372 -26.38 15.42 -54.96
CA GLN C 372 -26.16 15.81 -56.34
C GLN C 372 -26.51 14.68 -57.32
N GLU C 373 -26.12 13.45 -56.98
CA GLU C 373 -26.42 12.34 -57.89
C GLU C 373 -27.92 12.12 -58.00
N ARG C 374 -28.65 12.18 -56.88
CA ARG C 374 -30.08 12.00 -56.92
C ARG C 374 -30.75 13.09 -57.76
N LYS C 375 -30.31 14.33 -57.59
CA LYS C 375 -30.87 15.42 -58.37
C LYS C 375 -30.64 15.23 -59.86
N GLU C 376 -29.42 14.80 -60.24
CA GLU C 376 -29.12 14.63 -61.65
C GLU C 376 -29.97 13.54 -62.27
N GLN C 377 -30.14 12.41 -61.58
CA GLN C 377 -30.95 11.35 -62.13
C GLN C 377 -32.42 11.76 -62.21
N ASP C 451 -13.56 13.58 -60.18
CA ASP C 451 -13.00 14.84 -59.72
C ASP C 451 -12.99 14.92 -58.19
N THR C 452 -12.23 15.87 -57.65
CA THR C 452 -12.14 16.08 -56.21
C THR C 452 -13.14 17.14 -55.76
N HIS C 453 -13.87 16.84 -54.69
CA HIS C 453 -14.79 17.79 -54.11
C HIS C 453 -14.03 18.96 -53.47
N ALA C 454 -14.66 20.14 -53.49
CA ALA C 454 -14.00 21.35 -53.00
C ALA C 454 -13.63 21.25 -51.52
N ILE C 455 -14.45 20.56 -50.73
CA ILE C 455 -14.21 20.47 -49.29
C ILE C 455 -12.90 19.75 -49.00
N ASP C 456 -12.64 18.64 -49.71
CA ASP C 456 -11.36 17.95 -49.56
C ASP C 456 -10.19 18.84 -49.93
N LYS C 457 -10.34 19.60 -51.03
CA LYS C 457 -9.26 20.47 -51.50
C LYS C 457 -8.92 21.54 -50.47
N TYR C 458 -9.93 22.13 -49.83
CA TYR C 458 -9.63 23.13 -48.81
C TYR C 458 -9.11 22.49 -47.52
N SER C 459 -9.65 21.33 -47.13
CA SER C 459 -9.23 20.68 -45.89
C SER C 459 -7.75 20.29 -45.93
N ARG C 460 -7.30 19.81 -47.10
CA ARG C 460 -5.90 19.42 -47.26
C ARG C 460 -4.93 20.53 -46.88
N ILE C 461 -5.35 21.78 -47.01
CA ILE C 461 -4.53 22.92 -46.63
C ILE C 461 -4.86 23.40 -45.22
N ILE C 462 -6.15 23.50 -44.89
CA ILE C 462 -6.57 24.20 -43.70
C ILE C 462 -6.19 23.43 -42.43
N PHE C 463 -6.37 22.09 -42.42
CA PHE C 463 -6.11 21.35 -41.18
C PHE C 463 -4.67 21.49 -40.68
N PRO C 464 -3.63 21.19 -41.49
CA PRO C 464 -2.25 21.31 -40.98
C PRO C 464 -1.87 22.71 -40.54
N ALA C 465 -2.34 23.75 -41.23
CA ALA C 465 -1.99 25.11 -40.86
C ALA C 465 -2.54 25.48 -39.48
N ALA C 466 -3.78 25.09 -39.20
CA ALA C 466 -4.37 25.33 -37.90
C ALA C 466 -3.62 24.56 -36.80
N TYR C 467 -3.22 23.31 -37.09
CA TYR C 467 -2.48 22.55 -36.07
C TYR C 467 -1.12 23.19 -35.79
N ILE C 468 -0.44 23.67 -36.83
CA ILE C 468 0.85 24.35 -36.65
C ILE C 468 0.69 25.62 -35.83
N LEU C 469 -0.36 26.39 -36.10
CA LEU C 469 -0.60 27.62 -35.34
C LEU C 469 -0.87 27.31 -33.87
N PHE C 470 -1.67 26.28 -33.60
CA PHE C 470 -1.91 25.87 -32.22
C PHE C 470 -0.61 25.50 -31.52
N ASN C 471 0.26 24.75 -32.21
CA ASN C 471 1.54 24.37 -31.62
C ASN C 471 2.41 25.59 -31.31
N LEU C 472 2.44 26.58 -32.21
CA LEU C 472 3.24 27.77 -31.96
C LEU C 472 2.74 28.52 -30.73
N ILE C 473 1.43 28.68 -30.60
CA ILE C 473 0.89 29.38 -29.44
C ILE C 473 1.16 28.60 -28.15
N TYR C 474 0.92 27.29 -28.19
CA TYR C 474 1.10 26.45 -27.00
C TYR C 474 2.54 26.50 -26.50
N TRP C 475 3.51 26.31 -27.39
CA TRP C 475 4.90 26.27 -26.97
C TRP C 475 5.46 27.66 -26.69
N SER C 476 4.85 28.73 -27.19
CA SER C 476 5.24 30.05 -26.72
C SER C 476 4.69 30.34 -25.32
N ILE C 477 3.56 29.75 -24.96
CA ILE C 477 3.02 29.98 -23.63
C ILE C 477 3.74 29.13 -22.58
N PHE C 478 3.93 27.84 -22.84
CA PHE C 478 4.43 26.92 -21.83
C PHE C 478 5.93 26.67 -21.92
N SER C 479 6.64 27.46 -22.73
CA SER C 479 8.10 27.34 -22.91
C SER C 479 8.50 26.04 -23.57
N LYS D 74 18.20 24.16 43.58
CA LYS D 74 17.26 23.42 42.74
C LYS D 74 15.98 24.21 42.55
N SER D 75 15.57 24.38 41.29
CA SER D 75 14.37 25.16 40.98
C SER D 75 13.11 24.44 41.44
N GLU D 76 13.13 23.11 41.49
CA GLU D 76 11.97 22.35 41.93
C GLU D 76 11.75 22.43 43.43
N GLN D 77 12.68 23.03 44.18
CA GLN D 77 12.48 23.29 45.60
C GLN D 77 11.86 24.66 45.86
N LEU D 78 11.83 25.54 44.86
CA LEU D 78 11.09 26.79 45.01
C LEU D 78 9.60 26.53 45.00
N LEU D 79 9.14 25.52 44.26
CA LEU D 79 7.79 25.00 44.37
C LEU D 79 7.78 23.88 45.40
N ARG D 80 6.92 23.99 46.40
CA ARG D 80 6.87 22.99 47.47
C ARG D 80 6.17 21.75 46.94
N ILE D 81 6.91 20.99 46.14
CA ILE D 81 6.33 19.83 45.45
C ILE D 81 5.88 18.77 46.44
N ASP D 82 6.68 18.50 47.46
CA ASP D 82 6.38 17.43 48.41
C ASP D 82 5.43 17.86 49.51
N ASP D 83 5.00 19.12 49.53
CA ASP D 83 4.09 19.64 50.54
C ASP D 83 2.63 19.62 50.11
N HIS D 84 2.32 19.09 48.93
CA HIS D 84 0.96 19.10 48.43
C HIS D 84 0.64 17.77 47.76
N ASP D 85 -0.64 17.41 47.79
CA ASP D 85 -1.15 16.24 47.08
C ASP D 85 -1.59 16.68 45.69
N PHE D 86 -0.81 16.33 44.68
CA PHE D 86 -1.11 16.70 43.30
C PHE D 86 -1.88 15.62 42.56
N SER D 87 -2.53 14.71 43.28
CA SER D 87 -3.51 13.81 42.69
C SER D 87 -4.92 14.39 42.70
N MET D 88 -5.14 15.51 43.38
CA MET D 88 -6.42 16.20 43.37
C MET D 88 -6.31 17.54 42.64
N ARG D 89 -7.44 18.02 42.13
CA ARG D 89 -7.50 19.23 41.33
C ARG D 89 -7.39 20.47 42.20
N PRO D 90 -6.96 21.59 41.63
CA PRO D 90 -7.04 22.86 42.36
C PRO D 90 -8.48 23.21 42.68
N GLY D 91 -8.71 23.74 43.87
CA GLY D 91 -10.06 24.09 44.27
C GLY D 91 -10.94 22.92 44.65
N PHE D 92 -10.34 21.76 44.95
CA PHE D 92 -11.10 20.55 45.26
C PHE D 92 -12.10 20.79 46.39
N GLY D 93 -13.33 20.28 46.19
CA GLY D 93 -14.39 20.44 47.15
C GLY D 93 -15.26 21.66 46.93
N GLY D 94 -14.89 22.55 46.01
CA GLY D 94 -15.63 23.77 45.77
C GLY D 94 -16.08 23.91 44.32
N PRO D 95 -16.19 25.14 43.86
CA PRO D 95 -16.60 25.39 42.47
C PRO D 95 -15.57 24.85 41.48
N ALA D 96 -16.07 24.55 40.28
CA ALA D 96 -15.23 24.02 39.21
C ALA D 96 -14.15 25.01 38.80
N ILE D 97 -13.01 24.48 38.36
CA ILE D 97 -11.88 25.31 37.93
C ILE D 97 -11.99 25.57 36.43
N PRO D 98 -11.99 26.83 35.98
CA PRO D 98 -12.05 27.09 34.54
C PRO D 98 -10.71 26.86 33.85
N VAL D 99 -10.77 26.27 32.66
CA VAL D 99 -9.60 25.99 31.84
C VAL D 99 -9.83 26.53 30.44
N GLY D 100 -8.98 27.44 29.99
CA GLY D 100 -9.08 28.04 28.66
C GLY D 100 -8.14 27.39 27.67
N VAL D 101 -8.57 27.34 26.40
CA VAL D 101 -7.88 26.61 25.34
C VAL D 101 -7.70 27.50 24.11
N ASP D 102 -6.51 27.43 23.50
CA ASP D 102 -6.21 27.99 22.18
C ASP D 102 -5.60 26.91 21.28
N VAL D 103 -5.82 27.03 19.96
CA VAL D 103 -5.33 26.04 18.99
C VAL D 103 -4.70 26.77 17.80
N GLN D 104 -3.54 26.26 17.35
CA GLN D 104 -2.90 26.71 16.11
C GLN D 104 -2.70 25.50 15.20
N VAL D 105 -3.29 25.55 14.01
CA VAL D 105 -3.24 24.43 13.07
C VAL D 105 -2.05 24.62 12.14
N GLU D 106 -1.15 23.64 12.11
CA GLU D 106 0.05 23.74 11.29
C GLU D 106 -0.13 23.21 9.88
N SER D 107 -0.77 22.06 9.69
CA SER D 107 -0.95 21.50 8.35
C SER D 107 -2.06 20.47 8.33
N LEU D 108 -2.54 20.18 7.12
CA LEU D 108 -3.42 19.06 6.84
C LEU D 108 -2.62 18.04 6.04
N ASP D 109 -2.45 16.85 6.60
CA ASP D 109 -1.45 15.91 6.08
C ASP D 109 -1.98 14.98 5.00
N SER D 110 -3.20 14.48 5.13
CA SER D 110 -3.75 13.54 4.15
C SER D 110 -5.24 13.38 4.39
N ILE D 111 -5.91 12.77 3.41
CA ILE D 111 -7.33 12.43 3.50
C ILE D 111 -7.58 11.12 2.76
N SER D 112 -8.44 10.29 3.32
CA SER D 112 -8.75 8.97 2.76
C SER D 112 -10.24 8.89 2.50
N GLU D 113 -10.62 8.79 1.22
CA GLU D 113 -12.03 8.76 0.89
C GLU D 113 -12.69 7.40 1.13
N VAL D 114 -11.95 6.30 0.95
CA VAL D 114 -12.54 4.99 1.18
C VAL D 114 -12.74 4.73 2.68
N ASP D 115 -11.76 5.08 3.50
CA ASP D 115 -11.88 4.87 4.95
C ASP D 115 -12.55 6.02 5.66
N MET D 116 -12.78 7.15 4.99
CA MET D 116 -13.50 8.31 5.53
C MET D 116 -12.83 8.87 6.80
N ASP D 117 -11.62 9.41 6.63
CA ASP D 117 -10.93 10.09 7.73
C ASP D 117 -9.92 11.10 7.17
N PHE D 118 -9.38 11.94 8.06
CA PHE D 118 -8.38 12.95 7.73
C PHE D 118 -7.36 13.08 8.85
N THR D 119 -6.18 13.63 8.54
CA THR D 119 -5.06 13.76 9.47
C THR D 119 -4.57 15.20 9.55
N MET D 120 -4.32 15.68 10.77
CA MET D 120 -3.94 17.06 11.06
C MET D 120 -2.82 17.14 12.10
N THR D 121 -1.97 18.16 11.99
CA THR D 121 -0.92 18.47 12.96
C THR D 121 -1.13 19.86 13.55
N LEU D 122 -1.06 19.96 14.88
CA LEU D 122 -1.37 21.22 15.54
C LEU D 122 -0.73 21.45 16.91
N TYR D 123 -0.78 22.70 17.36
CA TYR D 123 -0.32 23.08 18.70
C TYR D 123 -1.53 23.28 19.61
N LEU D 124 -1.50 22.67 20.80
CA LEU D 124 -2.57 22.78 21.80
C LEU D 124 -2.04 23.47 23.06
N ARG D 125 -2.74 24.52 23.51
CA ARG D 125 -2.29 25.33 24.64
C ARG D 125 -3.40 25.45 25.69
N HIS D 126 -3.02 25.34 26.98
CA HIS D 126 -3.94 25.38 28.12
C HIS D 126 -3.57 26.50 29.08
N TYR D 127 -4.59 27.12 29.70
CA TYR D 127 -4.38 28.18 30.69
C TYR D 127 -5.24 27.92 31.93
N TRP D 128 -4.62 27.97 33.11
CA TRP D 128 -5.33 27.87 34.40
C TRP D 128 -4.43 28.40 35.51
N LYS D 129 -5.03 28.56 36.70
CA LYS D 129 -4.33 29.09 37.87
C LYS D 129 -4.32 28.06 39.01
N ASP D 130 -3.19 27.96 39.71
CA ASP D 130 -3.04 27.06 40.85
C ASP D 130 -2.21 27.75 41.91
N GLU D 131 -2.83 28.10 43.04
CA GLU D 131 -2.13 28.80 44.10
C GLU D 131 -1.04 27.96 44.77
N ARG D 132 -1.09 26.64 44.65
CA ARG D 132 -0.07 25.79 45.26
C ARG D 132 1.29 25.92 44.58
N LEU D 133 1.34 26.47 43.37
CA LEU D 133 2.58 26.62 42.63
C LEU D 133 3.21 28.00 42.75
N SER D 134 2.61 28.90 43.52
CA SER D 134 3.16 30.23 43.71
C SER D 134 4.50 30.17 44.44
N PHE D 135 5.42 31.04 44.05
CA PHE D 135 6.75 31.10 44.63
C PHE D 135 7.18 32.55 44.83
N PRO D 136 8.01 32.82 45.83
CA PRO D 136 8.46 34.19 46.06
C PRO D 136 9.47 34.63 45.01
N SER D 137 9.45 35.92 44.69
CA SER D 137 10.37 36.48 43.72
C SER D 137 10.59 37.95 44.04
N THR D 138 11.82 38.40 43.78
CA THR D 138 12.17 39.81 43.91
C THR D 138 11.99 40.57 42.62
N ASN D 139 11.45 39.90 41.61
CA ASN D 139 11.20 40.46 40.30
C ASN D 139 9.94 39.80 39.75
N ASN D 140 9.67 40.01 38.47
CA ASN D 140 8.48 39.44 37.85
C ASN D 140 8.84 38.43 36.76
N LEU D 141 9.93 37.70 36.94
CA LEU D 141 10.35 36.69 35.97
C LEU D 141 9.70 35.35 36.26
N SER D 142 9.36 34.62 35.21
CA SER D 142 8.75 33.32 35.30
C SER D 142 9.79 32.21 35.10
N MET D 143 9.41 31.00 35.49
CA MET D 143 10.27 29.82 35.38
C MET D 143 9.70 28.84 34.35
N THR D 144 10.59 28.25 33.55
CA THR D 144 10.21 27.38 32.44
C THR D 144 10.76 25.98 32.64
N PHE D 145 9.92 24.97 32.38
CA PHE D 145 10.29 23.57 32.54
C PHE D 145 9.88 22.78 31.31
N ASP D 146 10.52 21.62 31.12
CA ASP D 146 10.16 20.71 30.05
C ASP D 146 9.23 19.61 30.59
N GLY D 147 9.03 18.56 29.80
CA GLY D 147 8.04 17.53 30.09
C GLY D 147 8.29 16.70 31.33
N ARG D 148 9.49 16.74 31.91
CA ARG D 148 9.78 15.91 33.07
C ARG D 148 9.02 16.37 34.32
N LEU D 149 8.63 17.65 34.39
CA LEU D 149 7.88 18.14 35.55
C LEU D 149 6.41 17.73 35.51
N VAL D 150 5.89 17.33 34.35
CA VAL D 150 4.46 17.07 34.21
C VAL D 150 4.01 15.96 35.14
N LYS D 151 4.84 14.93 35.32
CA LYS D 151 4.47 13.82 36.18
C LYS D 151 4.44 14.18 37.66
N LYS D 152 4.91 15.35 38.06
CA LYS D 152 4.97 15.72 39.46
C LYS D 152 3.84 16.64 39.90
N ILE D 153 3.06 17.21 38.98
CA ILE D 153 1.99 18.15 39.32
C ILE D 153 0.71 17.70 38.63
N TRP D 154 -0.38 18.37 38.97
CA TRP D 154 -1.68 18.14 38.34
C TRP D 154 -1.79 18.91 37.02
N VAL D 155 -2.26 18.26 35.97
CA VAL D 155 -2.55 18.88 34.69
C VAL D 155 -3.88 18.36 34.16
N PRO D 156 -4.56 19.12 33.30
CA PRO D 156 -5.82 18.64 32.70
C PRO D 156 -5.62 17.49 31.72
N ASP D 157 -6.62 16.60 31.66
CA ASP D 157 -6.57 15.36 30.86
C ASP D 157 -7.44 15.44 29.61
N MET D 158 -7.04 16.25 28.62
CA MET D 158 -7.82 16.35 27.39
C MET D 158 -7.56 15.16 26.46
N PHE D 159 -8.59 14.79 25.68
CA PHE D 159 -8.48 13.75 24.65
C PHE D 159 -9.38 14.10 23.46
N PHE D 160 -9.10 13.48 22.31
CA PHE D 160 -9.80 13.77 21.07
C PHE D 160 -10.91 12.74 20.82
N VAL D 161 -12.15 13.22 20.72
CA VAL D 161 -13.32 12.36 20.55
C VAL D 161 -13.42 11.93 19.09
N HIS D 162 -13.80 10.66 18.88
CA HIS D 162 -13.97 10.08 17.54
C HIS D 162 -12.67 10.03 16.75
N SER D 163 -11.54 9.81 17.41
CA SER D 163 -10.27 9.66 16.71
C SER D 163 -9.89 8.19 16.56
N LYS D 164 -9.05 7.91 15.57
CA LYS D 164 -8.57 6.56 15.31
C LYS D 164 -7.16 6.31 15.81
N ARG D 165 -6.29 7.31 15.81
CA ARG D 165 -4.91 7.20 16.30
C ARG D 165 -4.30 8.59 16.46
N SER D 166 -3.33 8.71 17.36
CA SER D 166 -2.65 9.99 17.63
C SER D 166 -1.36 9.76 18.38
N PHE D 167 -0.46 10.75 18.35
CA PHE D 167 0.80 10.68 19.09
C PHE D 167 1.36 12.08 19.31
N ILE D 168 2.28 12.19 20.28
CA ILE D 168 2.98 13.43 20.61
C ILE D 168 4.41 13.34 20.09
N HIS D 169 4.86 14.39 19.38
CA HIS D 169 6.19 14.39 18.76
C HIS D 169 7.29 14.42 19.81
N ASP D 170 8.40 13.71 19.54
CA ASP D 170 9.44 13.54 20.56
C ASP D 170 10.88 13.67 20.03
N THR D 171 11.11 14.41 18.96
CA THR D 171 12.45 14.67 18.44
C THR D 171 12.76 16.17 18.49
N THR D 172 13.91 16.56 19.03
CA THR D 172 14.94 15.68 19.58
C THR D 172 14.65 15.26 21.02
N THR D 173 13.67 15.90 21.64
CA THR D 173 13.12 15.49 22.92
C THR D 173 11.62 15.74 22.88
N ASP D 174 10.91 15.40 23.95
CA ASP D 174 9.46 15.59 23.98
C ASP D 174 9.10 17.07 23.77
N ASN D 175 8.18 17.33 22.84
CA ASN D 175 7.79 18.69 22.46
C ASN D 175 6.71 19.21 23.42
N VAL D 176 7.11 19.42 24.68
CA VAL D 176 6.23 19.84 25.76
C VAL D 176 6.89 20.96 26.56
N MET D 177 6.10 21.75 27.22
CA MET D 177 6.68 22.72 28.12
C MET D 177 5.64 23.32 29.07
N LEU D 178 6.08 23.74 30.24
CA LEU D 178 5.26 24.40 31.25
C LEU D 178 5.90 25.70 31.77
N ARG D 179 5.17 26.79 31.71
CA ARG D 179 5.66 28.08 32.20
C ARG D 179 4.83 28.52 33.39
N VAL D 180 5.49 28.92 34.47
CA VAL D 180 4.81 29.21 35.72
C VAL D 180 5.12 30.65 36.14
N GLN D 181 4.07 31.44 36.37
CA GLN D 181 4.20 32.81 36.84
C GLN D 181 4.37 32.84 38.36
N PRO D 182 4.92 33.94 38.91
CA PRO D 182 5.07 34.02 40.38
C PRO D 182 3.78 33.85 41.16
N ASP D 183 2.63 34.23 40.60
CA ASP D 183 1.36 34.15 41.29
C ASP D 183 0.62 32.82 41.05
N GLY D 184 1.20 31.90 40.29
CA GLY D 184 0.61 30.60 40.08
C GLY D 184 -0.15 30.38 38.79
N LYS D 185 -0.08 31.31 37.85
CA LYS D 185 -0.67 31.09 36.53
C LYS D 185 0.23 30.19 35.69
N VAL D 186 -0.39 29.28 34.93
CA VAL D 186 0.31 28.22 34.22
C VAL D 186 -0.09 28.23 32.74
N LEU D 187 0.90 28.07 31.86
CA LEU D 187 0.70 27.80 30.44
C LEU D 187 1.27 26.43 30.09
N TYR D 188 0.50 25.61 29.39
CA TYR D 188 0.84 24.22 29.07
C TYR D 188 0.68 24.01 27.57
N SER D 189 1.76 23.69 26.87
CA SER D 189 1.82 23.67 25.41
C SER D 189 2.44 22.39 24.88
N LEU D 190 1.83 21.78 23.85
CA LEU D 190 2.38 20.58 23.24
C LEU D 190 1.97 20.45 21.78
N ARG D 191 2.76 19.68 21.03
CA ARG D 191 2.60 19.51 19.58
C ARG D 191 2.18 18.07 19.28
N VAL D 192 1.08 17.91 18.53
CA VAL D 192 0.42 16.61 18.36
C VAL D 192 -0.06 16.41 16.92
N THR D 193 -0.16 15.13 16.50
CA THR D 193 -0.74 14.73 15.22
C THR D 193 -1.89 13.75 15.47
N VAL D 194 -3.03 13.95 14.80
CA VAL D 194 -4.25 13.18 15.07
C VAL D 194 -4.93 12.79 13.75
N THR D 195 -5.51 11.58 13.72
CA THR D 195 -6.34 11.09 12.64
C THR D 195 -7.78 10.93 13.14
N ALA D 196 -8.74 11.57 12.47
CA ALA D 196 -10.12 11.61 12.93
C ALA D 196 -11.11 11.20 11.84
N MET D 197 -12.24 10.64 12.26
CA MET D 197 -13.25 10.14 11.33
C MET D 197 -14.11 11.27 10.77
N CYS D 198 -14.57 11.11 9.52
CA CYS D 198 -15.43 12.13 8.86
C CYS D 198 -16.40 11.42 7.89
N ASN D 199 -17.66 11.17 8.29
CA ASN D 199 -18.64 10.54 7.40
C ASN D 199 -18.90 11.39 6.16
N MET D 200 -18.82 10.78 5.00
CA MET D 200 -18.95 11.45 3.72
C MET D 200 -20.11 10.85 2.91
N ASP D 201 -20.69 11.66 2.03
CA ASP D 201 -21.80 11.26 1.16
C ASP D 201 -21.42 11.59 -0.28
N PHE D 202 -21.35 10.56 -1.13
CA PHE D 202 -20.91 10.71 -2.50
C PHE D 202 -22.04 10.65 -3.53
N SER D 203 -23.28 10.88 -3.09
CA SER D 203 -24.43 10.77 -4.02
C SER D 203 -24.33 11.78 -5.17
N ARG D 204 -23.84 12.99 -4.91
CA ARG D 204 -23.81 14.06 -5.89
C ARG D 204 -22.45 14.20 -6.57
N PHE D 205 -21.54 13.25 -6.40
CA PHE D 205 -20.21 13.30 -7.00
C PHE D 205 -20.31 13.51 -8.51
N PRO D 206 -19.49 14.39 -9.10
CA PRO D 206 -18.41 15.18 -8.50
C PRO D 206 -18.80 16.57 -8.00
N LEU D 207 -20.10 16.82 -7.78
CA LEU D 207 -20.57 18.13 -7.33
C LEU D 207 -20.92 18.12 -5.85
N ASP D 208 -20.34 17.23 -5.07
CA ASP D 208 -20.64 17.08 -3.65
C ASP D 208 -19.84 18.09 -2.82
N THR D 209 -20.36 18.35 -1.62
CA THR D 209 -19.71 19.19 -0.60
C THR D 209 -19.68 18.43 0.72
N GLN D 210 -18.55 18.50 1.42
CA GLN D 210 -18.37 17.77 2.67
C GLN D 210 -18.03 18.71 3.82
N THR D 211 -18.51 18.38 5.02
CA THR D 211 -18.19 19.12 6.24
C THR D 211 -17.54 18.19 7.26
N CYS D 212 -16.41 18.62 7.82
CA CYS D 212 -15.68 17.82 8.82
C CYS D 212 -15.47 18.60 10.12
N SER D 213 -15.12 17.89 11.19
CA SER D 213 -14.89 18.51 12.50
C SER D 213 -13.89 17.71 13.33
N LEU D 214 -13.21 18.40 14.24
CA LEU D 214 -12.36 17.82 15.26
C LEU D 214 -12.86 18.25 16.63
N GLU D 215 -12.95 17.30 17.58
CA GLU D 215 -13.63 17.50 18.85
C GLU D 215 -12.69 17.22 20.04
N ILE D 216 -12.78 18.06 21.07
CA ILE D 216 -11.91 18.02 22.25
C ILE D 216 -12.78 17.96 23.51
N GLU D 217 -12.41 17.08 24.45
CA GLU D 217 -13.20 16.82 25.65
C GLU D 217 -12.31 16.30 26.78
N SER D 218 -12.74 16.53 28.02
CA SER D 218 -12.09 15.96 29.19
C SER D 218 -12.50 14.48 29.40
N TYR D 219 -11.54 13.64 29.76
CA TYR D 219 -11.84 12.21 29.92
C TYR D 219 -12.61 11.93 31.22
N ALA D 220 -12.17 12.50 32.34
CA ALA D 220 -12.64 12.06 33.65
C ALA D 220 -13.38 13.09 34.49
N TYR D 221 -13.40 14.37 34.10
CA TYR D 221 -13.99 15.41 34.95
C TYR D 221 -15.26 15.96 34.29
N THR D 222 -16.37 15.92 35.04
CA THR D 222 -17.63 16.49 34.59
C THR D 222 -17.61 18.02 34.75
N GLU D 223 -18.65 18.66 34.22
CA GLU D 223 -18.75 20.11 34.27
C GLU D 223 -18.88 20.65 35.70
N ASP D 224 -19.16 19.82 36.69
CA ASP D 224 -19.20 20.28 38.06
C ASP D 224 -17.79 20.44 38.65
N ASP D 225 -16.79 19.78 38.08
CA ASP D 225 -15.42 19.86 38.56
C ASP D 225 -14.49 20.65 37.66
N LEU D 226 -14.72 20.66 36.33
CA LEU D 226 -13.84 21.33 35.38
C LEU D 226 -14.69 22.00 34.32
N MET D 227 -14.47 23.31 34.11
CA MET D 227 -15.22 24.10 33.14
C MET D 227 -14.30 24.45 31.97
N LEU D 228 -14.55 23.85 30.80
CA LEU D 228 -13.70 23.98 29.62
C LEU D 228 -14.35 24.95 28.62
N TYR D 229 -13.57 25.92 28.13
CA TYR D 229 -14.09 26.96 27.25
C TYR D 229 -12.98 27.48 26.32
N TRP D 230 -13.39 28.12 25.22
CA TRP D 230 -12.45 28.79 24.31
C TRP D 230 -11.99 30.10 24.96
N LYS D 231 -10.67 30.29 25.03
CA LYS D 231 -10.12 31.39 25.82
C LYS D 231 -10.51 32.76 25.26
N LYS D 232 -10.49 32.93 23.95
CA LYS D 232 -10.79 34.23 23.35
C LYS D 232 -11.88 34.11 22.28
N GLY D 233 -12.86 33.22 22.48
CA GLY D 233 -13.94 33.08 21.52
C GLY D 233 -13.44 32.60 20.16
N ASN D 234 -13.87 33.28 19.10
CA ASN D 234 -13.47 32.93 17.74
C ASN D 234 -12.05 33.36 17.40
N ASP D 235 -11.42 34.18 18.24
CA ASP D 235 -10.03 34.56 18.05
C ASP D 235 -9.06 33.51 18.57
N SER D 236 -9.56 32.41 19.14
CA SER D 236 -8.72 31.36 19.71
C SER D 236 -8.17 30.40 18.65
N LEU D 237 -8.61 30.49 17.40
CA LEU D 237 -8.22 29.56 16.34
C LEU D 237 -7.41 30.30 15.29
N LYS D 238 -6.20 29.81 15.01
CA LYS D 238 -5.34 30.33 13.96
C LYS D 238 -4.96 29.20 13.01
N THR D 239 -4.83 29.53 11.72
CA THR D 239 -4.45 28.56 10.70
C THR D 239 -3.29 29.07 9.87
N ASP D 240 -2.46 28.14 9.39
CA ASP D 240 -1.29 28.48 8.60
C ASP D 240 -1.67 29.05 7.24
N GLU D 241 -0.89 30.02 6.77
CA GLU D 241 -1.21 30.72 5.53
C GLU D 241 -1.13 29.82 4.30
N ARG D 242 -0.40 28.71 4.36
CA ARG D 242 -0.18 27.87 3.19
C ARG D 242 -0.81 26.48 3.35
N ILE D 243 -1.87 26.37 4.14
CA ILE D 243 -2.54 25.09 4.32
C ILE D 243 -3.26 24.71 3.04
N SER D 244 -3.08 23.47 2.59
CA SER D 244 -3.67 23.04 1.32
C SER D 244 -3.76 21.52 1.26
N LEU D 245 -4.65 21.05 0.39
CA LEU D 245 -4.78 19.64 0.05
C LEU D 245 -4.70 19.53 -1.47
N SER D 246 -4.21 18.37 -1.93
CA SER D 246 -3.95 18.21 -3.35
C SER D 246 -5.25 18.22 -4.18
N GLN D 247 -6.26 17.47 -3.75
CA GLN D 247 -7.48 17.32 -4.55
C GLN D 247 -8.69 18.10 -4.04
N PHE D 248 -8.54 18.94 -3.01
CA PHE D 248 -9.69 19.67 -2.45
C PHE D 248 -9.36 21.15 -2.25
N LEU D 249 -10.41 21.97 -2.22
CA LEU D 249 -10.34 23.35 -1.74
C LEU D 249 -10.91 23.42 -0.33
N ILE D 250 -10.28 24.21 0.54
CA ILE D 250 -10.61 24.28 1.96
C ILE D 250 -11.11 25.69 2.28
N GLN D 251 -12.22 25.78 3.03
CA GLN D 251 -12.79 27.08 3.35
C GLN D 251 -13.56 27.03 4.67
N GLU D 252 -13.76 28.21 5.26
CA GLU D 252 -14.69 28.47 6.35
C GLU D 252 -14.35 27.74 7.65
N PHE D 253 -13.18 28.04 8.23
CA PHE D 253 -12.83 27.58 9.58
C PHE D 253 -13.58 28.40 10.63
N HIS D 254 -14.14 27.72 11.64
CA HIS D 254 -14.77 28.39 12.78
C HIS D 254 -14.93 27.39 13.93
N THR D 255 -15.25 27.91 15.11
CA THR D 255 -15.38 27.12 16.33
C THR D 255 -16.80 27.18 16.89
N THR D 256 -17.20 26.10 17.61
CA THR D 256 -18.45 26.03 18.35
C THR D 256 -18.25 25.22 19.65
N THR D 257 -19.26 25.22 20.52
CA THR D 257 -19.28 24.44 21.75
C THR D 257 -20.65 23.82 21.97
N LYS D 258 -20.69 22.68 22.68
CA LYS D 258 -21.94 21.99 22.98
C LYS D 258 -21.75 21.03 24.16
N LEU D 259 -22.82 20.84 24.93
CA LEU D 259 -22.81 19.94 26.08
C LEU D 259 -23.21 18.52 25.66
N ALA D 260 -22.50 17.53 26.19
CA ALA D 260 -22.74 16.12 25.90
C ALA D 260 -23.07 15.36 27.19
N PHE D 261 -23.92 14.34 27.06
CA PHE D 261 -24.40 13.57 28.20
C PHE D 261 -23.96 12.11 28.09
N TYR D 262 -23.42 11.57 29.18
CA TYR D 262 -23.09 10.16 29.30
C TYR D 262 -23.88 9.58 30.46
N SER D 263 -24.63 8.51 30.20
CA SER D 263 -25.40 7.89 31.27
C SER D 263 -24.52 7.29 32.35
N SER D 264 -23.28 6.95 32.05
CA SER D 264 -22.40 6.37 33.06
C SER D 264 -21.91 7.40 34.08
N THR D 265 -21.67 8.64 33.64
CA THR D 265 -21.08 9.60 34.59
C THR D 265 -21.66 11.01 34.59
N GLY D 266 -22.32 11.49 33.54
CA GLY D 266 -22.91 12.82 33.63
C GLY D 266 -22.64 13.71 32.43
N TRP D 267 -22.67 15.03 32.63
CA TRP D 267 -22.57 16.03 31.56
C TRP D 267 -21.14 16.54 31.40
N TYR D 268 -20.71 16.73 30.15
CA TYR D 268 -19.37 17.20 29.82
C TYR D 268 -19.43 18.29 28.76
N ASN D 269 -18.48 19.24 28.83
CA ASN D 269 -18.30 20.26 27.80
C ASN D 269 -17.47 19.73 26.63
N ARG D 270 -17.90 20.02 25.41
CA ARG D 270 -17.21 19.60 24.20
C ARG D 270 -16.97 20.80 23.27
N LEU D 271 -15.76 20.88 22.71
CA LEU D 271 -15.36 21.95 21.79
C LEU D 271 -15.16 21.41 20.37
N TYR D 272 -15.49 22.23 19.37
CA TYR D 272 -15.49 21.82 17.96
C TYR D 272 -14.68 22.77 17.07
N ILE D 273 -13.99 22.21 16.08
CA ILE D 273 -13.34 22.95 15.00
C ILE D 273 -13.94 22.47 13.68
N ASN D 274 -14.55 23.38 12.91
CA ASN D 274 -15.31 23.03 11.71
C ASN D 274 -14.71 23.63 10.44
N PHE D 275 -14.79 22.90 9.33
CA PHE D 275 -14.35 23.38 8.02
C PHE D 275 -15.05 22.60 6.90
N THR D 276 -14.96 23.12 5.66
CA THR D 276 -15.67 22.63 4.48
C THR D 276 -14.71 22.34 3.32
N LEU D 277 -15.04 21.33 2.51
CA LEU D 277 -14.23 20.91 1.37
C LEU D 277 -15.02 20.92 0.06
N ARG D 278 -14.37 21.31 -1.04
CA ARG D 278 -14.96 21.31 -2.39
C ARG D 278 -13.94 20.83 -3.43
N ARG D 279 -14.45 20.32 -4.56
CA ARG D 279 -13.64 19.82 -5.67
C ARG D 279 -13.48 20.86 -6.79
N HIS D 280 -12.59 20.56 -7.74
CA HIS D 280 -12.38 21.36 -8.95
C HIS D 280 -13.30 20.83 -10.05
N ILE D 281 -14.38 21.56 -10.35
CA ILE D 281 -15.43 21.02 -11.22
C ILE D 281 -14.95 20.89 -12.67
N PHE D 282 -14.19 21.86 -13.16
CA PHE D 282 -13.86 21.89 -14.59
C PHE D 282 -13.00 20.71 -15.02
N PHE D 283 -12.10 20.24 -14.15
CA PHE D 283 -11.32 19.06 -14.45
C PHE D 283 -12.23 17.86 -14.72
N PHE D 284 -13.23 17.66 -13.86
CA PHE D 284 -14.13 16.51 -14.03
C PHE D 284 -15.03 16.70 -15.24
N LEU D 285 -15.48 17.92 -15.52
CA LEU D 285 -16.28 18.14 -16.72
C LEU D 285 -15.50 17.75 -17.97
N LEU D 286 -14.27 18.25 -18.09
CA LEU D 286 -13.44 17.96 -19.26
C LEU D 286 -13.10 16.47 -19.36
N GLN D 287 -12.81 15.82 -18.23
CA GLN D 287 -12.36 14.44 -18.28
C GLN D 287 -13.51 13.45 -18.52
N THR D 288 -14.73 13.76 -18.07
CA THR D 288 -15.80 12.77 -18.16
C THR D 288 -16.94 13.18 -19.07
N TYR D 289 -17.53 14.37 -18.85
CA TYR D 289 -18.77 14.68 -19.55
C TYR D 289 -18.52 14.98 -21.02
N PHE D 290 -17.37 15.56 -21.35
CA PHE D 290 -17.05 15.96 -22.72
C PHE D 290 -16.97 14.77 -23.68
N PRO D 291 -16.14 13.75 -23.44
CA PRO D 291 -16.06 12.63 -24.42
C PRO D 291 -17.38 11.90 -24.64
N ALA D 292 -18.18 11.71 -23.60
CA ALA D 292 -19.44 10.99 -23.75
C ALA D 292 -20.41 11.75 -24.65
N THR D 293 -20.51 13.07 -24.47
CA THR D 293 -21.33 13.90 -25.35
C THR D 293 -20.82 13.85 -26.79
N LEU D 294 -19.48 13.89 -26.96
CA LEU D 294 -18.93 13.82 -28.30
C LEU D 294 -19.26 12.49 -28.99
N MET D 295 -19.20 11.38 -28.26
CA MET D 295 -19.53 10.09 -28.87
C MET D 295 -21.02 9.97 -29.21
N VAL D 296 -21.89 10.51 -28.36
CA VAL D 296 -23.32 10.54 -28.68
C VAL D 296 -23.56 11.35 -29.96
N MET D 297 -22.90 12.50 -30.08
CA MET D 297 -23.07 13.30 -31.30
C MET D 297 -22.51 12.56 -32.52
N LEU D 298 -21.42 11.81 -32.35
CA LEU D 298 -20.84 11.05 -33.44
C LEU D 298 -21.79 9.95 -33.94
N SER D 299 -22.55 9.34 -33.03
CA SER D 299 -23.46 8.28 -33.47
C SER D 299 -24.58 8.81 -34.36
N TRP D 300 -24.85 10.11 -34.37
CA TRP D 300 -25.92 10.66 -35.20
C TRP D 300 -25.52 10.84 -36.67
N VAL D 301 -24.23 10.69 -37.00
CA VAL D 301 -23.75 10.88 -38.37
C VAL D 301 -24.37 9.85 -39.31
N SER D 302 -24.60 8.63 -38.82
CA SER D 302 -25.13 7.57 -39.67
C SER D 302 -26.49 7.91 -40.25
N PHE D 303 -27.25 8.84 -39.65
CA PHE D 303 -28.57 9.16 -40.17
C PHE D 303 -28.49 9.90 -41.51
N TRP D 304 -27.33 10.45 -41.87
CA TRP D 304 -27.14 11.18 -43.11
C TRP D 304 -26.40 10.39 -44.18
N ILE D 305 -26.09 9.12 -43.93
CA ILE D 305 -25.36 8.27 -44.87
C ILE D 305 -26.35 7.44 -45.67
N ASP D 306 -26.03 7.22 -46.94
CA ASP D 306 -26.86 6.43 -47.86
C ASP D 306 -27.19 5.06 -47.27
N ARG D 307 -28.49 4.74 -47.23
CA ARG D 307 -28.93 3.47 -46.63
C ARG D 307 -28.51 2.25 -47.44
N ARG D 308 -28.10 2.41 -48.68
CA ARG D 308 -27.63 1.30 -49.49
C ARG D 308 -26.21 0.88 -49.15
N ALA D 309 -25.46 1.70 -48.41
CA ALA D 309 -24.08 1.38 -48.03
C ALA D 309 -24.06 0.62 -46.69
N VAL D 310 -24.52 -0.62 -46.74
CA VAL D 310 -24.54 -1.48 -45.55
C VAL D 310 -23.15 -1.69 -44.96
N PRO D 311 -22.12 -2.06 -45.74
CA PRO D 311 -20.78 -2.27 -45.16
C PRO D 311 -20.15 -1.02 -44.58
N ALA D 312 -20.76 0.15 -44.77
CA ALA D 312 -20.33 1.35 -44.06
C ALA D 312 -21.18 1.65 -42.84
N ARG D 313 -22.50 1.41 -42.91
CA ARG D 313 -23.38 1.75 -41.78
C ARG D 313 -23.17 0.82 -40.60
N VAL D 314 -23.03 -0.48 -40.83
CA VAL D 314 -22.97 -1.43 -39.70
C VAL D 314 -21.70 -1.28 -38.85
N PRO D 315 -20.50 -1.34 -39.45
CA PRO D 315 -19.29 -1.25 -38.64
C PRO D 315 -19.18 0.04 -37.86
N LEU D 316 -19.72 1.14 -38.38
CA LEU D 316 -19.68 2.42 -37.69
C LEU D 316 -20.42 2.34 -36.35
N GLY D 317 -21.64 1.80 -36.37
CA GLY D 317 -22.40 1.66 -35.14
C GLY D 317 -21.73 0.74 -34.12
N ILE D 318 -21.27 -0.43 -34.58
CA ILE D 318 -20.67 -1.35 -33.60
C ILE D 318 -19.38 -0.78 -33.02
N THR D 319 -18.59 -0.07 -33.84
CA THR D 319 -17.35 0.52 -33.33
C THR D 319 -17.64 1.66 -32.36
N THR D 320 -18.70 2.44 -32.60
CA THR D 320 -19.09 3.47 -31.65
C THR D 320 -19.47 2.87 -30.30
N VAL D 321 -20.19 1.74 -30.32
CA VAL D 321 -20.51 1.06 -29.06
C VAL D 321 -19.24 0.61 -28.33
N LEU D 322 -18.29 0.03 -29.07
CA LEU D 322 -17.03 -0.38 -28.44
C LEU D 322 -16.28 0.80 -27.81
N THR D 323 -16.22 1.93 -28.52
CA THR D 323 -15.52 3.10 -28.01
C THR D 323 -16.17 3.62 -26.71
N MET D 324 -17.50 3.70 -26.68
CA MET D 324 -18.18 4.15 -25.48
C MET D 324 -17.93 3.21 -24.30
N SER D 325 -17.91 1.91 -24.57
CA SER D 325 -17.62 0.95 -23.50
C SER D 325 -16.22 1.14 -22.93
N THR D 326 -15.22 1.35 -23.80
CA THR D 326 -13.86 1.55 -23.29
C THR D 326 -13.76 2.85 -22.49
N ILE D 327 -14.48 3.89 -22.90
CA ILE D 327 -14.48 5.14 -22.14
C ILE D 327 -15.04 4.91 -20.73
N ILE D 328 -16.18 4.21 -20.64
CA ILE D 328 -16.79 4.00 -19.33
C ILE D 328 -15.88 3.16 -18.42
N THR D 329 -15.26 2.11 -18.97
CA THR D 329 -14.34 1.31 -18.16
C THR D 329 -13.17 2.16 -17.65
N GLY D 330 -12.59 2.97 -18.53
CA GLY D 330 -11.49 3.83 -18.09
C GLY D 330 -11.90 4.81 -17.01
N VAL D 331 -13.10 5.39 -17.13
CA VAL D 331 -13.56 6.34 -16.12
C VAL D 331 -13.78 5.63 -14.78
N ASN D 332 -14.38 4.43 -14.81
CA ASN D 332 -14.56 3.68 -13.57
C ASN D 332 -13.23 3.39 -12.90
N ALA D 333 -12.18 3.14 -13.69
CA ALA D 333 -10.91 2.77 -13.08
C ALA D 333 -10.25 3.92 -12.31
N SER D 334 -10.66 5.17 -12.52
CA SER D 334 -9.97 6.31 -11.95
C SER D 334 -10.70 7.01 -10.81
N MET D 335 -11.89 6.57 -10.45
CA MET D 335 -12.61 7.19 -9.34
C MET D 335 -12.39 6.40 -8.06
N PRO D 336 -12.62 7.00 -6.89
CA PRO D 336 -12.51 6.23 -5.64
C PRO D 336 -13.51 5.09 -5.60
N ARG D 337 -13.07 3.96 -5.03
CA ARG D 337 -13.85 2.72 -5.06
C ARG D 337 -14.99 2.79 -4.05
N VAL D 338 -16.05 3.49 -4.42
CA VAL D 338 -17.27 3.61 -3.63
C VAL D 338 -18.38 2.89 -4.38
N SER D 339 -18.96 1.87 -3.77
CA SER D 339 -19.87 0.94 -4.45
C SER D 339 -21.33 1.33 -4.22
N TYR D 340 -21.72 2.50 -4.72
CA TYR D 340 -23.13 2.84 -4.85
C TYR D 340 -23.27 3.91 -5.92
N ILE D 341 -24.51 4.17 -6.33
CA ILE D 341 -24.79 4.92 -7.55
C ILE D 341 -24.54 6.41 -7.34
N LYS D 342 -23.78 7.02 -8.25
CA LYS D 342 -23.47 8.44 -8.25
C LYS D 342 -23.98 9.10 -9.52
N ALA D 343 -24.05 10.44 -9.50
CA ALA D 343 -24.67 11.20 -10.58
C ALA D 343 -23.96 10.97 -11.92
N VAL D 344 -22.63 10.91 -11.91
CA VAL D 344 -21.86 10.74 -13.15
C VAL D 344 -22.15 9.38 -13.79
N ASP D 345 -22.44 8.35 -12.99
CA ASP D 345 -22.84 7.05 -13.53
C ASP D 345 -24.16 7.13 -14.27
N ILE D 346 -25.10 7.90 -13.74
CA ILE D 346 -26.38 8.08 -14.42
C ILE D 346 -26.19 8.71 -15.80
N TYR D 347 -25.38 9.77 -15.87
CA TYR D 347 -25.11 10.42 -17.14
C TYR D 347 -24.47 9.45 -18.13
N LEU D 348 -23.46 8.69 -17.69
CA LEU D 348 -22.75 7.80 -18.61
C LEU D 348 -23.64 6.69 -19.15
N TRP D 349 -24.46 6.07 -18.30
CA TRP D 349 -25.27 4.96 -18.77
C TRP D 349 -26.45 5.40 -19.63
N VAL D 350 -27.00 6.59 -19.40
CA VAL D 350 -27.99 7.14 -20.34
C VAL D 350 -27.38 7.36 -21.71
N SER D 351 -26.15 7.90 -21.75
CA SER D 351 -25.48 8.09 -23.03
C SER D 351 -25.26 6.76 -23.75
N PHE D 352 -24.89 5.72 -23.00
CA PHE D 352 -24.70 4.39 -23.58
C PHE D 352 -25.99 3.87 -24.21
N VAL D 353 -27.12 4.08 -23.53
CA VAL D 353 -28.41 3.66 -24.07
C VAL D 353 -28.72 4.38 -25.38
N PHE D 354 -28.44 5.68 -25.45
CA PHE D 354 -28.65 6.42 -26.70
C PHE D 354 -27.86 5.78 -27.85
N VAL D 355 -26.59 5.43 -27.61
CA VAL D 355 -25.76 4.83 -28.66
C VAL D 355 -26.32 3.48 -29.11
N PHE D 356 -26.82 2.68 -28.17
CA PHE D 356 -27.43 1.38 -28.48
C PHE D 356 -28.66 1.55 -29.37
N LEU D 357 -29.53 2.50 -29.05
CA LEU D 357 -30.74 2.69 -29.87
C LEU D 357 -30.41 3.12 -31.30
N SER D 358 -29.32 3.86 -31.50
CA SER D 358 -28.93 4.27 -32.86
C SER D 358 -28.58 3.07 -33.74
N VAL D 359 -28.16 1.96 -33.15
CA VAL D 359 -27.89 0.79 -33.97
C VAL D 359 -29.18 0.04 -34.28
N LEU D 360 -30.10 -0.05 -33.32
CA LEU D 360 -31.38 -0.69 -33.59
C LEU D 360 -32.12 0.00 -34.73
N GLU D 361 -31.98 1.33 -34.84
CA GLU D 361 -32.68 2.08 -35.87
C GLU D 361 -32.30 1.61 -37.27
N TYR D 362 -30.99 1.45 -37.53
CA TYR D 362 -30.57 1.03 -38.86
C TYR D 362 -30.93 -0.42 -39.14
N ALA D 363 -30.92 -1.27 -38.11
CA ALA D 363 -31.37 -2.65 -38.32
C ALA D 363 -32.79 -2.67 -38.87
N ALA D 364 -33.68 -1.86 -38.28
CA ALA D 364 -35.05 -1.82 -38.77
C ALA D 364 -35.13 -1.30 -40.20
N VAL D 365 -34.35 -0.26 -40.52
CA VAL D 365 -34.38 0.32 -41.86
C VAL D 365 -33.94 -0.71 -42.90
N ASN D 366 -32.86 -1.43 -42.63
CA ASN D 366 -32.35 -2.40 -43.58
C ASN D 366 -33.35 -3.52 -43.83
N TYR D 367 -33.98 -4.02 -42.77
CA TYR D 367 -34.95 -5.09 -42.95
C TYR D 367 -36.14 -4.64 -43.81
N LEU D 368 -36.67 -3.45 -43.54
CA LEU D 368 -37.83 -2.98 -44.30
C LEU D 368 -37.49 -2.77 -45.76
N THR D 369 -36.32 -2.22 -46.06
CA THR D 369 -35.93 -2.02 -47.45
C THR D 369 -35.83 -3.35 -48.19
N THR D 370 -35.21 -4.36 -47.55
CA THR D 370 -35.08 -5.65 -48.19
C THR D 370 -36.45 -6.26 -48.46
N VAL D 371 -37.38 -6.13 -47.52
CA VAL D 371 -38.72 -6.66 -47.72
C VAL D 371 -39.37 -6.01 -48.93
N GLN D 372 -39.25 -4.68 -49.05
CA GLN D 372 -39.89 -4.00 -50.17
C GLN D 372 -39.31 -4.43 -51.50
N GLU D 373 -37.98 -4.56 -51.59
CA GLU D 373 -37.38 -4.96 -52.84
C GLU D 373 -37.80 -6.36 -53.25
N ARG D 374 -37.83 -7.29 -52.29
CA ARG D 374 -38.25 -8.64 -52.60
C ARG D 374 -39.69 -8.68 -53.08
N LYS D 375 -40.56 -7.91 -52.43
CA LYS D 375 -41.96 -7.87 -52.84
C LYS D 375 -42.11 -7.32 -54.25
N GLU D 376 -41.37 -6.26 -54.58
CA GLU D 376 -41.49 -5.67 -55.90
C GLU D 376 -41.04 -6.64 -56.98
N GLN D 377 -39.91 -7.33 -56.76
CA GLN D 377 -39.46 -8.28 -57.76
C GLN D 377 -40.42 -9.45 -57.90
N ASP D 451 -34.05 7.74 -52.71
CA ASP D 451 -34.81 8.54 -51.75
C ASP D 451 -34.47 8.17 -50.31
N THR D 452 -34.85 9.03 -49.37
CA THR D 452 -34.59 8.81 -47.95
C THR D 452 -35.79 8.11 -47.31
N HIS D 453 -35.52 7.07 -46.53
CA HIS D 453 -36.55 6.38 -45.77
C HIS D 453 -37.11 7.29 -44.67
N ALA D 454 -38.39 7.10 -44.35
CA ALA D 454 -39.06 7.96 -43.37
C ALA D 454 -38.42 7.88 -42.00
N ILE D 455 -37.91 6.70 -41.62
CA ILE D 455 -37.34 6.52 -40.29
C ILE D 455 -36.11 7.40 -40.09
N ASP D 456 -35.24 7.46 -41.11
CA ASP D 456 -34.08 8.36 -41.03
C ASP D 456 -34.52 9.81 -40.89
N LYS D 457 -35.54 10.21 -41.66
CA LYS D 457 -36.01 11.59 -41.63
C LYS D 457 -36.53 11.98 -40.25
N TYR D 458 -37.27 11.08 -39.60
CA TYR D 458 -37.75 11.40 -38.26
C TYR D 458 -36.62 11.33 -37.22
N SER D 459 -35.71 10.37 -37.34
CA SER D 459 -34.63 10.22 -36.37
C SER D 459 -33.73 11.43 -36.34
N ARG D 460 -33.45 12.01 -37.52
CA ARG D 460 -32.60 13.19 -37.61
C ARG D 460 -33.09 14.33 -36.72
N ILE D 461 -34.38 14.39 -36.46
CA ILE D 461 -34.95 15.40 -35.59
C ILE D 461 -35.12 14.89 -34.17
N ILE D 462 -35.63 13.66 -34.02
CA ILE D 462 -36.07 13.19 -32.72
C ILE D 462 -34.90 12.95 -31.77
N PHE D 463 -33.79 12.36 -32.25
CA PHE D 463 -32.70 12.02 -31.34
C PHE D 463 -32.10 13.24 -30.63
N PRO D 464 -31.66 14.31 -31.33
CA PRO D 464 -31.10 15.46 -30.61
C PRO D 464 -32.05 16.15 -29.66
N ALA D 465 -33.34 16.24 -30.00
CA ALA D 465 -34.29 16.90 -29.12
C ALA D 465 -34.45 16.15 -27.80
N ALA D 466 -34.51 14.83 -27.85
CA ALA D 466 -34.59 14.03 -26.64
C ALA D 466 -33.33 14.17 -25.80
N TYR D 467 -32.15 14.21 -26.44
CA TYR D 467 -30.92 14.36 -25.67
C TYR D 467 -30.86 15.74 -24.99
N ILE D 468 -31.31 16.79 -25.69
CA ILE D 468 -31.34 18.13 -25.11
C ILE D 468 -32.29 18.17 -23.91
N LEU D 469 -33.46 17.54 -24.04
CA LEU D 469 -34.41 17.52 -22.93
C LEU D 469 -33.85 16.79 -21.72
N PHE D 470 -33.18 15.66 -21.95
CA PHE D 470 -32.54 14.94 -20.85
C PHE D 470 -31.50 15.82 -20.17
N ASN D 471 -30.70 16.56 -20.94
CA ASN D 471 -29.70 17.44 -20.34
C ASN D 471 -30.35 18.54 -19.50
N LEU D 472 -31.45 19.12 -19.99
CA LEU D 472 -32.12 20.16 -19.22
C LEU D 472 -32.62 19.64 -17.88
N ILE D 473 -33.25 18.46 -17.89
CA ILE D 473 -33.75 17.88 -16.64
C ILE D 473 -32.60 17.55 -15.70
N TYR D 474 -31.54 16.91 -16.23
CA TYR D 474 -30.42 16.50 -15.40
C TYR D 474 -29.76 17.68 -14.71
N TRP D 475 -29.46 18.74 -15.48
CA TRP D 475 -28.76 19.87 -14.90
C TRP D 475 -29.67 20.76 -14.06
N SER D 476 -31.01 20.69 -14.23
CA SER D 476 -31.87 21.34 -13.27
C SER D 476 -31.96 20.57 -11.96
N ILE D 477 -31.78 19.26 -12.00
CA ILE D 477 -31.83 18.48 -10.76
C ILE D 477 -30.51 18.59 -10.00
N PHE D 478 -29.38 18.42 -10.67
CA PHE D 478 -28.09 18.32 -9.98
C PHE D 478 -27.32 19.62 -9.95
N SER D 479 -27.95 20.73 -10.31
CA SER D 479 -27.33 22.06 -10.32
C SER D 479 -26.19 22.19 -11.33
N LYS E 74 -2.17 12.85 51.43
CA LYS E 74 -2.10 11.98 50.27
C LYS E 74 -3.35 11.11 50.18
N SER E 75 -4.01 11.12 49.02
CA SER E 75 -5.23 10.34 48.85
C SER E 75 -4.95 8.84 48.84
N GLU E 76 -3.76 8.44 48.42
CA GLU E 76 -3.41 7.02 48.38
C GLU E 76 -3.15 6.46 49.77
N GLN E 77 -3.11 7.29 50.81
CA GLN E 77 -3.01 6.83 52.19
C GLN E 77 -4.38 6.62 52.83
N LEU E 78 -5.45 7.12 52.21
CA LEU E 78 -6.79 6.80 52.67
C LEU E 78 -7.13 5.35 52.37
N LEU E 79 -6.62 4.82 51.27
CA LEU E 79 -6.65 3.39 51.00
C LEU E 79 -5.38 2.77 51.55
N ARG E 80 -5.51 1.74 52.39
CA ARG E 80 -4.36 1.11 53.01
C ARG E 80 -3.68 0.23 51.98
N ILE E 81 -2.95 0.88 51.07
CA ILE E 81 -2.35 0.17 49.94
C ILE E 81 -1.31 -0.85 50.42
N ASP E 82 -0.48 -0.45 51.38
CA ASP E 82 0.61 -1.31 51.84
C ASP E 82 0.17 -2.34 52.87
N ASP E 83 -1.09 -2.33 53.27
CA ASP E 83 -1.60 -3.26 54.27
C ASP E 83 -2.26 -4.49 53.65
N HIS E 84 -2.24 -4.64 52.33
CA HIS E 84 -2.91 -5.75 51.67
C HIS E 84 -2.05 -6.28 50.54
N ASP E 85 -2.21 -7.58 50.26
CA ASP E 85 -1.57 -8.22 49.12
C ASP E 85 -2.52 -8.12 47.92
N PHE E 86 -2.19 -7.25 46.97
CA PHE E 86 -3.02 -7.04 45.80
C PHE E 86 -2.56 -7.90 44.61
N SER E 87 -1.82 -8.96 44.86
CA SER E 87 -1.56 -9.99 43.87
C SER E 87 -2.60 -11.10 43.88
N MET E 88 -3.49 -11.12 44.87
CA MET E 88 -4.59 -12.08 44.93
C MET E 88 -5.93 -11.37 44.74
N ARG E 89 -6.92 -12.12 44.27
CA ARG E 89 -8.23 -11.59 43.96
C ARG E 89 -9.04 -11.33 45.23
N PRO E 90 -10.03 -10.44 45.15
CA PRO E 90 -10.97 -10.30 46.26
C PRO E 90 -11.74 -11.60 46.47
N GLY E 91 -11.96 -11.95 47.73
CA GLY E 91 -12.67 -13.18 48.04
C GLY E 91 -11.86 -14.44 47.85
N PHE E 92 -10.54 -14.34 47.81
CA PHE E 92 -9.67 -15.49 47.55
C PHE E 92 -9.95 -16.63 48.52
N GLY E 93 -10.02 -17.84 47.99
CA GLY E 93 -10.30 -19.01 48.79
C GLY E 93 -11.77 -19.38 48.90
N GLY E 94 -12.67 -18.53 48.42
CA GLY E 94 -14.09 -18.76 48.51
C GLY E 94 -14.78 -18.74 47.17
N PRO E 95 -16.05 -18.35 47.16
CA PRO E 95 -16.81 -18.27 45.91
C PRO E 95 -16.22 -17.25 44.95
N ALA E 96 -16.48 -17.48 43.67
CA ALA E 96 -15.99 -16.61 42.61
C ALA E 96 -16.57 -15.20 42.73
N ILE E 97 -15.80 -14.20 42.29
CA ILE E 97 -16.22 -12.81 42.35
C ILE E 97 -16.90 -12.44 41.04
N PRO E 98 -18.13 -11.93 41.08
CA PRO E 98 -18.79 -11.52 39.83
C PRO E 98 -18.28 -10.19 39.29
N VAL E 99 -18.12 -10.12 37.97
CA VAL E 99 -17.64 -8.92 37.29
C VAL E 99 -18.60 -8.60 36.15
N GLY E 100 -19.22 -7.42 36.18
CA GLY E 100 -20.15 -6.98 35.16
C GLY E 100 -19.50 -6.08 34.13
N VAL E 101 -19.97 -6.15 32.89
CA VAL E 101 -19.36 -5.47 31.74
C VAL E 101 -20.42 -4.70 30.95
N ASP E 102 -20.07 -3.48 30.52
CA ASP E 102 -20.83 -2.68 29.55
C ASP E 102 -19.90 -2.24 28.43
N VAL E 103 -20.45 -2.05 27.21
CA VAL E 103 -19.67 -1.67 26.04
C VAL E 103 -20.39 -0.55 25.28
N GLN E 104 -19.64 0.47 24.86
CA GLN E 104 -20.13 1.51 23.97
C GLN E 104 -19.25 1.56 22.72
N VAL E 105 -19.84 1.34 21.55
CA VAL E 105 -19.10 1.28 20.29
C VAL E 105 -19.08 2.67 19.67
N GLU E 106 -17.88 3.20 19.42
CA GLU E 106 -17.73 4.54 18.87
C GLU E 106 -17.74 4.57 17.34
N SER E 107 -17.02 3.67 16.68
CA SER E 107 -16.97 3.70 15.22
C SER E 107 -16.49 2.36 14.68
N LEU E 108 -16.75 2.15 13.39
CA LEU E 108 -16.17 1.07 12.60
C LEU E 108 -15.19 1.69 11.61
N ASP E 109 -13.92 1.32 11.73
CA ASP E 109 -12.88 2.08 11.07
C ASP E 109 -12.56 1.59 9.66
N SER E 110 -12.54 0.28 9.43
CA SER E 110 -12.19 -0.25 8.11
C SER E 110 -12.56 -1.74 8.06
N ILE E 111 -12.55 -2.28 6.85
CA ILE E 111 -12.76 -3.71 6.61
C ILE E 111 -11.91 -4.15 5.43
N SER E 112 -11.34 -5.34 5.52
CA SER E 112 -10.45 -5.89 4.49
C SER E 112 -11.03 -7.21 4.01
N GLU E 113 -11.43 -7.26 2.76
CA GLU E 113 -12.05 -8.47 2.22
C GLU E 113 -11.03 -9.56 1.88
N VAL E 114 -9.84 -9.18 1.42
CA VAL E 114 -8.84 -10.19 1.09
C VAL E 114 -8.27 -10.84 2.34
N ASP E 115 -7.96 -10.05 3.38
CA ASP E 115 -7.42 -10.60 4.62
C ASP E 115 -8.50 -11.05 5.60
N MET E 116 -9.77 -10.72 5.33
CA MET E 116 -10.91 -11.16 6.15
C MET E 116 -10.80 -10.71 7.61
N ASP E 117 -10.86 -9.40 7.82
CA ASP E 117 -10.88 -8.83 9.17
C ASP E 117 -11.55 -7.45 9.16
N PHE E 118 -11.83 -6.92 10.36
CA PHE E 118 -12.44 -5.60 10.54
C PHE E 118 -11.85 -4.93 11.78
N THR E 119 -11.98 -3.60 11.85
CA THR E 119 -11.39 -2.77 12.92
C THR E 119 -12.46 -1.90 13.58
N MET E 120 -12.45 -1.84 14.91
CA MET E 120 -13.44 -1.13 15.72
C MET E 120 -12.79 -0.35 16.87
N THR E 121 -13.39 0.78 17.25
CA THR E 121 -13.00 1.58 18.41
C THR E 121 -14.14 1.65 19.42
N LEU E 122 -13.83 1.40 20.70
CA LEU E 122 -14.87 1.35 21.71
C LEU E 122 -14.46 1.64 23.14
N TYR E 123 -15.44 1.87 24.00
CA TYR E 123 -15.23 2.06 25.43
C TYR E 123 -15.61 0.79 26.18
N LEU E 124 -14.72 0.31 27.07
CA LEU E 124 -14.94 -0.89 27.87
C LEU E 124 -15.02 -0.52 29.35
N ARG E 125 -16.08 -0.95 30.04
CA ARG E 125 -16.31 -0.58 31.44
C ARG E 125 -16.54 -1.83 32.30
N HIS E 126 -15.93 -1.86 33.50
CA HIS E 126 -16.00 -2.98 34.44
C HIS E 126 -16.58 -2.54 35.78
N TYR E 127 -17.33 -3.43 36.43
CA TYR E 127 -17.91 -3.18 37.75
C TYR E 127 -17.67 -4.36 38.68
N TRP E 128 -17.13 -4.10 39.88
CA TRP E 128 -16.96 -5.10 40.92
C TRP E 128 -16.78 -4.41 42.27
N LYS E 129 -16.82 -5.20 43.34
CA LYS E 129 -16.69 -4.71 44.71
C LYS E 129 -15.45 -5.32 45.39
N ASP E 130 -14.75 -4.50 46.17
CA ASP E 130 -13.57 -4.95 46.92
C ASP E 130 -13.57 -4.24 48.27
N GLU E 131 -13.80 -5.00 49.35
CA GLU E 131 -13.86 -4.42 50.68
C GLU E 131 -12.52 -3.86 51.15
N ARG E 132 -11.40 -4.29 50.57
CA ARG E 132 -10.09 -3.77 50.97
C ARG E 132 -9.88 -2.32 50.58
N LEU E 133 -10.69 -1.78 49.66
CA LEU E 133 -10.54 -0.41 49.21
C LEU E 133 -11.49 0.56 49.91
N SER E 134 -12.29 0.09 50.86
CA SER E 134 -13.21 0.96 51.57
C SER E 134 -12.44 1.98 52.42
N PHE E 135 -12.98 3.20 52.50
CA PHE E 135 -12.35 4.28 53.25
C PHE E 135 -13.40 5.07 54.00
N PRO E 136 -13.05 5.65 55.14
CA PRO E 136 -14.02 6.44 55.90
C PRO E 136 -14.32 7.77 55.23
N SER E 137 -15.55 8.23 55.40
CA SER E 137 -15.97 9.50 54.83
C SER E 137 -17.09 10.09 55.67
N THR E 138 -17.09 11.41 55.78
CA THR E 138 -18.16 12.14 56.45
C THR E 138 -19.27 12.54 55.48
N ASN E 139 -19.16 12.11 54.24
CA ASN E 139 -20.12 12.40 53.19
C ASN E 139 -20.17 11.18 52.28
N ASN E 140 -20.81 11.32 51.13
CA ASN E 140 -20.94 10.23 50.18
C ASN E 140 -20.22 10.52 48.87
N LEU E 141 -19.11 11.25 48.93
CA LEU E 141 -18.33 11.57 47.74
C LEU E 141 -17.31 10.48 47.44
N SER E 142 -17.10 10.21 46.16
CA SER E 142 -16.14 9.23 45.69
C SER E 142 -14.84 9.88 45.27
N MET E 143 -13.80 9.06 45.13
CA MET E 143 -12.47 9.52 44.74
C MET E 143 -12.11 8.95 43.37
N THR E 144 -11.47 9.78 42.54
CA THR E 144 -11.16 9.45 41.15
C THR E 144 -9.66 9.47 40.92
N PHE E 145 -9.16 8.46 40.20
CA PHE E 145 -7.75 8.30 39.91
C PHE E 145 -7.54 8.01 38.43
N ASP E 146 -6.35 8.28 37.93
CA ASP E 146 -5.96 7.94 36.56
C ASP E 146 -5.21 6.61 36.55
N GLY E 147 -4.57 6.31 35.41
CA GLY E 147 -3.97 5.01 35.17
C GLY E 147 -2.80 4.65 36.07
N ARG E 148 -2.21 5.62 36.79
CA ARG E 148 -1.05 5.31 37.61
C ARG E 148 -1.39 4.44 38.81
N LEU E 149 -2.63 4.46 39.28
CA LEU E 149 -3.03 3.63 40.41
C LEU E 149 -3.25 2.17 40.03
N VAL E 150 -3.42 1.88 38.74
CA VAL E 150 -3.78 0.52 38.31
C VAL E 150 -2.70 -0.48 38.71
N LYS E 151 -1.44 -0.09 38.64
CA LYS E 151 -0.35 -1.00 38.99
C LYS E 151 -0.27 -1.30 40.48
N LYS E 152 -1.02 -0.61 41.32
CA LYS E 152 -0.92 -0.80 42.76
C LYS E 152 -2.04 -1.67 43.34
N ILE E 153 -3.09 -1.96 42.58
CA ILE E 153 -4.22 -2.73 43.06
C ILE E 153 -4.52 -3.86 42.08
N TRP E 154 -5.44 -4.73 42.49
CA TRP E 154 -5.89 -5.83 41.63
C TRP E 154 -6.99 -5.34 40.68
N VAL E 155 -6.87 -5.71 39.41
CA VAL E 155 -7.91 -5.44 38.41
C VAL E 155 -8.09 -6.69 37.54
N PRO E 156 -9.28 -6.84 36.92
CA PRO E 156 -9.50 -7.99 36.02
C PRO E 156 -8.67 -7.92 34.72
N ASP E 157 -8.29 -9.09 34.22
CA ASP E 157 -7.40 -9.22 33.05
C ASP E 157 -8.15 -9.66 31.78
N MET E 158 -8.99 -8.79 31.22
CA MET E 158 -9.73 -9.15 30.01
C MET E 158 -8.85 -9.04 28.76
N PHE E 159 -9.11 -9.90 27.77
CA PHE E 159 -8.45 -9.86 26.47
C PHE E 159 -9.43 -10.25 25.37
N PHE E 160 -9.09 -9.90 24.12
CA PHE E 160 -9.97 -10.11 22.97
C PHE E 160 -9.56 -11.39 22.22
N VAL E 161 -10.47 -12.35 22.12
CA VAL E 161 -10.21 -13.64 21.50
C VAL E 161 -10.27 -13.49 19.98
N HIS E 162 -9.37 -14.17 19.28
CA HIS E 162 -9.29 -14.17 17.81
C HIS E 162 -8.97 -12.78 17.25
N SER E 163 -8.16 -11.99 17.94
CA SER E 163 -7.75 -10.70 17.41
C SER E 163 -6.35 -10.78 16.82
N LYS E 164 -6.06 -9.82 15.93
CA LYS E 164 -4.76 -9.75 15.27
C LYS E 164 -3.86 -8.66 15.84
N ARG E 165 -4.41 -7.56 16.33
CA ARG E 165 -3.65 -6.47 16.93
C ARG E 165 -4.60 -5.52 17.66
N SER E 166 -4.08 -4.82 18.68
CA SER E 166 -4.88 -3.88 19.46
C SER E 166 -3.97 -2.96 20.27
N PHE E 167 -4.52 -1.82 20.71
CA PHE E 167 -3.76 -0.89 21.54
C PHE E 167 -4.72 0.02 22.33
N ILE E 168 -4.20 0.63 23.39
CA ILE E 168 -4.93 1.57 24.25
C ILE E 168 -4.46 2.99 23.93
N HIS E 169 -5.40 3.91 23.71
CA HIS E 169 -5.07 5.28 23.33
C HIS E 169 -4.38 6.03 24.47
N ASP E 170 -3.40 6.89 24.12
CA ASP E 170 -2.58 7.52 25.15
C ASP E 170 -2.29 9.02 24.91
N THR E 171 -3.17 9.74 24.22
CA THR E 171 -3.01 11.18 24.03
C THR E 171 -4.21 11.91 24.64
N THR E 172 -3.97 12.94 25.44
CA THR E 172 -2.64 13.46 25.78
C THR E 172 -1.98 12.69 26.93
N THR E 173 -2.75 11.84 27.59
CA THR E 173 -2.23 10.87 28.56
C THR E 173 -3.04 9.59 28.38
N ASP E 174 -2.72 8.56 29.17
CA ASP E 174 -3.42 7.29 29.05
C ASP E 174 -4.92 7.48 29.32
N ASN E 175 -5.76 6.96 28.41
CA ASN E 175 -7.21 7.12 28.50
C ASN E 175 -7.81 6.06 29.42
N VAL E 176 -7.50 6.16 30.72
CA VAL E 176 -7.90 5.19 31.74
C VAL E 176 -8.41 5.94 32.97
N MET E 177 -9.22 5.29 33.74
CA MET E 177 -9.61 5.90 35.01
C MET E 177 -10.27 4.89 35.95
N LEU E 178 -10.15 5.12 37.25
CA LEU E 178 -10.75 4.30 38.29
C LEU E 178 -11.50 5.17 39.32
N ARG E 179 -12.77 4.85 39.56
CA ARG E 179 -13.58 5.57 40.53
C ARG E 179 -13.94 4.64 41.67
N VAL E 180 -13.75 5.09 42.90
CA VAL E 180 -13.92 4.23 44.07
C VAL E 180 -14.95 4.86 45.00
N GLN E 181 -15.97 4.09 45.35
CA GLN E 181 -16.99 4.51 46.29
C GLN E 181 -16.53 4.28 47.73
N PRO E 182 -17.14 4.97 48.71
CA PRO E 182 -16.75 4.76 50.10
C PRO E 182 -16.87 3.33 50.59
N ASP E 183 -17.81 2.55 50.04
CA ASP E 183 -18.02 1.17 50.48
C ASP E 183 -17.20 0.15 49.68
N GLY E 184 -16.39 0.59 48.73
CA GLY E 184 -15.51 -0.31 48.00
C GLY E 184 -15.97 -0.73 46.62
N LYS E 185 -17.03 -0.13 46.08
CA LYS E 185 -17.44 -0.39 44.70
C LYS E 185 -16.52 0.36 43.73
N VAL E 186 -16.19 -0.29 42.62
CA VAL E 186 -15.18 0.21 41.68
C VAL E 186 -15.76 0.23 40.27
N LEU E 187 -15.48 1.32 39.54
CA LEU E 187 -15.71 1.40 38.10
C LEU E 187 -14.38 1.60 37.38
N TYR E 188 -14.15 0.82 36.33
CA TYR E 188 -12.89 0.78 35.58
C TYR E 188 -13.19 0.95 34.09
N SER E 189 -12.69 2.03 33.49
CA SER E 189 -13.06 2.44 32.14
C SER E 189 -11.83 2.77 31.29
N LEU E 190 -11.82 2.28 30.04
CA LEU E 190 -10.71 2.57 29.13
C LEU E 190 -11.17 2.53 27.67
N ARG E 191 -10.41 3.21 26.81
CA ARG E 191 -10.72 3.40 25.40
C ARG E 191 -9.69 2.64 24.54
N VAL E 192 -10.18 1.78 23.64
CA VAL E 192 -9.34 0.81 22.93
C VAL E 192 -9.75 0.68 21.46
N THR E 193 -8.78 0.30 20.61
CA THR E 193 -9.00 -0.02 19.20
C THR E 193 -8.50 -1.44 18.91
N VAL E 194 -9.31 -2.24 18.20
CA VAL E 194 -9.03 -3.67 18.00
C VAL E 194 -9.30 -4.07 16.56
N THR E 195 -8.46 -4.97 16.03
CA THR E 195 -8.65 -5.61 14.72
C THR E 195 -8.91 -7.10 14.93
N ALA E 196 -10.03 -7.61 14.40
CA ALA E 196 -10.47 -8.97 14.64
C ALA E 196 -10.78 -9.72 13.34
N MET E 197 -10.60 -11.04 13.38
CA MET E 197 -10.81 -11.87 12.20
C MET E 197 -12.29 -12.16 11.95
N CYS E 198 -12.68 -12.30 10.67
CA CYS E 198 -14.08 -12.60 10.30
C CYS E 198 -14.09 -13.45 9.02
N ASN E 199 -14.25 -14.79 9.13
CA ASN E 199 -14.31 -15.65 7.94
C ASN E 199 -15.51 -15.30 7.06
N MET E 200 -15.26 -15.11 5.77
CA MET E 200 -16.26 -14.70 4.81
C MET E 200 -16.40 -15.73 3.69
N ASP E 201 -17.58 -15.77 3.08
CA ASP E 201 -17.89 -16.68 1.98
C ASP E 201 -18.44 -15.87 0.82
N PHE E 202 -17.75 -15.91 -0.31
CA PHE E 202 -18.10 -15.09 -1.47
C PHE E 202 -18.76 -15.88 -2.60
N SER E 203 -19.32 -17.05 -2.30
CA SER E 203 -19.92 -17.89 -3.35
C SER E 203 -21.08 -17.19 -4.04
N ARG E 204 -21.89 -16.44 -3.30
CA ARG E 204 -23.10 -15.82 -3.83
C ARG E 204 -22.90 -14.35 -4.22
N PHE E 205 -21.66 -13.87 -4.27
CA PHE E 205 -21.38 -12.47 -4.60
C PHE E 205 -22.02 -12.11 -5.94
N PRO E 206 -22.65 -10.93 -6.06
CA PRO E 206 -22.77 -9.84 -5.08
C PRO E 206 -24.00 -9.90 -4.18
N LEU E 207 -24.65 -11.06 -4.07
CA LEU E 207 -25.85 -11.20 -3.26
C LEU E 207 -25.57 -11.92 -1.94
N ASP E 208 -24.35 -11.87 -1.45
CA ASP E 208 -23.93 -12.55 -0.24
C ASP E 208 -24.28 -11.73 1.01
N THR E 209 -24.38 -12.44 2.13
CA THR E 209 -24.58 -11.85 3.45
C THR E 209 -23.53 -12.40 4.41
N GLN E 210 -22.96 -11.52 5.24
CA GLN E 210 -21.89 -11.91 6.17
C GLN E 210 -22.29 -11.61 7.62
N THR E 211 -21.84 -12.46 8.53
CA THR E 211 -22.03 -12.25 9.97
C THR E 211 -20.68 -12.22 10.68
N CYS E 212 -20.46 -11.19 11.51
CA CYS E 212 -19.21 -11.04 12.25
C CYS E 212 -19.44 -10.94 13.76
N SER E 213 -18.39 -11.12 14.55
CA SER E 213 -18.48 -11.06 16.01
C SER E 213 -17.17 -10.62 16.64
N LEU E 214 -17.26 -10.01 17.82
CA LEU E 214 -16.14 -9.68 18.68
C LEU E 214 -16.32 -10.37 20.03
N GLU E 215 -15.26 -10.99 20.55
CA GLU E 215 -15.33 -11.88 21.71
C GLU E 215 -14.40 -11.42 22.83
N ILE E 216 -14.89 -11.52 24.07
CA ILE E 216 -14.19 -11.03 25.27
C ILE E 216 -14.11 -12.17 26.30
N GLU E 217 -12.93 -12.36 26.90
CA GLU E 217 -12.67 -13.46 27.81
C GLU E 217 -11.56 -13.10 28.80
N SER E 218 -11.58 -13.76 29.96
CA SER E 218 -10.49 -13.66 30.93
C SER E 218 -9.29 -14.53 30.55
N TYR E 219 -8.08 -14.01 30.71
CA TYR E 219 -6.89 -14.78 30.31
C TYR E 219 -6.58 -15.89 31.30
N ALA E 220 -6.60 -15.62 32.61
CA ALA E 220 -6.01 -16.52 33.58
C ALA E 220 -6.98 -17.09 34.62
N TYR E 221 -8.21 -16.62 34.72
CA TYR E 221 -9.13 -17.05 35.78
C TYR E 221 -10.27 -17.87 35.20
N THR E 222 -10.46 -19.09 35.71
CA THR E 222 -11.56 -19.94 35.31
C THR E 222 -12.85 -19.49 36.01
N GLU E 223 -13.97 -20.10 35.60
CA GLU E 223 -15.28 -19.75 36.15
C GLU E 223 -15.40 -20.07 37.64
N ASP E 224 -14.49 -20.85 38.22
CA ASP E 224 -14.52 -21.10 39.64
C ASP E 224 -13.98 -19.91 40.45
N ASP E 225 -13.16 -19.06 39.83
CA ASP E 225 -12.59 -17.91 40.49
C ASP E 225 -13.18 -16.57 40.07
N LEU E 226 -13.64 -16.44 38.83
CA LEU E 226 -14.16 -15.18 38.32
C LEU E 226 -15.38 -15.47 37.44
N MET E 227 -16.50 -14.81 37.75
CA MET E 227 -17.76 -14.99 37.01
C MET E 227 -18.05 -13.73 36.19
N LEU E 228 -17.94 -13.85 34.87
CA LEU E 228 -18.06 -12.73 33.95
C LEU E 228 -19.44 -12.76 33.27
N TYR E 229 -20.14 -11.61 33.28
CA TYR E 229 -21.50 -11.53 32.74
C TYR E 229 -21.79 -10.11 32.24
N TRP E 230 -22.82 -10.00 31.40
CA TRP E 230 -23.31 -8.70 30.93
C TRP E 230 -24.10 -8.03 32.04
N LYS E 231 -23.75 -6.79 32.37
CA LYS E 231 -24.28 -6.15 33.57
C LYS E 231 -25.81 -5.95 33.48
N LYS E 232 -26.32 -5.52 32.33
CA LYS E 232 -27.74 -5.24 32.19
C LYS E 232 -28.35 -6.00 31.02
N GLY E 233 -27.88 -7.20 30.74
CA GLY E 233 -28.44 -7.99 29.64
C GLY E 233 -28.21 -7.33 28.30
N ASN E 234 -29.26 -7.24 27.50
CA ASN E 234 -29.17 -6.63 26.17
C ASN E 234 -29.11 -5.11 26.22
N ASP E 235 -29.36 -4.50 27.36
CA ASP E 235 -29.22 -3.06 27.51
C ASP E 235 -27.78 -2.64 27.77
N SER E 236 -26.84 -3.58 27.84
CA SER E 236 -25.44 -3.28 28.10
C SER E 236 -24.68 -2.82 26.87
N LEU E 237 -25.27 -2.86 25.68
CA LEU E 237 -24.61 -2.53 24.43
C LEU E 237 -25.25 -1.27 23.83
N LYS E 238 -24.43 -0.24 23.58
CA LYS E 238 -24.86 0.98 22.90
C LYS E 238 -23.98 1.23 21.68
N THR E 239 -24.58 1.77 20.63
CA THR E 239 -23.87 2.08 19.40
C THR E 239 -24.11 3.52 18.98
N ASP E 240 -23.11 4.10 18.32
CA ASP E 240 -23.18 5.50 17.88
C ASP E 240 -24.21 5.67 16.77
N GLU E 241 -24.90 6.81 16.79
CA GLU E 241 -25.99 7.07 15.85
C GLU E 241 -25.51 7.17 14.40
N ARG E 242 -24.24 7.48 14.16
CA ARG E 242 -23.72 7.72 12.82
C ARG E 242 -22.70 6.68 12.38
N ILE E 243 -22.78 5.47 12.93
CA ILE E 243 -21.86 4.40 12.54
C ILE E 243 -22.16 3.96 11.11
N SER E 244 -21.12 3.86 10.28
CA SER E 244 -21.32 3.51 8.88
C SER E 244 -20.04 2.98 8.27
N LEU E 245 -20.21 2.24 7.19
CA LEU E 245 -19.12 1.77 6.34
C LEU E 245 -19.41 2.20 4.91
N SER E 246 -18.34 2.41 4.15
CA SER E 246 -18.49 2.97 2.81
C SER E 246 -19.22 2.00 1.87
N GLN E 247 -18.83 0.73 1.85
CA GLN E 247 -19.38 -0.23 0.89
C GLN E 247 -20.38 -1.22 1.47
N PHE E 248 -20.78 -1.09 2.73
CA PHE E 248 -21.71 -2.06 3.35
C PHE E 248 -22.83 -1.34 4.11
N LEU E 249 -23.94 -2.05 4.26
CA LEU E 249 -25.00 -1.68 5.21
C LEU E 249 -24.88 -2.55 6.46
N ILE E 250 -25.09 -1.95 7.63
CA ILE E 250 -24.89 -2.62 8.92
C ILE E 250 -26.23 -2.71 9.65
N GLN E 251 -26.52 -3.89 10.22
CA GLN E 251 -27.80 -4.10 10.89
C GLN E 251 -27.67 -5.15 12.00
N GLU E 252 -28.63 -5.11 12.93
CA GLU E 252 -28.91 -6.18 13.89
C GLU E 252 -27.76 -6.42 14.88
N PHE E 253 -27.42 -5.42 15.70
CA PHE E 253 -26.51 -5.60 16.83
C PHE E 253 -27.23 -6.30 17.97
N HIS E 254 -26.55 -7.29 18.58
CA HIS E 254 -27.06 -7.94 19.79
C HIS E 254 -25.91 -8.70 20.47
N THR E 255 -26.17 -9.14 21.71
CA THR E 255 -25.18 -9.82 22.54
C THR E 255 -25.62 -11.25 22.88
N THR E 256 -24.62 -12.13 23.09
CA THR E 256 -24.82 -13.49 23.58
C THR E 256 -23.68 -13.89 24.52
N THR E 257 -23.82 -15.05 25.18
CA THR E 257 -22.79 -15.63 26.04
C THR E 257 -22.71 -17.14 25.83
N LYS E 258 -21.52 -17.71 26.08
CA LYS E 258 -21.30 -19.14 25.93
C LYS E 258 -20.06 -19.57 26.71
N LEU E 259 -20.07 -20.81 27.20
CA LEU E 259 -18.95 -21.39 27.94
C LEU E 259 -17.98 -22.08 27.00
N ALA E 260 -16.68 -21.88 27.24
CA ALA E 260 -15.62 -22.47 26.43
C ALA E 260 -14.71 -23.34 27.30
N PHE E 261 -14.18 -24.41 26.71
CA PHE E 261 -13.36 -25.38 27.42
C PHE E 261 -11.93 -25.40 26.86
N TYR E 262 -10.95 -25.37 27.75
CA TYR E 262 -9.54 -25.53 27.41
C TYR E 262 -9.00 -26.74 28.16
N SER E 263 -8.42 -27.69 27.44
CA SER E 263 -7.87 -28.87 28.09
C SER E 263 -6.71 -28.53 29.01
N SER E 264 -6.02 -27.42 28.78
CA SER E 264 -4.88 -27.07 29.64
C SER E 264 -5.34 -26.57 31.01
N THR E 265 -6.45 -25.84 31.09
CA THR E 265 -6.81 -25.23 32.38
C THR E 265 -8.27 -25.34 32.80
N GLY E 266 -9.23 -25.52 31.92
CA GLY E 266 -10.60 -25.67 32.38
C GLY E 266 -11.62 -24.83 31.63
N TRP E 267 -12.74 -24.50 32.27
CA TRP E 267 -13.89 -23.82 31.66
C TRP E 267 -13.84 -22.31 31.90
N TYR E 268 -14.19 -21.53 30.87
CA TYR E 268 -14.18 -20.08 30.91
C TYR E 268 -15.48 -19.50 30.32
N ASN E 269 -15.91 -18.36 30.85
CA ASN E 269 -17.04 -17.62 30.29
C ASN E 269 -16.59 -16.71 29.14
N ARG E 270 -17.36 -16.70 28.05
CA ARG E 270 -17.06 -15.89 26.88
C ARG E 270 -18.28 -15.04 26.48
N LEU E 271 -18.05 -13.76 26.16
CA LEU E 271 -19.09 -12.83 25.75
C LEU E 271 -18.93 -12.45 24.28
N TYR E 272 -20.07 -12.23 23.59
CA TYR E 272 -20.09 -11.99 22.14
C TYR E 272 -20.87 -10.73 21.78
N ILE E 273 -20.39 -10.02 20.76
CA ILE E 273 -21.10 -8.91 20.12
C ILE E 273 -21.27 -9.26 18.64
N ASN E 274 -22.52 -9.34 18.17
CA ASN E 274 -22.85 -9.83 16.82
C ASN E 274 -23.49 -8.76 15.96
N PHE E 275 -23.20 -8.78 14.65
CA PHE E 275 -23.83 -7.88 13.67
C PHE E 275 -23.72 -8.48 12.26
N THR E 276 -24.48 -7.90 11.32
CA THR E 276 -24.65 -8.41 9.95
C THR E 276 -24.36 -7.32 8.91
N LEU E 277 -23.82 -7.72 7.75
CA LEU E 277 -23.45 -6.81 6.66
C LEU E 277 -24.13 -7.19 5.35
N ARG E 278 -24.54 -6.19 4.56
CA ARG E 278 -25.15 -6.37 3.24
C ARG E 278 -24.62 -5.32 2.25
N ARG E 279 -24.69 -5.66 0.96
CA ARG E 279 -24.24 -4.78 -0.13
C ARG E 279 -25.41 -4.02 -0.78
N HIS E 280 -25.06 -3.06 -1.64
CA HIS E 280 -26.04 -2.31 -2.44
C HIS E 280 -26.23 -3.02 -3.78
N ILE E 281 -27.36 -3.70 -3.95
CA ILE E 281 -27.53 -4.60 -5.09
C ILE E 281 -27.64 -3.83 -6.42
N PHE E 282 -28.35 -2.69 -6.42
CA PHE E 282 -28.65 -2.01 -7.68
C PHE E 282 -27.40 -1.49 -8.37
N PHE E 283 -26.41 -1.04 -7.60
CA PHE E 283 -25.14 -0.61 -8.19
C PHE E 283 -24.50 -1.76 -8.99
N PHE E 284 -24.47 -2.96 -8.41
CA PHE E 284 -23.85 -4.09 -9.11
C PHE E 284 -24.69 -4.53 -10.29
N LEU E 285 -26.02 -4.49 -10.18
CA LEU E 285 -26.86 -4.84 -11.32
C LEU E 285 -26.56 -3.93 -12.50
N LEU E 286 -26.57 -2.61 -12.26
CA LEU E 286 -26.33 -1.65 -13.33
C LEU E 286 -24.92 -1.77 -13.90
N GLN E 287 -23.92 -2.01 -13.04
CA GLN E 287 -22.54 -2.02 -13.51
C GLN E 287 -22.17 -3.31 -14.25
N THR E 288 -22.78 -4.44 -13.90
CA THR E 288 -22.34 -5.71 -14.48
C THR E 288 -23.40 -6.38 -15.34
N TYR E 289 -24.60 -6.61 -14.81
CA TYR E 289 -25.54 -7.46 -15.51
C TYR E 289 -26.14 -6.76 -16.74
N PHE E 290 -26.30 -5.44 -16.67
CA PHE E 290 -26.91 -4.66 -17.75
C PHE E 290 -26.11 -4.71 -19.05
N PRO E 291 -24.82 -4.34 -19.08
CA PRO E 291 -24.08 -4.36 -20.35
C PRO E 291 -23.99 -5.73 -21.01
N ALA E 292 -23.84 -6.80 -20.22
CA ALA E 292 -23.73 -8.13 -20.80
C ALA E 292 -25.02 -8.54 -21.51
N THR E 293 -26.17 -8.27 -20.88
CA THR E 293 -27.45 -8.53 -21.52
C THR E 293 -27.62 -7.71 -22.78
N LEU E 294 -27.19 -6.43 -22.74
CA LEU E 294 -27.29 -5.60 -23.94
C LEU E 294 -26.46 -6.14 -25.09
N MET E 295 -25.24 -6.62 -24.80
CA MET E 295 -24.41 -7.16 -25.87
C MET E 295 -24.96 -8.47 -26.43
N VAL E 296 -25.53 -9.32 -25.57
CA VAL E 296 -26.18 -10.53 -26.07
C VAL E 296 -27.35 -10.17 -26.99
N MET E 297 -28.15 -9.18 -26.61
CA MET E 297 -29.26 -8.76 -27.48
C MET E 297 -28.73 -8.16 -28.78
N LEU E 298 -27.61 -7.45 -28.73
CA LEU E 298 -27.03 -6.87 -29.94
C LEU E 298 -26.55 -7.95 -30.91
N SER E 299 -26.05 -9.08 -30.41
CA SER E 299 -25.60 -10.13 -31.31
C SER E 299 -26.73 -10.76 -32.11
N TRP E 300 -27.98 -10.58 -31.70
CA TRP E 300 -29.11 -11.17 -32.42
C TRP E 300 -29.52 -10.36 -33.65
N VAL E 301 -28.99 -9.16 -33.83
CA VAL E 301 -29.37 -8.30 -34.96
C VAL E 301 -28.96 -8.94 -36.28
N SER E 302 -27.83 -9.66 -36.29
CA SER E 302 -27.33 -10.26 -37.53
C SER E 302 -28.31 -11.24 -38.15
N PHE E 303 -29.24 -11.80 -37.37
CA PHE E 303 -30.18 -12.76 -37.93
C PHE E 303 -31.18 -12.12 -38.88
N TRP E 304 -31.32 -10.79 -38.85
CA TRP E 304 -32.25 -10.07 -39.71
C TRP E 304 -31.56 -9.37 -40.88
N ILE E 305 -30.26 -9.54 -41.06
CA ILE E 305 -29.49 -8.90 -42.12
C ILE E 305 -29.36 -9.85 -43.30
N ASP E 306 -29.39 -9.29 -44.51
CA ASP E 306 -29.27 -10.06 -45.75
C ASP E 306 -28.03 -10.94 -45.74
N ARG E 307 -28.22 -12.24 -46.00
CA ARG E 307 -27.12 -13.19 -45.96
C ARG E 307 -26.10 -12.98 -47.08
N ARG E 308 -26.44 -12.23 -48.11
CA ARG E 308 -25.50 -11.94 -49.19
C ARG E 308 -24.50 -10.86 -48.82
N ALA E 309 -24.73 -10.12 -47.74
CA ALA E 309 -23.82 -9.05 -47.30
C ALA E 309 -22.77 -9.62 -46.34
N VAL E 310 -21.86 -10.42 -46.90
CA VAL E 310 -20.78 -11.01 -46.09
C VAL E 310 -19.89 -9.96 -45.43
N PRO E 311 -19.40 -8.93 -46.14
CA PRO E 311 -18.54 -7.93 -45.49
C PRO E 311 -19.24 -7.11 -44.41
N ALA E 312 -20.55 -7.25 -44.25
CA ALA E 312 -21.26 -6.67 -43.12
C ALA E 312 -21.49 -7.67 -42.00
N ARG E 313 -21.81 -8.93 -42.34
CA ARG E 313 -22.13 -9.92 -41.31
C ARG E 313 -20.90 -10.34 -40.51
N VAL E 314 -19.76 -10.54 -41.17
CA VAL E 314 -18.59 -11.09 -40.44
C VAL E 314 -18.00 -10.10 -39.44
N PRO E 315 -17.65 -8.87 -39.84
CA PRO E 315 -17.04 -7.93 -38.87
C PRO E 315 -17.93 -7.65 -37.68
N LEU E 316 -19.25 -7.65 -37.86
CA LEU E 316 -20.15 -7.40 -36.75
C LEU E 316 -20.00 -8.45 -35.66
N GLY E 317 -19.99 -9.73 -36.04
CA GLY E 317 -19.81 -10.79 -35.05
C GLY E 317 -18.47 -10.72 -34.35
N ILE E 318 -17.39 -10.54 -35.12
CA ILE E 318 -16.07 -10.55 -34.46
C ILE E 318 -15.93 -9.34 -33.53
N THR E 319 -16.48 -8.19 -33.93
CA THR E 319 -16.39 -7.01 -33.06
C THR E 319 -17.23 -7.16 -31.81
N THR E 320 -18.38 -7.82 -31.91
CA THR E 320 -19.19 -8.10 -30.71
C THR E 320 -18.41 -8.98 -29.74
N VAL E 321 -17.70 -9.99 -30.25
CA VAL E 321 -16.86 -10.84 -29.38
C VAL E 321 -15.78 -9.99 -28.68
N LEU E 322 -15.12 -9.11 -29.44
CA LEU E 322 -14.09 -8.26 -28.83
C LEU E 322 -14.68 -7.36 -27.73
N THR E 323 -15.85 -6.78 -27.97
CA THR E 323 -16.47 -5.92 -26.98
C THR E 323 -16.81 -6.67 -25.69
N MET E 324 -17.38 -7.87 -25.83
CA MET E 324 -17.71 -8.66 -24.65
C MET E 324 -16.46 -9.03 -23.85
N SER E 325 -15.36 -9.36 -24.56
CA SER E 325 -14.11 -9.67 -23.88
C SER E 325 -13.59 -8.47 -23.08
N THR E 326 -13.64 -7.27 -23.66
CA THR E 326 -13.15 -6.10 -22.93
C THR E 326 -14.04 -5.81 -21.72
N ILE E 327 -15.34 -6.04 -21.83
CA ILE E 327 -16.23 -5.84 -20.68
C ILE E 327 -15.85 -6.80 -19.54
N ILE E 328 -15.64 -8.07 -19.87
CA ILE E 328 -15.31 -9.05 -18.81
C ILE E 328 -13.99 -8.71 -18.15
N THR E 329 -12.97 -8.33 -18.94
CA THR E 329 -11.69 -7.95 -18.34
C THR E 329 -11.85 -6.75 -17.40
N GLY E 330 -12.60 -5.73 -17.84
CA GLY E 330 -12.81 -4.59 -16.98
C GLY E 330 -13.53 -4.92 -15.69
N VAL E 331 -14.52 -5.81 -15.77
CA VAL E 331 -15.26 -6.20 -14.57
C VAL E 331 -14.34 -6.98 -13.61
N ASN E 332 -13.52 -7.88 -14.14
CA ASN E 332 -12.59 -8.60 -13.30
C ASN E 332 -11.63 -7.65 -12.59
N ALA E 333 -11.23 -6.57 -13.26
CA ALA E 333 -10.25 -5.68 -12.65
C ALA E 333 -10.80 -4.92 -11.44
N SER E 334 -12.11 -4.86 -11.24
CA SER E 334 -12.70 -4.00 -10.21
C SER E 334 -13.27 -4.76 -9.01
N MET E 335 -13.24 -6.07 -9.00
CA MET E 335 -13.75 -6.83 -7.87
C MET E 335 -12.60 -7.21 -6.93
N PRO E 336 -12.90 -7.54 -5.67
CA PRO E 336 -11.83 -7.99 -4.76
C PRO E 336 -11.19 -9.28 -5.27
N ARG E 337 -9.88 -9.39 -5.08
CA ARG E 337 -9.08 -10.46 -5.67
C ARG E 337 -9.29 -11.75 -4.87
N VAL E 338 -10.42 -12.40 -5.12
CA VAL E 338 -10.76 -13.69 -4.51
C VAL E 338 -10.77 -14.74 -5.63
N SER E 339 -9.92 -15.73 -5.49
CA SER E 339 -9.64 -16.68 -6.59
C SER E 339 -10.47 -17.95 -6.45
N TYR E 340 -11.79 -17.82 -6.55
CA TYR E 340 -12.66 -18.97 -6.76
C TYR E 340 -13.96 -18.48 -7.38
N ILE E 341 -14.77 -19.43 -7.85
CA ILE E 341 -15.89 -19.13 -8.74
C ILE E 341 -17.04 -18.49 -7.97
N LYS E 342 -17.54 -17.37 -8.49
CA LYS E 342 -18.68 -16.65 -7.96
C LYS E 342 -19.81 -16.58 -8.97
N ALA E 343 -21.00 -16.23 -8.48
CA ALA E 343 -22.22 -16.27 -9.31
C ALA E 343 -22.12 -15.35 -10.52
N VAL E 344 -21.56 -14.15 -10.34
CA VAL E 344 -21.46 -13.18 -11.44
C VAL E 344 -20.57 -13.70 -12.56
N ASP E 345 -19.54 -14.49 -12.23
CA ASP E 345 -18.68 -15.13 -13.23
C ASP E 345 -19.47 -16.12 -14.09
N ILE E 346 -20.36 -16.88 -13.46
CA ILE E 346 -21.20 -17.82 -14.20
C ILE E 346 -22.06 -17.08 -15.22
N TYR E 347 -22.71 -15.99 -14.79
CA TYR E 347 -23.54 -15.21 -15.70
C TYR E 347 -22.71 -14.67 -16.88
N LEU E 348 -21.54 -14.10 -16.59
CA LEU E 348 -20.73 -13.48 -17.65
C LEU E 348 -20.25 -14.51 -18.68
N TRP E 349 -19.78 -15.67 -18.22
CA TRP E 349 -19.24 -16.64 -19.16
C TRP E 349 -20.31 -17.35 -19.97
N VAL E 350 -21.51 -17.54 -19.41
CA VAL E 350 -22.63 -18.05 -20.22
C VAL E 350 -22.98 -17.05 -21.33
N SER E 351 -22.99 -15.75 -21.00
CA SER E 351 -23.27 -14.74 -22.02
C SER E 351 -22.22 -14.77 -23.13
N PHE E 352 -20.95 -14.95 -22.75
CA PHE E 352 -19.86 -15.04 -23.73
C PHE E 352 -20.07 -16.23 -24.67
N VAL E 353 -20.50 -17.37 -24.14
CA VAL E 353 -20.77 -18.54 -24.97
C VAL E 353 -21.89 -18.25 -25.97
N PHE E 354 -22.95 -17.57 -25.53
CA PHE E 354 -24.02 -17.20 -26.46
C PHE E 354 -23.49 -16.38 -27.63
N VAL E 355 -22.63 -15.40 -27.36
CA VAL E 355 -22.08 -14.56 -28.42
C VAL E 355 -21.22 -15.37 -29.40
N PHE E 356 -20.45 -16.32 -28.88
CA PHE E 356 -19.62 -17.20 -29.72
C PHE E 356 -20.49 -18.04 -30.66
N LEU E 357 -21.58 -18.62 -30.14
CA LEU E 357 -22.42 -19.46 -31.00
C LEU E 357 -23.08 -18.65 -32.14
N SER E 358 -23.37 -17.37 -31.90
CA SER E 358 -23.97 -16.53 -32.95
C SER E 358 -23.02 -16.36 -34.15
N VAL E 359 -21.72 -16.47 -33.93
CA VAL E 359 -20.81 -16.38 -35.06
C VAL E 359 -20.74 -17.71 -35.81
N LEU E 360 -20.73 -18.83 -35.07
CA LEU E 360 -20.72 -20.12 -35.74
C LEU E 360 -21.95 -20.29 -36.65
N GLU E 361 -23.09 -19.72 -36.25
CA GLU E 361 -24.31 -19.86 -37.05
C GLU E 361 -24.14 -19.28 -38.45
N TYR E 362 -23.58 -18.08 -38.56
CA TYR E 362 -23.42 -17.48 -39.88
C TYR E 362 -22.35 -18.19 -40.71
N ALA E 363 -21.31 -18.71 -40.06
CA ALA E 363 -20.32 -19.50 -40.79
C ALA E 363 -21.00 -20.66 -41.51
N ALA E 364 -21.88 -21.37 -40.81
CA ALA E 364 -22.58 -22.48 -41.44
C ALA E 364 -23.47 -22.02 -42.59
N VAL E 365 -24.18 -20.91 -42.41
CA VAL E 365 -25.08 -20.40 -43.45
C VAL E 365 -24.29 -20.05 -44.71
N ASN E 366 -23.17 -19.36 -44.55
CA ASN E 366 -22.40 -18.94 -45.72
C ASN E 366 -21.86 -20.15 -46.48
N TYR E 367 -21.35 -21.15 -45.77
CA TYR E 367 -20.83 -22.33 -46.46
C TYR E 367 -21.92 -23.04 -47.25
N LEU E 368 -23.10 -23.23 -46.66
CA LEU E 368 -24.16 -23.95 -47.36
C LEU E 368 -24.64 -23.19 -48.59
N THR E 369 -24.75 -21.87 -48.50
CA THR E 369 -25.17 -21.09 -49.66
C THR E 369 -24.16 -21.21 -50.80
N THR E 370 -22.87 -21.13 -50.48
CA THR E 370 -21.86 -21.26 -51.51
C THR E 370 -21.91 -22.63 -52.17
N VAL E 371 -22.12 -23.68 -51.38
CA VAL E 371 -22.22 -25.02 -51.94
C VAL E 371 -23.38 -25.11 -52.93
N GLN E 372 -24.52 -24.54 -52.55
CA GLN E 372 -25.69 -24.62 -53.43
C GLN E 372 -25.47 -23.87 -54.74
N GLU E 373 -24.87 -22.68 -54.67
CA GLU E 373 -24.64 -21.93 -55.89
C GLU E 373 -23.68 -22.65 -56.83
N ARG E 374 -22.60 -23.21 -56.26
CA ARG E 374 -21.65 -23.94 -57.10
C ARG E 374 -22.30 -25.14 -57.76
N LYS E 375 -23.13 -25.87 -57.00
CA LYS E 375 -23.82 -27.02 -57.57
C LYS E 375 -24.75 -26.62 -58.70
N GLU E 376 -25.49 -25.53 -58.52
CA GLU E 376 -26.44 -25.11 -59.55
C GLU E 376 -25.70 -24.71 -60.83
N GLN E 377 -24.61 -23.96 -60.71
CA GLN E 377 -23.88 -23.58 -61.91
C GLN E 377 -23.26 -24.79 -62.59
N ASP E 451 -34.53 -14.96 -50.79
CA ASP E 451 -35.26 -15.66 -49.73
C ASP E 451 -34.39 -15.83 -48.48
N THR E 452 -35.02 -16.15 -47.36
CA THR E 452 -34.33 -16.36 -46.10
C THR E 452 -34.01 -17.84 -45.91
N HIS E 453 -32.78 -18.12 -45.52
CA HIS E 453 -32.34 -19.48 -45.22
C HIS E 453 -33.04 -19.98 -43.95
N ALA E 454 -33.28 -21.30 -43.91
CA ALA E 454 -34.02 -21.89 -42.80
C ALA E 454 -33.32 -21.70 -41.46
N ILE E 455 -31.99 -21.70 -41.46
CA ILE E 455 -31.23 -21.58 -40.21
C ILE E 455 -31.48 -20.24 -39.55
N ASP E 456 -31.49 -19.15 -40.34
CA ASP E 456 -31.82 -17.84 -39.79
C ASP E 456 -33.23 -17.82 -39.21
N LYS E 457 -34.19 -18.42 -39.91
CA LYS E 457 -35.58 -18.43 -39.46
C LYS E 457 -35.72 -19.14 -38.12
N TYR E 458 -35.04 -20.27 -37.94
CA TYR E 458 -35.12 -20.96 -36.66
C TYR E 458 -34.34 -20.22 -35.56
N SER E 459 -33.18 -19.65 -35.90
CA SER E 459 -32.36 -18.97 -34.89
C SER E 459 -33.08 -17.76 -34.30
N ARG E 460 -33.82 -17.04 -35.15
CA ARG E 460 -34.56 -15.85 -34.70
C ARG E 460 -35.50 -16.18 -33.55
N ILE E 461 -35.97 -17.42 -33.46
CA ILE E 461 -36.83 -17.85 -32.38
C ILE E 461 -36.05 -18.53 -31.27
N ILE E 462 -35.12 -19.41 -31.64
CA ILE E 462 -34.50 -20.31 -30.67
C ILE E 462 -33.58 -19.56 -29.71
N PHE E 463 -32.78 -18.60 -30.22
CA PHE E 463 -31.80 -17.95 -29.33
C PHE E 463 -32.46 -17.21 -28.15
N PRO E 464 -33.42 -16.30 -28.37
CA PRO E 464 -34.03 -15.59 -27.22
C PRO E 464 -34.73 -16.50 -26.23
N ALA E 465 -35.39 -17.56 -26.69
CA ALA E 465 -36.10 -18.45 -25.78
C ALA E 465 -35.13 -19.18 -24.84
N ALA E 466 -34.00 -19.64 -25.38
CA ALA E 466 -32.98 -20.27 -24.55
C ALA E 466 -32.39 -19.29 -23.54
N TYR E 467 -32.16 -18.04 -23.96
CA TYR E 467 -31.61 -17.07 -23.02
C TYR E 467 -32.61 -16.76 -21.89
N ILE E 468 -33.90 -16.66 -22.23
CA ILE E 468 -34.93 -16.43 -21.21
C ILE E 468 -35.00 -17.59 -20.23
N LEU E 469 -34.92 -18.82 -20.73
CA LEU E 469 -34.95 -20.00 -19.86
C LEU E 469 -33.76 -20.01 -18.91
N PHE E 470 -32.57 -19.70 -19.43
CA PHE E 470 -31.39 -19.62 -18.58
C PHE E 470 -31.57 -18.58 -17.48
N ASN E 471 -32.13 -17.42 -17.83
CA ASN E 471 -32.36 -16.38 -16.82
C ASN E 471 -33.34 -16.85 -15.75
N LEU E 472 -34.41 -17.54 -16.15
CA LEU E 472 -35.37 -18.03 -15.16
C LEU E 472 -34.72 -19.00 -14.18
N ILE E 473 -33.92 -19.94 -14.69
CA ILE E 473 -33.27 -20.90 -13.82
C ILE E 473 -32.26 -20.21 -12.90
N TYR E 474 -31.45 -19.31 -13.47
CA TYR E 474 -30.43 -18.61 -12.69
C TYR E 474 -31.03 -17.82 -11.55
N TRP E 475 -32.06 -17.03 -11.83
CA TRP E 475 -32.63 -16.18 -10.79
C TRP E 475 -33.52 -16.96 -9.83
N SER E 476 -34.01 -18.14 -10.21
CA SER E 476 -34.66 -18.99 -9.21
C SER E 476 -33.65 -19.64 -8.29
N ILE E 477 -32.42 -19.89 -8.77
CA ILE E 477 -31.41 -20.49 -7.89
C ILE E 477 -30.79 -19.46 -6.96
N PHE E 478 -30.40 -18.30 -7.49
CA PHE E 478 -29.63 -17.33 -6.71
C PHE E 478 -30.47 -16.23 -6.10
N SER E 479 -31.80 -16.36 -6.14
CA SER E 479 -32.73 -15.38 -5.58
C SER E 479 -32.69 -14.05 -6.31
C1 A1IFA F . 26.65 -16.31 23.79
C2 A1IFA F . 25.53 -17.05 22.96
C3 A1IFA F . 25.85 -17.18 21.43
C4 A1IFA F . 24.73 -17.89 20.66
C7 A1IFA F . 23.72 -19.31 18.34
C8 A1IFA F . 22.33 -18.66 18.35
C9 A1IFA F . 21.21 -19.60 17.82
N10 A1IFA F . 20.95 -20.79 18.70
O11 A1IFA F . 26.35 -19.06 18.85
O6 A1IFA F . 25.08 -16.94 18.13
P5 A1IFA F . 25.09 -18.23 18.89
C1 NAG G . -3.87 -33.59 47.92
C2 NAG G . -2.56 -34.37 47.98
C3 NAG G . -2.35 -35.00 49.36
C4 NAG G . -2.51 -33.95 50.45
C5 NAG G . -3.85 -33.24 50.29
C6 NAG G . -4.05 -32.13 51.30
C7 NAG G . -1.76 -35.36 45.87
C8 NAG G . -1.86 -36.51 44.92
N2 NAG G . -2.53 -35.41 46.95
O3 NAG G . -1.04 -35.56 49.43
O4 NAG G . -2.46 -34.56 51.73
O5 NAG G . -3.92 -32.64 48.99
O6 NAG G . -5.39 -31.65 51.31
O7 NAG G . -1.00 -34.42 45.66
C1 NAG H . 3.53 -37.40 13.60
C2 NAG H . 4.93 -37.99 13.70
C3 NAG H . 5.72 -37.67 12.44
C4 NAG H . 4.97 -38.12 11.20
C5 NAG H . 3.56 -37.53 11.21
C6 NAG H . 2.69 -38.04 10.07
C7 NAG H . 5.59 -38.13 16.06
C8 NAG H . 6.34 -37.47 17.18
N2 NAG H . 5.62 -37.49 14.89
O3 NAG H . 6.99 -38.34 12.50
O4 NAG H . 5.63 -37.69 10.02
O5 NAG H . 2.88 -37.89 12.43
O6 NAG H . 3.34 -37.85 8.82
O7 NAG H . 4.98 -39.18 16.22
C1 HEX I . -1.30 -26.23 -43.86
C2 HEX I . -1.05 -25.72 -45.25
C3 HEX I . -0.38 -26.78 -46.12
C4 HEX I . -0.23 -26.26 -47.54
C5 HEX I . -0.62 -27.32 -48.55
C6 HEX I . 0.60 -28.00 -49.13
C1 HEX J . 1.22 -20.82 -42.59
C2 HEX J . 0.66 -21.42 -43.87
C3 HEX J . 1.19 -20.68 -45.09
C4 HEX J . 0.63 -21.32 -46.36
C5 HEX J . 1.71 -21.47 -47.43
C6 HEX J . 1.76 -22.90 -47.92
C1 HEX K . 8.88 -26.36 -20.37
C2 HEX K . 8.41 -27.56 -21.18
C3 HEX K . 7.02 -27.31 -21.76
C4 HEX K . 6.88 -27.98 -23.12
C5 HEX K . 5.59 -27.55 -23.81
C6 HEX K . 4.71 -28.75 -24.10
C1 OCT L . -7.83 -31.10 -25.24
C2 OCT L . -7.61 -31.91 -23.98
C3 OCT L . -6.90 -33.23 -24.26
C4 OCT L . -5.86 -33.52 -23.18
C5 OCT L . -6.51 -34.08 -21.93
C6 OCT L . -5.51 -34.81 -21.04
C7 OCT L . -4.86 -35.97 -21.80
C8 OCT L . -3.45 -36.24 -21.31
C1 D12 M . -10.32 -26.21 -22.31
C2 D12 M . -8.82 -26.38 -22.03
C3 D12 M . -8.62 -27.48 -20.99
C4 D12 M . -8.30 -28.82 -21.65
C5 D12 M . -7.63 -29.76 -20.65
C6 D12 M . -8.64 -30.20 -19.59
C7 D12 M . -8.05 -29.98 -18.19
C8 D12 M . -6.86 -30.91 -17.98
C9 D12 M . -6.26 -30.62 -16.61
C10 D12 M . -7.06 -31.33 -15.51
C11 D12 M . -6.31 -31.21 -14.19
C12 D12 M . -6.86 -32.24 -13.20
C1 D10 N . -13.24 -31.27 -44.12
C2 D10 N . -13.03 -32.52 -43.28
C3 D10 N . -13.51 -32.29 -41.85
C4 D10 N . -12.77 -31.12 -41.21
C5 D10 N . -12.45 -31.43 -39.74
C6 D10 N . -11.14 -32.22 -39.67
C7 D10 N . -10.77 -32.44 -38.21
C8 D10 N . -9.64 -33.46 -38.11
C9 D10 N . -9.64 -34.06 -36.70
C10 D10 N . -8.39 -34.92 -36.50
C1 D12 O . 5.78 -18.90 -28.32
C2 D12 O . 7.00 -19.76 -28.01
C3 D12 O . 6.92 -20.26 -26.58
C4 D12 O . 8.23 -20.96 -26.20
C5 D12 O . 8.28 -21.16 -24.70
C6 D12 O . 9.54 -21.92 -24.30
C7 D12 O . 9.49 -22.14 -22.79
C8 D12 O . 10.81 -22.74 -22.28
C9 D12 O . 10.91 -22.45 -20.78
C10 D12 O . 12.16 -23.11 -20.20
C11 D12 O . 12.81 -22.18 -19.18
C12 D12 O . 13.37 -20.95 -19.89
C1 D10 P . -19.37 -26.13 -42.08
C2 D10 P . -19.14 -24.92 -41.18
C3 D10 P . -17.71 -24.94 -40.65
C4 D10 P . -17.60 -23.97 -39.48
C5 D10 P . -16.15 -23.91 -38.99
C6 D10 P . -15.97 -24.82 -37.78
C7 D10 P . -14.59 -24.60 -37.18
C8 D10 P . -14.63 -24.95 -35.68
C9 D10 P . -15.03 -26.41 -35.52
C10 D10 P . -15.02 -26.77 -34.03
CL CL Q . -16.96 -3.78 -49.45
C1 D10 R . 3.88 -14.81 -50.92
C2 D10 R . 3.15 -14.46 -49.63
C3 D10 R . 3.86 -13.29 -48.93
C4 D10 R . 3.37 -13.20 -47.50
C5 D10 R . 4.00 -11.99 -46.81
C6 D10 R . 5.22 -12.44 -45.99
C7 D10 R . 5.72 -11.25 -45.16
C8 D10 R . 6.42 -11.79 -43.91
C9 D10 R . 7.61 -12.66 -44.33
C10 D10 R . 8.35 -13.14 -43.09
C1 A1IFA S . 31.35 13.03 19.94
C2 A1IFA S . 31.34 11.99 18.77
C3 A1IFA S . 31.16 12.64 17.36
C4 A1IFA S . 31.11 11.59 16.22
C7 A1IFA S . 31.32 10.82 13.44
C8 A1IFA S . 30.22 9.77 13.49
C9 A1IFA S . 30.47 8.58 12.51
N10 A1IFA S . 31.65 7.74 12.85
O11 A1IFA S . 32.26 13.16 14.37
O6 A1IFA S . 29.71 12.87 14.27
P5 A1IFA S . 31.07 12.27 14.53
C1 NAG T . 41.50 -26.59 31.82
C2 NAG T . 42.72 -25.65 31.76
C3 NAG T . 43.73 -26.02 32.85
C4 NAG T . 43.05 -26.11 34.22
C5 NAG T . 41.87 -27.06 34.14
C6 NAG T . 41.09 -27.16 35.44
C7 NAG T . 43.29 -24.68 29.58
C8 NAG T . 44.00 -24.90 28.28
N2 NAG T . 43.35 -25.69 30.46
O3 NAG T . 44.75 -25.02 32.90
O4 NAG T . 43.97 -26.59 35.19
O5 NAG T . 40.96 -26.60 33.13
O6 NAG T . 40.16 -28.22 35.43
O7 NAG T . 42.70 -23.63 29.83
C1 NAG U . 38.07 -12.10 -0.21
C2 NAG U . 39.16 -11.04 -0.13
C3 NAG U . 38.84 -9.88 -1.08
C4 NAG U . 38.59 -10.40 -2.49
C5 NAG U . 37.53 -11.49 -2.46
C6 NAG U . 37.31 -12.14 -3.81
C7 NAG U . 40.19 -11.10 2.09
C8 NAG U . 40.23 -10.50 3.46
N2 NAG U . 39.32 -10.56 1.23
O3 NAG U . 39.92 -8.96 -1.08
O4 NAG U . 38.13 -9.35 -3.32
O5 NAG U . 37.91 -12.54 -1.56
O6 NAG U . 37.05 -11.17 -4.82
O7 NAG U . 40.93 -12.03 1.77
C1 HEX V . 10.25 2.02 -49.98
C2 HEX V . 9.51 2.79 -51.05
C3 HEX V . 10.45 3.27 -52.13
C4 HEX V . 9.65 3.96 -53.23
C5 HEX V . 10.15 3.52 -54.60
C6 HEX V . 11.06 4.57 -55.21
C1 HEX W . 6.82 5.72 -46.52
C2 HEX W . 6.77 5.35 -47.99
C3 HEX W . 5.99 6.39 -48.79
C4 HEX W . 5.97 6.00 -50.26
C5 HEX W . 6.23 7.21 -51.15
C6 HEX W . 7.37 6.94 -52.11
C1 HEX X . 20.90 5.14 -26.91
C2 HEX X . 21.54 4.54 -28.14
C3 HEX X . 20.62 3.51 -28.79
C4 HEX X . 20.77 3.52 -30.30
C5 HEX X . 19.70 2.66 -30.96
C6 HEX X . 20.32 1.55 -31.78
C1 OCT Y . 17.23 -10.32 -35.43
C2 OCT Y . 18.38 -10.70 -34.51
C3 OCT Y . 19.73 -10.40 -35.15
C4 OCT Y . 20.69 -9.82 -34.11
C5 OCT Y . 21.29 -10.93 -33.24
C6 OCT Y . 22.56 -10.48 -32.55
C7 OCT Y . 23.62 -10.06 -33.57
C8 OCT Y . 24.54 -8.99 -33.02
C1 D12 Z . 12.80 -11.80 -31.32
C2 D12 Z . 13.60 -10.57 -30.91
C3 D12 Z . 14.94 -11.00 -30.31
C4 D12 Z . 16.05 -10.96 -31.37
C5 D12 Z . 17.42 -10.92 -30.69
C6 D12 Z . 17.71 -12.24 -30.00
C7 D12 Z . 18.13 -12.00 -28.54
C8 D12 Z . 19.47 -11.28 -28.51
C9 D12 Z . 19.83 -11.00 -27.06
C10 D12 Z . 20.46 -12.23 -26.41
C11 D12 Z . 21.02 -11.86 -25.04
C12 D12 Z . 21.98 -12.94 -24.57
C1 D10 AA . 9.98 -10.39 -53.68
C2 D10 AA . 11.40 -10.82 -53.32
C3 D10 AA . 11.41 -11.55 -51.98
C4 D10 AA . 10.84 -10.67 -50.87
C5 D10 AA . 11.65 -10.87 -49.59
C6 D10 AA . 12.87 -9.94 -49.61
C7 D10 AA . 13.62 -10.05 -48.29
C8 D10 AA . 14.98 -9.37 -48.40
C9 D10 AA . 15.91 -9.93 -47.32
C10 D10 AA . 17.20 -9.12 -47.27
C1 D12 BA . 10.92 6.76 -32.02
C2 D12 BA . 12.24 7.53 -31.87
C3 D12 BA . 13.04 6.92 -30.74
C4 D12 BA . 14.26 7.80 -30.46
C5 D12 BA . 14.88 7.38 -29.13
C6 D12 BA . 16.15 8.19 -28.86
C7 D12 BA . 16.76 7.69 -27.55
C8 D12 BA . 17.92 8.55 -27.10
C9 D12 BA . 18.14 8.35 -25.60
C10 D12 BA . 19.36 9.13 -25.14
C11 D12 BA . 19.08 9.75 -23.76
C12 D12 BA . 18.02 10.83 -23.91
C1 D10 CA . 0.25 12.22 -51.70
C2 D10 CA . 0.02 11.33 -50.47
C3 D10 CA . -0.55 12.17 -49.32
C4 D10 CA . -0.41 11.38 -48.03
C5 D10 CA . -1.03 12.17 -46.88
C6 D10 CA . 0.05 12.92 -46.11
C7 D10 CA . -0.55 13.53 -44.85
C8 D10 CA . 0.54 13.67 -43.79
C9 D10 CA . 1.64 14.59 -44.31
C10 D10 CA . 2.70 14.78 -43.24
C1 A1IFA DA . 5.95 27.29 27.55
C2 A1IFA DA . 6.53 27.27 26.09
C3 A1IFA DA . 5.50 27.66 24.99
C4 A1IFA DA . 6.08 27.61 23.57
C7 A1IFA DA . 6.05 28.31 20.76
C8 A1IFA DA . 6.60 26.96 20.27
C9 A1IFA DA . 7.45 27.10 18.97
N10 A1IFA DA . 8.74 27.84 19.17
O11 A1IFA DA . 4.58 29.62 22.59
O6 A1IFA DA . 3.88 27.22 22.02
P5 A1IFA DA . 4.98 28.21 22.24
C1 NAG EA . 48.13 21.62 25.83
C2 NAG EA . 47.72 23.03 26.30
C3 NAG EA . 48.74 23.57 27.33
C4 NAG EA . 48.96 22.56 28.44
C5 NAG EA . 49.34 21.20 27.86
C6 NAG EA . 49.50 20.12 28.91
C7 NAG EA . 46.46 24.42 24.72
C8 NAG EA . 46.55 25.35 23.54
N2 NAG EA . 47.62 23.94 25.17
O3 NAG EA . 48.25 24.77 27.87
O4 NAG EA . 50.01 22.99 29.30
O5 NAG EA . 48.30 20.77 26.96
O6 NAG EA . 50.11 18.96 28.38
O7 NAG EA . 45.39 24.13 25.24
C1 NAG FA . 24.95 31.22 0.97
C2 NAG FA . 24.43 32.52 1.58
C3 NAG FA . 23.03 32.82 1.08
C4 NAG FA . 22.99 32.80 -0.44
C5 NAG FA . 23.58 31.50 -0.97
C6 NAG FA . 23.68 31.47 -2.48
C7 NAG FA . 25.51 32.86 3.77
C8 NAG FA . 25.37 32.72 5.24
N2 NAG FA . 24.46 32.45 3.03
O3 NAG FA . 22.61 34.09 1.56
O4 NAG FA . 21.65 32.92 -0.91
O5 NAG FA . 24.90 31.31 -0.45
O6 NAG FA . 22.45 31.78 -3.09
O7 NAG FA . 26.51 33.35 3.25
C1 HEX GA . -11.95 23.01 -43.98
C2 HEX GA . -13.21 22.84 -44.80
C3 HEX GA . -13.59 24.14 -45.49
C4 HEX GA . -14.81 23.89 -46.38
C5 HEX GA . -14.63 24.57 -47.73
C6 HEX GA . -15.40 25.88 -47.77
C1 HEX HA . -15.52 20.06 -39.97
C2 HEX HA . -15.62 20.30 -41.46
C3 HEX HA . -17.05 20.10 -41.95
C4 HEX HA . -17.13 20.36 -43.45
C5 HEX HA . -18.37 21.18 -43.80
C6 HEX HA . -17.97 22.40 -44.62
C1 HEX IA . -4.23 27.65 -20.02
C2 HEX IA . -3.81 28.38 -21.28
C3 HEX IA . -3.42 27.39 -22.38
C4 HEX IA . -3.81 27.94 -23.75
C5 HEX IA . -3.62 26.87 -24.83
C6 HEX IA . -2.64 27.33 -25.88
C1 OCT JA . 5.68 21.90 -33.94
C2 OCT JA . 6.70 22.60 -33.08
C3 OCT JA . 6.75 24.09 -33.35
C4 OCT JA . 6.90 24.88 -32.04
C5 OCT JA . 8.33 24.85 -31.55
C6 OCT JA . 8.61 25.99 -30.57
C7 OCT JA . 8.33 27.34 -31.20
C8 OCT JA . 7.89 28.37 -30.17
C1 D12 KA . 6.51 16.31 -31.34
C2 D12 KA . 5.84 17.31 -30.41
C3 D12 KA . 6.88 18.25 -29.80
C4 D12 KA . 6.96 19.55 -30.60
C5 D12 KA . 7.62 20.64 -29.75
C6 D12 KA . 9.10 20.33 -29.55
C7 D12 KA . 9.45 20.41 -28.06
C8 D12 KA . 9.31 21.84 -27.57
C9 D12 KA . 9.61 21.88 -26.08
C10 D12 KA . 11.12 21.93 -25.84
C11 D12 KA . 11.39 22.18 -24.36
C12 D12 KA . 12.84 22.62 -24.17
C1 D10 LA . -2.12 20.02 -51.88
C2 D10 LA . -1.11 21.09 -51.48
C3 D10 LA . -0.08 20.54 -50.51
C4 D10 LA . -0.76 19.99 -49.26
C5 D10 LA . 0.08 20.33 -48.02
C6 D10 LA . -0.29 21.74 -47.54
C7 D10 LA . 0.45 22.05 -46.24
C8 D10 LA . 0.33 23.53 -45.90
C9 D10 LA . 1.47 23.93 -44.97
C10 D10 LA . 1.25 25.33 -44.44
C1 D12 MA . -10.81 20.32 -25.63
C2 D12 MA . -10.96 21.71 -25.02
C3 D12 MA . -9.79 21.98 -24.08
C4 D12 MA . -10.04 23.28 -23.33
C5 D12 MA . -9.07 23.37 -22.15
C6 D12 MA . -9.23 24.71 -21.43
C7 D12 MA . -8.19 24.77 -20.31
C8 D12 MA . -8.40 25.99 -19.42
C9 D12 MA . -7.72 25.73 -18.08
C10 D12 MA . -7.82 26.97 -17.19
C11 D12 MA . -8.09 26.53 -15.75
C12 D12 MA . -9.48 25.92 -15.64
CL CL NA . -16.10 -3.57 -46.79
C1 D10 OA . -25.17 17.33 -43.39
C2 D10 OA . -24.12 16.53 -42.62
C3 D10 OA . -24.74 15.97 -41.34
C4 D10 OA . -23.62 15.51 -40.41
C5 D10 OA . -24.22 14.87 -39.16
C6 D10 OA . -24.27 15.89 -38.02
C7 D10 OA . -24.67 15.19 -36.73
C8 D10 OA . -24.10 15.95 -35.54
C9 D10 OA . -24.65 17.38 -35.55
C10 D10 OA . -24.12 18.14 -34.32
C1 A1IFA PA . -14.15 6.81 35.99
C2 A1IFA PA . -14.31 7.72 34.71
C3 A1IFA PA . -15.37 7.19 33.70
C4 A1IFA PA . -15.49 8.07 32.45
C7 A1IFA PA . -16.88 9.01 30.09
C8 A1IFA PA . -15.63 9.21 29.23
C9 A1IFA PA . -15.77 10.36 28.21
N10 A1IFA PA . -15.86 11.73 28.83
O11 A1IFA PA . -18.11 7.63 32.05
O6 A1IFA PA . -16.43 6.35 30.56
P5 A1IFA PA . -16.82 7.62 31.28
C1 NAG QA . 6.88 43.76 38.37
C2 NAG QA . 5.61 43.74 39.24
C3 NAG QA . 5.82 44.55 40.53
C4 NAG QA . 7.11 44.13 41.23
C5 NAG QA . 8.28 44.20 40.26
C6 NAG QA . 9.58 43.72 40.87
C7 NAG QA . 3.46 43.45 38.10
C8 NAG QA . 2.35 44.14 37.35
N2 NAG QA . 4.46 44.23 38.51
O3 NAG QA . 4.73 44.36 41.40
O4 NAG QA . 7.36 45.01 42.33
O5 NAG QA . 8.01 43.35 39.14
O6 NAG QA . 10.70 44.03 40.06
O7 NAG QA . 3.44 42.24 38.32
C1 NAG RA . -17.51 32.34 15.52
C2 NAG RA . -18.68 32.14 16.47
C3 NAG RA . -19.64 31.09 15.91
C4 NAG RA . -20.06 31.45 14.49
C5 NAG RA . -18.83 31.70 13.63
C6 NAG RA . -19.18 32.19 12.24
C7 NAG RA . -17.97 32.64 18.76
C8 NAG RA . -17.47 32.09 20.05
N2 NAG RA . -18.22 31.75 17.79
O3 NAG RA . -20.79 31.00 16.75
O4 NAG RA . -20.81 30.40 13.91
O5 NAG RA . -18.00 32.70 14.23
O6 NAG RA . -20.11 31.32 11.61
O7 NAG RA . -18.14 33.85 18.60
C1 HEX SA . -37.21 7.99 -34.16
C2 HEX SA . -37.78 7.01 -35.16
C3 HEX SA . -39.27 7.25 -35.39
C4 HEX SA . -39.77 6.31 -36.47
C5 HEX SA . -40.68 7.04 -37.45
C6 HEX SA . -42.13 6.78 -37.14
C1 HEX TA . -34.92 2.74 -32.02
C2 HEX TA . -35.57 3.11 -33.32
C3 HEX TA . -36.10 1.88 -34.05
C4 HEX TA . -36.77 2.28 -35.35
C5 HEX TA . -38.07 1.53 -35.55
C6 HEX TA . -39.21 2.49 -35.82
C1 HEX UA . -31.62 10.20 -9.28
C2 HEX UA . -32.45 11.15 -10.13
C3 HEX UA . -31.74 11.48 -11.43
C4 HEX UA . -32.74 11.65 -12.57
C5 HEX UA . -32.04 11.76 -13.91
C6 HEX UA . -32.34 13.08 -14.59
C1 OCT VA . -26.55 21.01 -22.79
C2 OCT VA . -26.51 21.94 -21.59
C3 OCT VA . -27.89 22.54 -21.31
C4 OCT VA . -28.16 22.58 -19.81
C5 OCT VA . -27.44 23.75 -19.15
C6 OCT VA . -28.06 24.11 -17.80
C7 OCT VA . -29.53 24.46 -17.94
C8 OCT VA . -30.32 24.12 -16.69
C1 D12 WA . -20.59 19.28 -22.25
C2 D12 WA . -21.48 18.74 -21.13
C3 D12 WA . -21.73 19.84 -20.09
C4 D12 WA . -23.06 20.54 -20.35
C5 D12 WA . -23.53 21.27 -19.08
C6 D12 WA . -22.63 22.46 -18.80
C7 D12 WA . -22.14 22.41 -17.35
C8 D12 WA . -23.32 22.62 -16.41
C9 D12 WA . -22.82 22.51 -14.97
C10 D12 WA . -22.20 23.83 -14.52
C11 D12 WA . -21.91 23.76 -13.03
C12 D12 WA . -21.67 25.17 -12.48
C1 D10 XA . -32.92 18.03 -41.13
C2 D10 XA . -33.36 19.20 -40.24
C3 D10 XA . -32.20 19.70 -39.39
C4 D10 XA . -31.64 18.58 -38.52
C5 D10 XA . -31.27 19.12 -37.14
C6 D10 XA . -32.51 19.11 -36.25
C7 D10 XA . -32.13 19.54 -34.84
C8 D10 XA . -33.39 19.82 -34.02
C9 D10 XA . -33.03 20.75 -32.86
C10 D10 XA . -34.21 20.85 -31.89
C1 D12 YA . -29.32 3.32 -17.98
C2 D12 YA . -30.44 3.49 -16.97
C3 D12 YA . -29.96 4.37 -15.82
C4 D12 YA . -30.99 4.37 -14.70
C5 D12 YA . -30.37 4.98 -13.46
C6 D12 YA . -31.40 5.07 -12.33
C7 D12 YA . -30.74 5.74 -11.13
C8 D12 YA . -31.64 5.71 -9.91
C9 D12 YA . -30.78 5.89 -8.66
C10 D12 YA . -31.65 5.98 -7.41
C11 D12 YA . -30.97 5.21 -6.27
C12 D12 YA . -30.95 3.71 -6.60
C1 D10 ZA . -37.25 -6.00 -37.51
C2 D10 ZA . -35.93 -5.52 -36.93
C3 D10 ZA . -35.32 -6.60 -36.04
C4 D10 ZA . -34.23 -5.99 -35.18
C5 D10 ZA . -33.55 -7.06 -34.33
C6 D10 ZA . -34.14 -7.07 -32.93
C7 D10 ZA . -33.34 -8.02 -32.04
C8 D10 ZA . -33.45 -7.55 -30.59
C9 D10 ZA . -34.92 -7.60 -30.16
C10 D10 ZA . -35.03 -7.20 -28.69
C1 A1IFA AB . -1.31 -20.15 33.68
C2 A1IFA AB . -2.53 -19.69 32.79
C3 A1IFA AB . -2.75 -20.55 31.51
C4 A1IFA AB . -3.93 -20.06 30.66
C7 A1IFA AB . -5.95 -20.43 28.62
C8 A1IFA AB . -5.88 -19.00 28.07
C9 A1IFA AB . -7.24 -18.49 27.51
N10 A1IFA AB . -8.30 -18.31 28.57
O11 A1IFA AB . -4.64 -22.50 29.76
O6 A1IFA AB . -3.30 -20.97 28.18
P5 A1IFA AB . -4.36 -21.11 29.23
C1 NAG BB . -25.22 9.97 51.97
C2 NAG BB . -25.42 8.59 52.59
C3 NAG BB . -25.70 8.70 54.09
C4 NAG BB . -24.65 9.56 54.78
C5 NAG BB . -24.53 10.90 54.07
C6 NAG BB . -23.45 11.78 54.65
C7 NAG BB . -26.31 6.83 51.12
C8 NAG BB . -27.55 6.23 50.53
N2 NAG BB . -26.50 7.88 51.93
O3 NAG BB . -25.71 7.40 54.67
O4 NAG BB . -25.01 9.78 56.13
O5 NAG BB . -24.21 10.68 52.69
O6 NAG BB . -23.52 13.11 54.16
O7 NAG BB . -25.19 6.37 50.90
C1 NAG CB . -30.83 -9.92 23.33
C2 NAG CB . -30.83 -11.31 23.98
C3 NAG CB . -30.42 -12.36 22.95
C4 NAG CB . -31.29 -12.26 21.71
C5 NAG CB . -31.29 -10.84 21.17
C6 NAG CB . -32.24 -10.65 20.01
C7 NAG CB . -30.36 -11.09 26.38
C8 NAG CB . -29.31 -11.15 27.44
N2 NAG CB . -29.94 -11.35 25.13
O3 NAG CB . -30.54 -13.66 23.53
O4 NAG CB . -30.82 -13.13 20.69
O5 NAG CB . -31.69 -9.92 22.20
O6 NAG CB . -32.00 -11.60 18.99
O7 NAG CB . -31.53 -10.82 26.62
C1 HEX DB . -30.76 -22.59 -34.02
C2 HEX DB . -30.39 -23.16 -35.37
C3 HEX DB . -31.24 -24.39 -35.70
C4 HEX DB . -30.90 -24.86 -37.10
C5 HEX DB . -32.17 -25.20 -37.87
C6 HEX DB . -32.41 -26.69 -37.89
C1 HEX EB . -24.67 -22.70 -33.56
C2 HEX EB . -25.61 -22.84 -34.73
C3 HEX EB . -24.92 -23.51 -35.91
C4 HEX EB . -25.90 -23.66 -37.07
C5 HEX EB . -25.79 -25.04 -37.71
C6 HEX EB . -27.14 -25.71 -37.78
C1 HEX FB . -23.62 -23.28 -9.45
C2 HEX FB . -25.00 -23.51 -10.00
C3 HEX FB . -25.39 -22.42 -10.99
C4 HEX FB . -26.25 -22.99 -12.12
C5 HEX FB . -26.45 -21.97 -13.23
C6 HEX FB . -27.92 -21.66 -13.43
C1 OCT GB . -35.00 -11.75 -17.37
C2 OCT GB . -35.47 -11.74 -15.93
C3 OCT GB . -36.44 -12.89 -15.64
C4 OCT GB . -36.16 -13.51 -14.28
C5 OCT GB . -36.73 -12.65 -13.16
C6 OCT GB . -36.90 -13.46 -11.86
C7 OCT GB . -37.82 -14.66 -12.08
C8 OCT GB . -37.46 -15.81 -11.16
C1 D12 HB . -31.05 -6.98 -16.64
C2 D12 HB . -30.60 -8.26 -15.92
C3 D12 HB . -31.37 -8.42 -14.61
C4 D12 HB . -32.57 -9.34 -14.78
C5 D12 HB . -33.03 -9.87 -13.43
C6 D12 HB . -33.66 -8.75 -12.61
C7 D12 HB . -33.03 -8.70 -11.22
C8 D12 HB . -33.40 -9.96 -10.44
C9 D12 HB . -32.71 -9.91 -9.08
C10 D12 HB . -33.51 -9.05 -8.11
C11 D12 HB . -32.92 -9.19 -6.71
C12 D12 HB . -33.92 -8.68 -5.67
C1 D10 IB . -39.93 -13.73 -36.28
C2 D10 IB . -40.87 -14.00 -35.11
C3 D10 IB . -40.64 -13.00 -33.98
C4 D10 IB . -39.20 -13.07 -33.49
C5 D10 IB . -39.15 -12.91 -31.98
C6 D10 IB . -39.36 -14.29 -31.33
C7 D10 IB . -39.20 -14.17 -29.82
C8 D10 IB . -39.70 -15.45 -29.15
C9 D10 IB . -40.04 -15.14 -27.68
C10 D10 IB . -40.32 -16.43 -26.93
C1 D12 JB . -19.12 -21.05 -19.61
C2 D12 JB . -19.40 -22.29 -18.76
C3 D12 JB . -19.68 -21.87 -17.32
C4 D12 JB . -19.76 -23.10 -16.43
C5 D12 JB . -19.71 -22.67 -14.97
C6 D12 JB . -19.87 -23.88 -14.05
C7 D12 JB . -19.87 -23.37 -12.61
C8 D12 JB . -19.85 -24.53 -11.61
C9 D12 JB . -19.33 -24.01 -10.27
C10 D12 JB . -19.39 -25.11 -9.22
C11 D12 JB . -18.13 -25.02 -8.34
C12 D12 JB . -16.90 -25.39 -9.16
#